data_1JE1
#
_entry.id   1JE1
#
_cell.length_a   101.8
_cell.length_b   87.6
_cell.length_c   101.8
_cell.angle_alpha   90.0
_cell.angle_beta   119.99
_cell.angle_gamma   90.0
#
_symmetry.space_group_name_H-M   'P 1 21 1'
#
loop_
_entity.id
_entity.type
_entity.pdbx_description
1 polymer "5'-METHYLTHIOADENOSINE PHOSPHORYLASE"
2 non-polymer 'SULFATE ION'
3 non-polymer GUANOSINE
4 water water
#
_entity_poly.entity_id   1
_entity_poly.type   'polypeptide(L)'
_entity_poly.pdbx_seq_one_letter_code
;MNPVHILAKKGEVAERVLVVGDPGRARLLSTLLQNPKLTNENRGFLVYTGKYNGETVSIATHGIGGPSIAIVLEELAMLG
ANVFIRYGTTGALVPYINLGEYIIVTGASYNQGGLFYQYLRDNACVASTPDFELTNKLVTSFSKRNLKYYVGNVFSSDAF
YAEDEEFVKKWSSRGNIAVEMECATLFTLSKVKGWKSATVLVVSDNLAKGGIWITKEELEKSVMDGAKAVLDTLTS
;
_entity_poly.pdbx_strand_id   A,B,C,D,E,F
#
loop_
_chem_comp.id
_chem_comp.type
_chem_comp.name
_chem_comp.formula
GMP non-polymer GUANOSINE 'C10 H13 N5 O5'
SO4 non-polymer 'SULFATE ION' 'O4 S -2'
#
# COMPACT_ATOMS: atom_id res chain seq x y z
N PRO A 3 1.10 34.07 -5.52
CA PRO A 3 2.12 33.53 -4.59
C PRO A 3 2.06 34.22 -3.23
N VAL A 4 2.14 33.43 -2.17
CA VAL A 4 2.11 33.96 -0.81
C VAL A 4 3.40 33.75 -0.04
N HIS A 5 4.36 33.04 -0.65
CA HIS A 5 5.64 32.80 0.01
C HIS A 5 6.73 33.66 -0.62
N ILE A 6 6.84 33.58 -1.95
CA ILE A 6 7.81 34.38 -2.69
C ILE A 6 7.06 35.62 -3.16
N LEU A 7 7.34 36.75 -2.51
CA LEU A 7 6.68 38.00 -2.83
C LEU A 7 7.37 38.86 -3.89
N ALA A 8 8.05 38.20 -4.83
CA ALA A 8 8.73 38.93 -5.89
C ALA A 8 7.70 39.37 -6.92
N LYS A 9 7.92 40.54 -7.50
CA LYS A 9 7.01 41.06 -8.51
C LYS A 9 7.29 40.35 -9.83
N LYS A 10 6.25 40.11 -10.62
CA LYS A 10 6.44 39.44 -11.90
C LYS A 10 7.37 40.32 -12.72
N GLY A 11 8.35 39.70 -13.35
CA GLY A 11 9.31 40.45 -14.13
C GLY A 11 10.60 40.55 -13.35
N GLU A 12 10.54 40.19 -12.07
CA GLU A 12 11.71 40.22 -11.21
C GLU A 12 12.32 38.83 -11.06
N VAL A 13 11.65 37.82 -11.63
CA VAL A 13 12.13 36.44 -11.59
C VAL A 13 12.44 36.03 -13.03
N ALA A 14 13.64 35.51 -13.25
CA ALA A 14 14.06 35.09 -14.58
C ALA A 14 13.48 33.73 -14.98
N GLU A 15 13.51 33.43 -16.27
CA GLU A 15 13.01 32.16 -16.77
C GLU A 15 13.99 31.06 -16.36
N ARG A 16 15.27 31.43 -16.25
CA ARG A 16 16.35 30.50 -15.86
C ARG A 16 16.66 30.69 -14.38
N VAL A 17 16.56 29.63 -13.59
CA VAL A 17 16.80 29.75 -12.16
C VAL A 17 17.74 28.68 -11.58
N LEU A 18 18.69 29.12 -10.76
CA LEU A 18 19.61 28.21 -10.07
C LEU A 18 19.02 28.16 -8.67
N VAL A 19 18.55 26.97 -8.24
CA VAL A 19 17.96 26.86 -6.91
C VAL A 19 18.85 26.13 -5.91
N VAL A 20 18.95 26.69 -4.70
CA VAL A 20 19.77 26.11 -3.62
C VAL A 20 18.94 26.03 -2.34
N GLY A 21 19.29 25.09 -1.46
CA GLY A 21 18.51 24.96 -0.24
C GLY A 21 18.85 25.95 0.87
N ASP A 22 20.13 26.32 0.93
CA ASP A 22 20.66 27.21 1.95
C ASP A 22 20.64 28.68 1.54
N PRO A 23 19.93 29.53 2.30
CA PRO A 23 19.84 30.97 2.01
C PRO A 23 21.23 31.59 1.97
N GLY A 24 22.10 31.12 2.85
CA GLY A 24 23.47 31.61 2.89
C GLY A 24 24.20 31.37 1.58
N ARG A 25 23.93 30.23 0.95
CA ARG A 25 24.56 29.89 -0.33
C ARG A 25 24.03 30.81 -1.43
N ALA A 26 22.74 31.13 -1.38
CA ALA A 26 22.14 32.00 -2.38
C ALA A 26 22.81 33.38 -2.33
N ARG A 27 23.05 33.88 -1.12
CA ARG A 27 23.68 35.17 -0.96
C ARG A 27 25.12 35.13 -1.43
N LEU A 28 25.81 34.05 -1.11
CA LEU A 28 27.19 33.91 -1.51
C LEU A 28 27.30 33.82 -3.03
N LEU A 29 26.46 32.99 -3.64
CA LEU A 29 26.50 32.81 -5.08
C LEU A 29 26.01 34.01 -5.89
N SER A 30 25.26 34.91 -5.28
CA SER A 30 24.76 36.08 -6.00
C SER A 30 25.92 37.00 -6.39
N THR A 31 27.06 36.85 -5.73
CA THR A 31 28.23 37.68 -6.02
C THR A 31 28.86 37.29 -7.36
N LEU A 32 28.32 36.24 -7.99
CA LEU A 32 28.82 35.78 -9.29
C LEU A 32 28.02 36.40 -10.41
N LEU A 33 26.93 37.07 -10.07
CA LEU A 33 26.08 37.71 -11.07
C LEU A 33 26.48 39.18 -11.23
N GLN A 34 26.09 39.76 -12.36
CA GLN A 34 26.34 41.17 -12.63
C GLN A 34 25.12 41.94 -12.12
N ASN A 35 25.35 42.98 -11.32
CA ASN A 35 24.29 43.83 -10.77
C ASN A 35 23.14 43.06 -10.10
N PRO A 36 23.46 42.20 -9.12
CA PRO A 36 22.48 41.39 -8.39
C PRO A 36 21.52 42.22 -7.53
N LYS A 37 20.23 41.88 -7.59
CA LYS A 37 19.21 42.57 -6.80
C LYS A 37 18.41 41.53 -6.01
N LEU A 38 18.12 41.84 -4.74
CA LEU A 38 17.34 40.94 -3.89
C LEU A 38 15.86 41.18 -4.21
N THR A 39 15.21 40.19 -4.81
CA THR A 39 13.80 40.33 -5.17
C THR A 39 12.83 39.70 -4.18
N ASN A 40 13.35 39.00 -3.17
CA ASN A 40 12.52 38.39 -2.15
C ASN A 40 13.31 37.91 -0.95
N GLU A 41 12.72 38.05 0.24
CA GLU A 41 13.35 37.59 1.48
C GLU A 41 12.27 37.01 2.40
N ASN A 42 11.01 37.14 1.99
CA ASN A 42 9.89 36.62 2.78
C ASN A 42 10.07 35.14 3.16
N ARG A 43 9.79 34.83 4.42
CA ARG A 43 9.91 33.49 4.97
C ARG A 43 11.31 32.93 4.87
N GLY A 44 12.28 33.81 4.66
CA GLY A 44 13.67 33.39 4.57
C GLY A 44 14.09 32.87 3.20
N PHE A 45 13.17 32.83 2.25
CA PHE A 45 13.48 32.34 0.90
C PHE A 45 14.13 33.43 0.03
N LEU A 46 15.42 33.66 0.23
CA LEU A 46 16.12 34.68 -0.54
C LEU A 46 16.18 34.40 -2.03
N VAL A 47 15.77 35.39 -2.84
CA VAL A 47 15.83 35.24 -4.29
C VAL A 47 16.57 36.45 -4.88
N TYR A 48 17.60 36.19 -5.67
CA TYR A 48 18.38 37.27 -6.29
C TYR A 48 18.26 37.17 -7.81
N THR A 49 18.27 38.33 -8.47
CA THR A 49 18.18 38.33 -9.93
C THR A 49 19.23 39.27 -10.50
N GLY A 50 19.97 38.80 -11.50
CA GLY A 50 21.01 39.59 -12.14
C GLY A 50 21.33 39.01 -13.51
N LYS A 51 22.48 39.38 -14.07
CA LYS A 51 22.88 38.88 -15.38
C LYS A 51 24.15 38.05 -15.33
N TYR A 52 24.32 37.19 -16.33
CA TYR A 52 25.47 36.30 -16.44
C TYR A 52 25.56 35.83 -17.88
N ASN A 53 26.71 36.05 -18.52
CA ASN A 53 26.90 35.63 -19.91
C ASN A 53 25.81 36.17 -20.84
N GLY A 54 25.46 37.45 -20.65
CA GLY A 54 24.45 38.08 -21.48
C GLY A 54 23.03 37.57 -21.27
N GLU A 55 22.81 36.87 -20.16
CA GLU A 55 21.48 36.33 -19.88
C GLU A 55 21.01 36.73 -18.48
N THR A 56 19.69 36.86 -18.31
CA THR A 56 19.13 37.20 -17.00
C THR A 56 18.96 35.87 -16.27
N VAL A 57 19.37 35.83 -15.01
CA VAL A 57 19.26 34.61 -14.22
C VAL A 57 18.92 34.94 -12.76
N SER A 58 18.21 34.03 -12.11
CA SER A 58 17.85 34.23 -10.71
C SER A 58 18.45 33.07 -9.92
N ILE A 59 18.75 33.35 -8.66
CA ILE A 59 19.28 32.35 -7.74
C ILE A 59 18.28 32.35 -6.59
N ALA A 60 17.58 31.22 -6.39
CA ALA A 60 16.56 31.13 -5.36
C ALA A 60 16.80 30.05 -4.29
N THR A 61 16.35 30.34 -3.07
CA THR A 61 16.47 29.44 -1.92
C THR A 61 15.22 28.55 -1.85
N HIS A 62 15.40 27.24 -1.64
CA HIS A 62 14.23 26.36 -1.55
C HIS A 62 14.01 25.66 -0.22
N GLY A 63 14.90 25.89 0.75
CA GLY A 63 14.75 25.26 2.04
C GLY A 63 15.00 23.76 2.01
N ILE A 64 14.62 23.07 3.07
CA ILE A 64 14.84 21.63 3.16
C ILE A 64 13.60 20.77 2.99
N GLY A 65 13.68 19.76 2.13
CA GLY A 65 12.58 18.85 1.94
C GLY A 65 11.66 19.04 0.74
N GLY A 66 10.98 17.95 0.37
CA GLY A 66 10.08 18.00 -0.77
C GLY A 66 8.98 19.03 -0.65
N PRO A 67 8.25 19.06 0.47
CA PRO A 67 7.18 20.03 0.64
C PRO A 67 7.62 21.49 0.42
N SER A 68 8.78 21.84 0.95
CA SER A 68 9.32 23.20 0.83
C SER A 68 9.72 23.52 -0.62
N ILE A 69 10.51 22.66 -1.26
CA ILE A 69 10.90 22.94 -2.62
C ILE A 69 9.69 22.96 -3.58
N ALA A 70 8.69 22.11 -3.34
CA ALA A 70 7.51 22.10 -4.19
C ALA A 70 6.82 23.47 -4.20
N ILE A 71 6.69 24.08 -3.02
CA ILE A 71 6.06 25.40 -2.91
C ILE A 71 6.87 26.47 -3.64
N VAL A 72 8.18 26.46 -3.42
CA VAL A 72 9.06 27.45 -4.05
C VAL A 72 9.03 27.34 -5.58
N LEU A 73 9.13 26.11 -6.11
CA LEU A 73 9.11 25.92 -7.56
C LEU A 73 7.77 26.36 -8.16
N GLU A 74 6.66 25.97 -7.52
CA GLU A 74 5.34 26.36 -8.02
C GLU A 74 5.22 27.88 -8.12
N GLU A 75 5.67 28.59 -7.08
CA GLU A 75 5.57 30.05 -7.10
C GLU A 75 6.54 30.72 -8.06
N LEU A 76 7.75 30.19 -8.19
CA LEU A 76 8.71 30.77 -9.13
C LEU A 76 8.13 30.60 -10.54
N ALA A 77 7.53 29.43 -10.79
CA ALA A 77 6.92 29.15 -12.09
C ALA A 77 5.77 30.10 -12.39
N MET A 78 5.01 30.46 -11.36
CA MET A 78 3.89 31.38 -11.53
C MET A 78 4.41 32.76 -11.87
N LEU A 79 5.63 33.05 -11.46
CA LEU A 79 6.24 34.35 -11.74
C LEU A 79 7.04 34.34 -13.05
N GLY A 80 7.03 33.21 -13.77
CA GLY A 80 7.74 33.15 -15.04
C GLY A 80 8.83 32.12 -15.26
N ALA A 81 9.33 31.50 -14.20
CA ALA A 81 10.40 30.51 -14.34
C ALA A 81 9.96 29.20 -14.99
N ASN A 82 10.84 28.61 -15.80
CA ASN A 82 10.53 27.33 -16.44
C ASN A 82 11.75 26.42 -16.63
N VAL A 83 12.92 26.90 -16.23
CA VAL A 83 14.16 26.12 -16.31
C VAL A 83 14.81 26.20 -14.92
N PHE A 84 15.01 25.05 -14.29
CA PHE A 84 15.60 25.01 -12.95
C PHE A 84 16.75 24.04 -12.79
N ILE A 85 17.87 24.51 -12.27
CA ILE A 85 18.97 23.60 -11.99
C ILE A 85 19.26 23.70 -10.49
N ARG A 86 19.04 22.61 -9.77
CA ARG A 86 19.28 22.56 -8.34
C ARG A 86 20.78 22.30 -8.12
N TYR A 87 21.37 23.05 -7.20
CA TYR A 87 22.77 22.92 -6.87
C TYR A 87 22.82 22.75 -5.35
N GLY A 88 23.02 21.53 -4.88
CA GLY A 88 23.04 21.33 -3.45
C GLY A 88 24.23 20.55 -2.93
N THR A 89 24.07 20.00 -1.73
CA THR A 89 25.11 19.21 -1.09
C THR A 89 24.52 17.83 -0.89
N THR A 90 25.37 16.82 -0.72
CA THR A 90 24.89 15.46 -0.58
C THR A 90 25.86 14.57 0.17
N GLY A 91 25.36 13.43 0.64
CA GLY A 91 26.20 12.47 1.34
C GLY A 91 26.41 11.29 0.40
N ALA A 92 27.67 10.98 0.08
CA ALA A 92 27.97 9.86 -0.81
C ALA A 92 27.63 8.51 -0.19
N LEU A 93 27.10 7.60 -1.00
CA LEU A 93 26.72 6.26 -0.54
C LEU A 93 27.76 5.21 -0.95
N VAL A 94 28.79 5.64 -1.66
CA VAL A 94 29.86 4.75 -2.11
C VAL A 94 31.19 5.34 -1.64
N PRO A 95 32.16 4.47 -1.29
CA PRO A 95 33.47 4.92 -0.80
C PRO A 95 34.47 5.59 -1.76
N TYR A 96 34.34 5.37 -3.06
CA TYR A 96 35.29 5.96 -4.01
C TYR A 96 35.11 7.44 -4.36
N ILE A 97 34.01 8.03 -3.90
CA ILE A 97 33.77 9.45 -4.19
C ILE A 97 34.31 10.27 -3.03
N ASN A 98 35.16 11.26 -3.35
CA ASN A 98 35.77 12.09 -2.32
C ASN A 98 35.02 13.39 -2.02
N LEU A 99 35.26 13.93 -0.84
CA LEU A 99 34.61 15.17 -0.42
C LEU A 99 35.04 16.30 -1.33
N GLY A 100 34.09 17.15 -1.71
CA GLY A 100 34.41 18.27 -2.57
C GLY A 100 34.19 17.97 -4.05
N GLU A 101 34.03 16.69 -4.38
CA GLU A 101 33.80 16.30 -5.77
C GLU A 101 32.31 16.46 -6.06
N TYR A 102 31.91 16.31 -7.32
CA TYR A 102 30.52 16.51 -7.71
C TYR A 102 29.79 15.30 -8.25
N ILE A 103 28.46 15.35 -8.15
CA ILE A 103 27.62 14.29 -8.66
C ILE A 103 26.57 14.93 -9.56
N ILE A 104 26.53 14.52 -10.82
CA ILE A 104 25.54 15.03 -11.76
C ILE A 104 24.46 13.95 -11.74
N VAL A 105 23.26 14.35 -11.30
CA VAL A 105 22.14 13.44 -11.11
C VAL A 105 21.33 13.01 -12.33
N THR A 106 21.14 11.69 -12.46
CA THR A 106 20.42 11.15 -13.60
C THR A 106 19.06 10.56 -13.24
N GLY A 107 18.73 10.54 -11.96
CA GLY A 107 17.46 9.98 -11.54
C GLY A 107 17.38 10.00 -10.04
N ALA A 108 16.16 9.91 -9.50
CA ALA A 108 16.00 9.94 -8.05
C ALA A 108 15.09 8.85 -7.54
N SER A 109 15.57 8.09 -6.56
CA SER A 109 14.76 7.03 -5.96
C SER A 109 14.01 7.72 -4.82
N TYR A 110 12.87 7.16 -4.42
CA TYR A 110 12.09 7.77 -3.34
C TYR A 110 11.09 6.79 -2.77
N ASN A 111 10.61 7.06 -1.55
CA ASN A 111 9.59 6.23 -0.94
C ASN A 111 8.25 6.88 -1.31
N GLN A 112 7.26 6.06 -1.63
CA GLN A 112 5.93 6.56 -2.00
C GLN A 112 5.26 7.23 -0.82
N GLY A 113 4.21 7.99 -1.10
CA GLY A 113 3.50 8.64 -0.02
C GLY A 113 3.26 10.13 -0.18
N GLY A 114 2.83 10.73 0.92
CA GLY A 114 2.54 12.15 0.98
C GLY A 114 2.45 12.98 -0.29
N LEU A 115 3.44 13.83 -0.47
CA LEU A 115 3.51 14.73 -1.61
C LEU A 115 3.23 14.07 -2.95
N PHE A 116 3.87 12.93 -3.20
CA PHE A 116 3.69 12.22 -4.47
C PHE A 116 2.26 11.74 -4.68
N TYR A 117 1.63 11.25 -3.60
CA TYR A 117 0.24 10.78 -3.68
C TYR A 117 -0.70 11.95 -3.97
N GLN A 118 -0.47 13.09 -3.31
CA GLN A 118 -1.32 14.26 -3.50
C GLN A 118 -1.25 14.83 -4.92
N TYR A 119 -0.07 14.82 -5.51
CA TYR A 119 0.12 15.35 -6.86
C TYR A 119 -0.25 14.33 -7.96
N LEU A 120 0.14 13.07 -7.76
CA LEU A 120 -0.12 12.04 -8.77
C LEU A 120 -1.47 11.33 -8.63
N ARG A 121 -2.10 11.44 -7.46
CA ARG A 121 -3.41 10.84 -7.20
C ARG A 121 -3.40 9.32 -6.97
N ASP A 122 -2.22 8.70 -7.01
CA ASP A 122 -2.10 7.28 -6.72
C ASP A 122 -0.63 7.01 -6.38
N ASN A 123 -0.29 5.75 -6.10
CA ASN A 123 1.08 5.45 -5.72
C ASN A 123 1.98 4.86 -6.80
N ALA A 124 1.68 5.15 -8.06
CA ALA A 124 2.49 4.63 -9.16
C ALA A 124 3.91 5.21 -9.07
N CYS A 125 4.90 4.41 -9.47
CA CYS A 125 6.27 4.86 -9.46
C CYS A 125 6.60 5.53 -10.79
N VAL A 126 6.32 6.83 -10.86
CA VAL A 126 6.58 7.64 -12.04
C VAL A 126 8.08 7.86 -12.12
N ALA A 127 8.65 7.74 -13.32
CA ALA A 127 10.09 7.92 -13.50
C ALA A 127 10.52 9.34 -13.11
N SER A 128 11.31 9.46 -12.06
CA SER A 128 11.75 10.77 -11.59
C SER A 128 13.13 11.06 -12.17
N THR A 129 13.14 11.63 -13.37
CA THR A 129 14.40 11.93 -14.07
C THR A 129 14.47 13.38 -14.51
N PRO A 130 15.69 13.92 -14.67
CA PRO A 130 15.86 15.31 -15.10
C PRO A 130 15.75 15.40 -16.62
N ASP A 131 15.79 16.62 -17.14
CA ASP A 131 15.73 16.83 -18.58
C ASP A 131 17.00 16.25 -19.20
N PHE A 132 16.84 15.42 -20.21
CA PHE A 132 17.98 14.78 -20.86
C PHE A 132 19.02 15.76 -21.41
N GLU A 133 18.58 16.70 -22.25
CA GLU A 133 19.50 17.67 -22.84
C GLU A 133 20.23 18.53 -21.82
N LEU A 134 19.49 19.12 -20.89
CA LEU A 134 20.09 19.99 -19.88
C LEU A 134 21.13 19.26 -19.05
N THR A 135 20.88 17.98 -18.74
CA THR A 135 21.81 17.20 -17.96
C THR A 135 23.10 16.96 -18.75
N ASN A 136 22.99 16.70 -20.04
CA ASN A 136 24.18 16.50 -20.85
C ASN A 136 24.99 17.80 -20.95
N LYS A 137 24.31 18.94 -20.96
CA LYS A 137 24.99 20.23 -21.02
C LYS A 137 25.80 20.44 -19.74
N LEU A 138 25.27 19.96 -18.61
CA LEU A 138 25.98 20.08 -17.34
C LEU A 138 27.29 19.30 -17.41
N VAL A 139 27.22 18.07 -17.93
CA VAL A 139 28.40 17.23 -18.06
C VAL A 139 29.45 17.93 -18.92
N THR A 140 28.99 18.59 -19.97
CA THR A 140 29.88 19.31 -20.86
C THR A 140 30.55 20.47 -20.12
N SER A 141 29.77 21.24 -19.37
CA SER A 141 30.30 22.38 -18.63
C SER A 141 31.30 21.99 -17.53
N PHE A 142 31.01 20.92 -16.82
CA PHE A 142 31.89 20.46 -15.74
C PHE A 142 33.19 19.88 -16.28
N SER A 143 33.10 19.28 -17.46
CA SER A 143 34.29 18.70 -18.10
C SER A 143 35.17 19.84 -18.60
N LYS A 144 34.54 20.87 -19.15
CA LYS A 144 35.26 22.03 -19.66
C LYS A 144 36.12 22.68 -18.57
N ARG A 145 35.57 22.77 -17.37
CA ARG A 145 36.27 23.37 -16.23
C ARG A 145 37.14 22.39 -15.46
N ASN A 146 37.37 21.22 -16.06
CA ASN A 146 38.20 20.18 -15.46
C ASN A 146 37.85 19.87 -14.01
N LEU A 147 36.55 19.70 -13.75
CA LEU A 147 36.08 19.38 -12.41
C LEU A 147 35.79 17.88 -12.30
N LYS A 148 36.10 17.29 -11.15
CA LYS A 148 35.89 15.86 -10.92
C LYS A 148 34.44 15.56 -10.58
N TYR A 149 33.77 14.81 -11.45
CA TYR A 149 32.36 14.49 -11.23
C TYR A 149 32.02 13.03 -11.52
N TYR A 150 30.86 12.61 -11.03
CA TYR A 150 30.35 11.26 -11.24
C TYR A 150 28.89 11.44 -11.66
N VAL A 151 28.41 10.55 -12.51
CA VAL A 151 27.04 10.60 -12.98
C VAL A 151 26.28 9.39 -12.43
N GLY A 152 25.15 9.64 -11.76
CA GLY A 152 24.39 8.52 -11.22
C GLY A 152 23.11 8.91 -10.52
N ASN A 153 22.36 7.92 -10.04
CA ASN A 153 21.10 8.19 -9.33
C ASN A 153 21.32 8.49 -7.86
N VAL A 154 20.35 9.17 -7.25
CA VAL A 154 20.43 9.48 -5.83
C VAL A 154 19.11 9.11 -5.17
N PHE A 155 19.14 8.91 -3.86
CA PHE A 155 17.91 8.63 -3.13
C PHE A 155 17.51 9.92 -2.43
N SER A 156 16.26 10.34 -2.63
CA SER A 156 15.75 11.55 -2.00
C SER A 156 15.02 11.13 -0.74
N SER A 157 15.70 11.28 0.39
CA SER A 157 15.17 10.89 1.69
C SER A 157 14.31 12.01 2.30
N ASP A 158 13.35 11.63 3.13
CA ASP A 158 12.50 12.61 3.80
C ASP A 158 12.84 12.69 5.29
N ALA A 159 13.71 11.79 5.75
CA ALA A 159 14.09 11.73 7.15
C ALA A 159 15.60 11.64 7.36
N PHE A 160 16.24 12.80 7.45
CA PHE A 160 17.68 12.90 7.64
C PHE A 160 18.20 12.02 8.80
N TYR A 161 17.46 12.00 9.90
CA TYR A 161 17.89 11.25 11.07
C TYR A 161 17.45 9.80 11.19
N ALA A 162 17.20 9.17 10.04
CA ALA A 162 16.81 7.77 9.98
C ALA A 162 17.75 7.06 9.01
N GLU A 163 18.86 7.71 8.68
CA GLU A 163 19.83 7.15 7.73
C GLU A 163 20.99 6.42 8.40
N ASP A 164 20.71 5.21 8.90
CA ASP A 164 21.73 4.40 9.57
C ASP A 164 22.58 3.58 8.58
N GLU A 165 23.39 2.66 9.13
CA GLU A 165 24.26 1.82 8.30
C GLU A 165 23.51 0.86 7.39
N GLU A 166 22.41 0.31 7.91
CA GLU A 166 21.60 -0.62 7.13
C GLU A 166 21.11 0.15 5.91
N PHE A 167 20.77 1.41 6.15
CA PHE A 167 20.29 2.34 5.14
C PHE A 167 21.29 2.50 3.99
N VAL A 168 22.55 2.77 4.33
CA VAL A 168 23.59 2.96 3.33
C VAL A 168 23.82 1.78 2.39
N LYS A 169 23.93 0.58 2.93
CA LYS A 169 24.14 -0.58 2.05
C LYS A 169 22.90 -0.87 1.22
N LYS A 170 21.71 -0.61 1.79
CA LYS A 170 20.46 -0.86 1.07
C LYS A 170 20.35 -0.01 -0.19
N TRP A 171 20.56 1.30 -0.06
CA TRP A 171 20.45 2.18 -1.22
C TRP A 171 21.62 2.09 -2.19
N SER A 172 22.83 1.86 -1.70
CA SER A 172 23.96 1.74 -2.60
C SER A 172 23.78 0.46 -3.44
N SER A 173 23.15 -0.56 -2.85
CA SER A 173 22.92 -1.82 -3.56
C SER A 173 21.78 -1.68 -4.59
N ARG A 174 21.08 -0.56 -4.54
CA ARG A 174 19.98 -0.29 -5.48
C ARG A 174 20.42 0.69 -6.58
N GLY A 175 21.72 0.85 -6.75
CA GLY A 175 22.22 1.73 -7.79
C GLY A 175 22.24 3.22 -7.51
N ASN A 176 22.15 3.62 -6.25
CA ASN A 176 22.18 5.04 -5.89
C ASN A 176 23.56 5.35 -5.34
N ILE A 177 24.16 6.46 -5.76
CA ILE A 177 25.48 6.79 -5.28
C ILE A 177 25.55 7.90 -4.24
N ALA A 178 24.40 8.46 -3.87
CA ALA A 178 24.39 9.52 -2.87
C ALA A 178 22.97 9.73 -2.35
N VAL A 179 22.87 10.48 -1.26
CA VAL A 179 21.56 10.76 -0.66
C VAL A 179 21.38 12.25 -0.40
N GLU A 180 20.20 12.77 -0.73
CA GLU A 180 19.86 14.16 -0.49
C GLU A 180 18.35 14.16 -0.24
N MET A 181 17.69 15.31 -0.32
CA MET A 181 16.26 15.32 0.00
C MET A 181 15.26 15.98 -0.95
N GLU A 182 15.73 16.58 -2.04
CA GLU A 182 14.81 17.31 -2.93
C GLU A 182 14.70 16.92 -4.41
N CYS A 183 15.64 16.13 -4.92
CA CYS A 183 15.59 15.79 -6.35
C CYS A 183 14.34 15.09 -6.84
N ALA A 184 13.87 14.07 -6.12
CA ALA A 184 12.68 13.36 -6.56
C ALA A 184 11.49 14.32 -6.76
N THR A 185 11.33 15.25 -5.83
CA THR A 185 10.24 16.22 -5.93
C THR A 185 10.45 17.14 -7.12
N LEU A 186 11.67 17.62 -7.28
CA LEU A 186 11.98 18.51 -8.40
C LEU A 186 11.73 17.86 -9.76
N PHE A 187 12.28 16.66 -9.96
CA PHE A 187 12.13 15.96 -11.25
C PHE A 187 10.68 15.60 -11.58
N THR A 188 9.99 14.97 -10.64
CA THR A 188 8.61 14.57 -10.87
C THR A 188 7.68 15.75 -11.13
N LEU A 189 7.75 16.77 -10.29
CA LEU A 189 6.90 17.95 -10.48
C LEU A 189 7.21 18.63 -11.82
N SER A 190 8.48 18.62 -12.22
CA SER A 190 8.89 19.23 -13.48
C SER A 190 8.31 18.47 -14.67
N LYS A 191 8.25 17.14 -14.55
CA LYS A 191 7.72 16.31 -15.62
C LYS A 191 6.23 16.63 -15.79
N VAL A 192 5.54 16.76 -14.65
CA VAL A 192 4.11 17.07 -14.63
C VAL A 192 3.80 18.48 -15.11
N LYS A 193 4.55 19.46 -14.60
CA LYS A 193 4.34 20.87 -14.94
C LYS A 193 4.98 21.34 -16.25
N GLY A 194 5.80 20.48 -16.85
CA GLY A 194 6.44 20.86 -18.09
C GLY A 194 7.63 21.79 -17.95
N TRP A 195 8.39 21.67 -16.85
CA TRP A 195 9.56 22.50 -16.63
C TRP A 195 10.81 21.68 -17.01
N LYS A 196 11.90 22.36 -17.35
CA LYS A 196 13.16 21.68 -17.68
C LYS A 196 14.07 21.78 -16.47
N SER A 197 14.39 20.64 -15.85
CA SER A 197 15.22 20.64 -14.66
C SER A 197 16.40 19.67 -14.66
N ALA A 198 17.38 19.95 -13.79
CA ALA A 198 18.57 19.12 -13.65
C ALA A 198 19.14 19.36 -12.25
N THR A 199 20.19 18.61 -11.89
CA THR A 199 20.78 18.79 -10.57
C THR A 199 22.25 18.39 -10.50
N VAL A 200 23.04 19.18 -9.79
CA VAL A 200 24.43 18.88 -9.55
C VAL A 200 24.59 19.00 -8.04
N LEU A 201 25.31 18.07 -7.43
CA LEU A 201 25.50 18.08 -5.98
C LEU A 201 26.97 18.10 -5.56
N VAL A 202 27.26 18.80 -4.48
CA VAL A 202 28.61 18.86 -3.93
C VAL A 202 28.65 17.87 -2.78
N VAL A 203 29.60 16.93 -2.83
CA VAL A 203 29.72 15.92 -1.78
C VAL A 203 30.35 16.52 -0.53
N SER A 204 29.55 16.60 0.53
CA SER A 204 30.02 17.18 1.79
C SER A 204 30.27 16.13 2.87
N ASP A 205 29.92 14.89 2.59
CA ASP A 205 30.12 13.79 3.53
C ASP A 205 30.07 12.47 2.77
N ASN A 206 30.68 11.44 3.35
CA ASN A 206 30.67 10.12 2.72
C ASN A 206 30.20 9.12 3.78
N LEU A 207 29.00 8.59 3.59
CA LEU A 207 28.40 7.65 4.53
C LEU A 207 28.99 6.25 4.52
N ALA A 208 29.70 5.92 3.44
CA ALA A 208 30.31 4.61 3.31
C ALA A 208 31.74 4.59 3.84
N LYS A 209 32.39 5.74 3.80
CA LYS A 209 33.77 5.88 4.24
C LYS A 209 33.83 6.92 5.36
N ILE A 212 37.80 10.47 6.21
CA ILE A 212 38.09 11.67 5.37
C ILE A 212 37.37 12.90 5.89
N TRP A 213 38.04 14.05 5.80
CA TRP A 213 37.47 15.31 6.27
C TRP A 213 37.74 16.44 5.29
N ILE A 214 36.84 17.43 5.28
CA ILE A 214 36.98 18.58 4.40
C ILE A 214 36.94 19.83 5.28
N THR A 215 37.95 20.68 5.14
CA THR A 215 38.03 21.91 5.92
C THR A 215 36.74 22.72 5.82
N LYS A 216 36.78 23.74 4.98
CA LYS A 216 35.64 24.61 4.74
C LYS A 216 36.10 25.59 3.66
N GLU A 217 37.41 25.83 3.63
CA GLU A 217 37.99 26.73 2.64
C GLU A 217 38.10 25.94 1.35
N GLU A 218 38.32 24.64 1.48
CA GLU A 218 38.42 23.75 0.32
C GLU A 218 36.99 23.46 -0.14
N LEU A 219 36.07 23.49 0.81
CA LEU A 219 34.66 23.23 0.53
C LEU A 219 34.00 24.43 -0.15
N GLU A 220 34.34 25.63 0.33
CA GLU A 220 33.79 26.85 -0.25
C GLU A 220 34.28 26.98 -1.68
N LYS A 221 35.54 26.58 -1.90
CA LYS A 221 36.12 26.65 -3.23
C LYS A 221 35.39 25.69 -4.15
N SER A 222 35.09 24.49 -3.63
CA SER A 222 34.36 23.49 -4.40
C SER A 222 33.00 24.03 -4.80
N VAL A 223 32.31 24.62 -3.85
CA VAL A 223 30.99 25.19 -4.11
C VAL A 223 31.07 26.27 -5.17
N MET A 224 32.04 27.17 -5.03
CA MET A 224 32.21 28.25 -5.99
C MET A 224 32.54 27.75 -7.40
N ASP A 225 33.48 26.81 -7.50
CA ASP A 225 33.83 26.29 -8.83
C ASP A 225 32.64 25.62 -9.51
N GLY A 226 31.88 24.83 -8.76
CA GLY A 226 30.73 24.17 -9.33
C GLY A 226 29.64 25.14 -9.76
N ALA A 227 29.47 26.21 -8.99
CA ALA A 227 28.45 27.20 -9.29
C ALA A 227 28.71 27.87 -10.63
N LYS A 228 29.97 28.15 -10.93
CA LYS A 228 30.32 28.80 -12.20
C LYS A 228 29.96 27.87 -13.36
N ALA A 229 30.20 26.58 -13.19
CA ALA A 229 29.88 25.62 -14.23
C ALA A 229 28.35 25.55 -14.42
N VAL A 230 27.61 25.65 -13.32
CA VAL A 230 26.15 25.60 -13.39
C VAL A 230 25.61 26.83 -14.12
N LEU A 231 26.12 28.01 -13.76
CA LEU A 231 25.69 29.24 -14.40
C LEU A 231 26.04 29.24 -15.89
N ASP A 232 27.16 28.64 -16.24
CA ASP A 232 27.55 28.54 -17.65
C ASP A 232 26.48 27.75 -18.38
N THR A 233 26.05 26.65 -17.78
CA THR A 233 25.04 25.79 -18.37
C THR A 233 23.68 26.49 -18.48
N LEU A 234 23.27 27.15 -17.42
CA LEU A 234 21.98 27.86 -17.41
C LEU A 234 21.87 28.93 -18.48
N THR A 235 22.98 29.58 -18.81
CA THR A 235 22.98 30.65 -19.79
C THR A 235 23.44 30.26 -21.19
N SER A 236 23.59 28.95 -21.42
CA SER A 236 24.02 28.45 -22.72
C SER A 236 22.89 28.48 -23.74
N ASN B 2 -8.78 -6.46 -33.35
CA ASN B 2 -8.01 -7.56 -34.02
C ASN B 2 -6.75 -7.94 -33.24
N PRO B 3 -6.63 -9.22 -32.84
CA PRO B 3 -5.46 -9.69 -32.09
C PRO B 3 -4.14 -9.38 -32.81
N VAL B 4 -3.12 -8.99 -32.05
CA VAL B 4 -1.82 -8.67 -32.64
C VAL B 4 -0.72 -9.65 -32.26
N HIS B 5 -1.06 -10.66 -31.46
CA HIS B 5 -0.08 -11.67 -31.06
C HIS B 5 -0.47 -13.02 -31.64
N ILE B 6 -1.71 -13.44 -31.40
CA ILE B 6 -2.21 -14.69 -31.95
C ILE B 6 -2.89 -14.32 -33.27
N LEU B 7 -2.26 -14.67 -34.39
CA LEU B 7 -2.80 -14.31 -35.70
C LEU B 7 -3.68 -15.38 -36.36
N ALA B 8 -4.22 -16.28 -35.56
CA ALA B 8 -5.09 -17.33 -36.09
C ALA B 8 -6.41 -16.74 -36.56
N LYS B 9 -6.92 -17.26 -37.67
CA LYS B 9 -8.19 -16.78 -38.20
C LYS B 9 -9.34 -17.27 -37.32
N LYS B 10 -10.39 -16.46 -37.19
CA LYS B 10 -11.53 -16.85 -36.39
C LYS B 10 -12.07 -18.16 -36.95
N GLY B 11 -12.39 -19.10 -36.05
CA GLY B 11 -12.88 -20.39 -36.49
C GLY B 11 -11.74 -21.40 -36.42
N GLU B 12 -10.52 -20.90 -36.33
CA GLU B 12 -9.33 -21.75 -36.24
C GLU B 12 -8.93 -22.00 -34.79
N VAL B 13 -9.66 -21.39 -33.86
CA VAL B 13 -9.41 -21.56 -32.43
C VAL B 13 -10.67 -22.15 -31.81
N ALA B 14 -10.53 -23.25 -31.07
CA ALA B 14 -11.67 -23.91 -30.46
C ALA B 14 -12.16 -23.19 -29.20
N GLU B 15 -13.38 -23.52 -28.77
CA GLU B 15 -13.95 -22.93 -27.56
C GLU B 15 -13.22 -23.52 -26.35
N ARG B 16 -12.73 -24.75 -26.51
CA ARG B 16 -12.00 -25.46 -25.46
C ARG B 16 -10.52 -25.43 -25.78
N VAL B 17 -9.72 -24.94 -24.83
CA VAL B 17 -8.28 -24.83 -25.04
C VAL B 17 -7.42 -25.33 -23.88
N LEU B 18 -6.40 -26.12 -24.21
CA LEU B 18 -5.44 -26.62 -23.24
C LEU B 18 -4.25 -25.67 -23.47
N VAL B 19 -3.87 -24.91 -22.44
CA VAL B 19 -2.77 -23.98 -22.58
C VAL B 19 -1.53 -24.41 -21.81
N VAL B 20 -0.37 -24.27 -22.44
CA VAL B 20 0.91 -24.64 -21.84
C VAL B 20 1.90 -23.51 -22.01
N GLY B 21 2.89 -23.42 -21.13
CA GLY B 21 3.86 -22.35 -21.23
C GLY B 21 4.93 -22.56 -22.28
N ASP B 22 5.40 -23.79 -22.39
CA ASP B 22 6.47 -24.17 -23.31
C ASP B 22 5.98 -24.55 -24.71
N PRO B 23 6.45 -23.82 -25.73
CA PRO B 23 6.08 -24.05 -27.14
C PRO B 23 6.42 -25.49 -27.53
N GLY B 24 7.52 -25.99 -26.97
CA GLY B 24 7.96 -27.35 -27.25
C GLY B 24 6.95 -28.37 -26.77
N ARG B 25 6.33 -28.10 -25.63
CA ARG B 25 5.33 -28.99 -25.07
C ARG B 25 4.07 -28.95 -25.91
N ALA B 26 3.73 -27.76 -26.41
CA ALA B 26 2.53 -27.62 -27.25
C ALA B 26 2.71 -28.50 -28.50
N ARG B 27 3.90 -28.45 -29.08
CA ARG B 27 4.20 -29.24 -30.27
C ARG B 27 4.06 -30.74 -29.99
N LEU B 28 4.66 -31.18 -28.89
CA LEU B 28 4.64 -32.58 -28.50
C LEU B 28 3.23 -33.10 -28.19
N LEU B 29 2.45 -32.30 -27.47
CA LEU B 29 1.10 -32.72 -27.11
C LEU B 29 0.12 -32.70 -28.29
N SER B 30 0.44 -31.97 -29.34
CA SER B 30 -0.44 -31.90 -30.49
C SER B 30 -0.63 -33.27 -31.13
N THR B 31 0.32 -34.17 -30.89
CA THR B 31 0.25 -35.52 -31.46
C THR B 31 -0.84 -36.37 -30.82
N LEU B 32 -1.47 -35.83 -29.78
CA LEU B 32 -2.54 -36.51 -29.08
C LEU B 32 -3.88 -36.16 -29.72
N LEU B 33 -3.86 -35.16 -30.59
CA LEU B 33 -5.08 -34.73 -31.28
C LEU B 33 -5.23 -35.47 -32.61
N GLN B 34 -6.45 -35.48 -33.14
CA GLN B 34 -6.71 -36.09 -34.44
C GLN B 34 -6.60 -34.98 -35.48
N ASN B 35 -5.86 -35.23 -36.55
CA ASN B 35 -5.72 -34.26 -37.64
C ASN B 35 -5.30 -32.85 -37.18
N PRO B 36 -4.24 -32.75 -36.36
CA PRO B 36 -3.71 -31.49 -35.85
C PRO B 36 -3.24 -30.51 -36.92
N LYS B 37 -3.61 -29.24 -36.77
CA LYS B 37 -3.20 -28.18 -37.69
C LYS B 37 -2.59 -27.02 -36.91
N LEU B 38 -1.44 -26.53 -37.35
CA LEU B 38 -0.78 -25.40 -36.69
C LEU B 38 -1.49 -24.13 -37.16
N THR B 39 -2.23 -23.48 -36.27
CA THR B 39 -2.97 -22.28 -36.62
C THR B 39 -2.27 -20.94 -36.30
N ASN B 40 -1.17 -20.99 -35.56
CA ASN B 40 -0.41 -19.78 -35.25
C ASN B 40 1.04 -20.08 -34.86
N GLU B 41 1.94 -19.19 -35.27
CA GLU B 41 3.36 -19.32 -34.97
C GLU B 41 3.92 -17.96 -34.52
N ASN B 42 3.17 -16.90 -34.78
CA ASN B 42 3.61 -15.55 -34.44
C ASN B 42 4.10 -15.37 -33.01
N ARG B 43 5.25 -14.69 -32.90
CA ARG B 43 5.88 -14.42 -31.61
C ARG B 43 6.22 -15.67 -30.81
N GLY B 44 6.25 -16.81 -31.50
CA GLY B 44 6.57 -18.06 -30.85
C GLY B 44 5.41 -18.74 -30.15
N PHE B 45 4.25 -18.10 -30.15
CA PHE B 45 3.06 -18.65 -29.50
C PHE B 45 2.36 -19.70 -30.35
N LEU B 46 2.93 -20.90 -30.40
CA LEU B 46 2.37 -21.98 -31.19
C LEU B 46 0.96 -22.37 -30.73
N VAL B 47 0.06 -22.51 -31.70
CA VAL B 47 -1.32 -22.90 -31.42
C VAL B 47 -1.75 -23.98 -32.41
N TYR B 48 -2.17 -25.14 -31.89
CA TYR B 48 -2.64 -26.23 -32.73
C TYR B 48 -4.13 -26.47 -32.49
N THR B 49 -4.86 -26.83 -33.52
CA THR B 49 -6.28 -27.11 -33.37
C THR B 49 -6.60 -28.43 -34.05
N GLY B 50 -7.36 -29.26 -33.37
CA GLY B 50 -7.72 -30.56 -33.94
C GLY B 50 -8.93 -31.11 -33.23
N LYS B 51 -9.10 -32.42 -33.25
CA LYS B 51 -10.23 -33.06 -32.59
C LYS B 51 -9.77 -34.09 -31.58
N TYR B 52 -10.65 -34.38 -30.62
CA TYR B 52 -10.38 -35.34 -29.56
C TYR B 52 -11.73 -35.74 -28.97
N ASN B 53 -11.97 -37.04 -28.84
CA ASN B 53 -13.24 -37.54 -28.30
C ASN B 53 -14.49 -36.84 -28.82
N GLY B 54 -14.57 -36.70 -30.14
CA GLY B 54 -15.72 -36.08 -30.77
C GLY B 54 -15.92 -34.59 -30.52
N GLU B 55 -14.82 -33.88 -30.27
CA GLU B 55 -14.92 -32.46 -30.02
C GLU B 55 -13.71 -31.72 -30.59
N THR B 56 -13.91 -30.46 -30.99
CA THR B 56 -12.81 -29.66 -31.52
C THR B 56 -12.09 -29.08 -30.31
N VAL B 57 -10.76 -29.13 -30.34
CA VAL B 57 -9.94 -28.63 -29.24
C VAL B 57 -8.67 -27.98 -29.76
N SER B 58 -8.17 -26.99 -29.02
CA SER B 58 -6.93 -26.30 -29.38
C SER B 58 -5.90 -26.40 -28.25
N ILE B 59 -4.62 -26.42 -28.63
CA ILE B 59 -3.54 -26.45 -27.66
C ILE B 59 -2.74 -25.18 -27.95
N ALA B 60 -2.63 -24.31 -26.95
CA ALA B 60 -1.95 -23.03 -27.11
C ALA B 60 -0.80 -22.75 -26.14
N THR B 61 0.21 -22.04 -26.64
CA THR B 61 1.40 -21.65 -25.87
C THR B 61 1.13 -20.29 -25.20
N HIS B 62 1.42 -20.16 -23.92
CA HIS B 62 1.20 -18.87 -23.27
C HIS B 62 2.45 -18.15 -22.78
N GLY B 63 3.61 -18.80 -22.92
CA GLY B 63 4.85 -18.17 -22.49
C GLY B 63 5.00 -18.18 -20.99
N ILE B 64 5.92 -17.37 -20.47
CA ILE B 64 6.16 -17.30 -19.03
C ILE B 64 5.70 -16.00 -18.38
N GLY B 65 4.97 -16.12 -17.28
CA GLY B 65 4.53 -14.92 -16.56
C GLY B 65 3.12 -14.42 -16.79
N GLY B 66 2.59 -13.74 -15.77
CA GLY B 66 1.24 -13.21 -15.85
C GLY B 66 0.99 -12.29 -17.03
N PRO B 67 1.88 -11.32 -17.29
CA PRO B 67 1.65 -10.42 -18.43
C PRO B 67 1.55 -11.17 -19.76
N SER B 68 2.36 -12.21 -19.92
CA SER B 68 2.34 -13.00 -21.16
C SER B 68 1.06 -13.82 -21.30
N ILE B 69 0.69 -14.57 -20.25
CA ILE B 69 -0.52 -15.36 -20.35
C ILE B 69 -1.77 -14.48 -20.46
N ALA B 70 -1.75 -13.30 -19.84
CA ALA B 70 -2.91 -12.42 -19.93
C ALA B 70 -3.21 -12.08 -21.39
N ILE B 71 -2.17 -11.67 -22.13
CA ILE B 71 -2.30 -11.33 -23.54
C ILE B 71 -2.84 -12.51 -24.35
N VAL B 72 -2.25 -13.69 -24.14
CA VAL B 72 -2.68 -14.87 -24.88
C VAL B 72 -4.14 -15.23 -24.61
N LEU B 73 -4.52 -15.25 -23.34
CA LEU B 73 -5.91 -15.57 -23.00
C LEU B 73 -6.87 -14.56 -23.62
N GLU B 74 -6.54 -13.28 -23.54
CA GLU B 74 -7.42 -12.25 -24.09
C GLU B 74 -7.63 -12.43 -25.59
N GLU B 75 -6.57 -12.77 -26.31
CA GLU B 75 -6.69 -12.93 -27.76
C GLU B 75 -7.36 -14.24 -28.18
N LEU B 76 -7.15 -15.31 -27.41
CA LEU B 76 -7.79 -16.58 -27.72
C LEU B 76 -9.30 -16.39 -27.51
N ALA B 77 -9.67 -15.65 -26.47
CA ALA B 77 -11.08 -15.40 -26.17
C ALA B 77 -11.74 -14.57 -27.28
N MET B 78 -11.00 -13.60 -27.81
CA MET B 78 -11.52 -12.75 -28.88
C MET B 78 -11.76 -13.61 -30.11
N LEU B 79 -11.02 -14.73 -30.19
CA LEU B 79 -11.13 -15.66 -31.30
C LEU B 79 -12.12 -16.80 -31.06
N GLY B 80 -12.83 -16.74 -29.94
CA GLY B 80 -13.82 -17.77 -29.66
C GLY B 80 -13.62 -18.71 -28.48
N ALA B 81 -12.44 -18.69 -27.86
CA ALA B 81 -12.19 -19.58 -26.71
C ALA B 81 -12.87 -19.07 -25.45
N ASN B 82 -13.41 -19.99 -24.64
CA ASN B 82 -14.06 -19.60 -23.39
C ASN B 82 -13.87 -20.62 -22.26
N VAL B 83 -13.17 -21.72 -22.54
CA VAL B 83 -12.87 -22.72 -21.54
C VAL B 83 -11.37 -22.98 -21.62
N PHE B 84 -10.65 -22.73 -20.52
CA PHE B 84 -9.20 -22.93 -20.49
C PHE B 84 -8.70 -23.81 -19.36
N ILE B 85 -7.84 -24.76 -19.69
CA ILE B 85 -7.22 -25.59 -18.66
C ILE B 85 -5.72 -25.50 -18.90
N ARG B 86 -5.03 -24.88 -17.95
CA ARG B 86 -3.58 -24.72 -18.01
C ARG B 86 -2.93 -26.01 -17.53
N TYR B 87 -1.92 -26.46 -18.28
CA TYR B 87 -1.18 -27.68 -17.94
C TYR B 87 0.28 -27.27 -17.88
N GLY B 88 0.82 -27.17 -16.67
CA GLY B 88 2.20 -26.74 -16.55
C GLY B 88 3.07 -27.59 -15.64
N THR B 89 4.20 -27.03 -15.25
CA THR B 89 5.15 -27.70 -14.38
C THR B 89 5.23 -26.87 -13.12
N THR B 90 5.69 -27.47 -12.03
CA THR B 90 5.74 -26.73 -10.79
C THR B 90 6.74 -27.32 -9.80
N GLY B 91 7.10 -26.51 -8.80
CA GLY B 91 8.01 -26.93 -7.76
C GLY B 91 7.24 -27.06 -6.46
N ALA B 92 7.14 -28.27 -5.94
CA ALA B 92 6.41 -28.51 -4.69
C ALA B 92 7.05 -27.78 -3.51
N LEU B 93 6.21 -27.37 -2.57
CA LEU B 93 6.65 -26.66 -1.37
C LEU B 93 6.58 -27.51 -0.11
N VAL B 94 6.12 -28.75 -0.27
CA VAL B 94 6.00 -29.71 0.82
C VAL B 94 6.78 -30.96 0.44
N PRO B 95 7.52 -31.55 1.40
CA PRO B 95 8.34 -32.75 1.17
C PRO B 95 7.65 -34.08 0.80
N TYR B 96 6.37 -34.22 1.09
CA TYR B 96 5.67 -35.48 0.79
C TYR B 96 5.19 -35.67 -0.64
N ILE B 97 5.40 -34.66 -1.49
CA ILE B 97 5.00 -34.75 -2.89
C ILE B 97 6.21 -35.07 -3.75
N ASN B 98 6.14 -36.20 -4.47
CA ASN B 98 7.25 -36.63 -5.32
C ASN B 98 7.19 -36.14 -6.76
N LEU B 99 8.37 -36.11 -7.38
CA LEU B 99 8.48 -35.67 -8.76
C LEU B 99 7.61 -36.54 -9.67
N GLY B 100 7.06 -35.93 -10.71
CA GLY B 100 6.23 -36.67 -11.63
C GLY B 100 4.79 -36.84 -11.21
N GLU B 101 4.48 -36.49 -9.96
CA GLU B 101 3.11 -36.60 -9.49
C GLU B 101 2.38 -35.33 -9.92
N TYR B 102 1.06 -35.26 -9.72
CA TYR B 102 0.31 -34.08 -10.15
C TYR B 102 -0.36 -33.27 -9.06
N ILE B 103 -0.61 -32.00 -9.37
CA ILE B 103 -1.29 -31.11 -8.45
C ILE B 103 -2.44 -30.40 -9.17
N ILE B 104 -3.65 -30.67 -8.71
CA ILE B 104 -4.85 -30.04 -9.27
C ILE B 104 -5.07 -28.82 -8.37
N VAL B 105 -4.95 -27.64 -8.95
CA VAL B 105 -5.05 -26.37 -8.23
C VAL B 105 -6.45 -25.90 -7.86
N THR B 106 -6.60 -25.53 -6.59
CA THR B 106 -7.88 -25.06 -6.06
C THR B 106 -7.90 -23.54 -5.80
N GLY B 107 -6.76 -22.91 -5.96
CA GLY B 107 -6.66 -21.47 -5.74
C GLY B 107 -5.23 -21.00 -5.87
N ALA B 108 -5.05 -19.70 -6.08
CA ALA B 108 -3.72 -19.14 -6.24
C ALA B 108 -3.44 -17.92 -5.38
N SER B 109 -2.31 -17.96 -4.67
CA SER B 109 -1.86 -16.85 -3.83
C SER B 109 -0.97 -15.98 -4.73
N TYR B 110 -0.93 -14.67 -4.44
CA TYR B 110 -0.12 -13.75 -5.24
C TYR B 110 0.19 -12.47 -4.47
N ASN B 111 1.25 -11.78 -4.91
CA ASN B 111 1.63 -10.51 -4.31
C ASN B 111 0.92 -9.41 -5.09
N GLN B 112 0.50 -8.36 -4.39
CA GLN B 112 -0.15 -7.23 -5.04
C GLN B 112 0.81 -6.73 -6.12
N GLY B 113 0.29 -6.44 -7.31
CA GLY B 113 1.19 -5.98 -8.35
C GLY B 113 0.50 -5.30 -9.51
N GLY B 114 1.30 -4.71 -10.40
CA GLY B 114 0.81 -4.01 -11.56
C GLY B 114 -0.33 -4.62 -12.35
N LEU B 115 -0.19 -5.88 -12.79
CA LEU B 115 -1.25 -6.50 -13.58
C LEU B 115 -2.60 -6.48 -12.87
N PHE B 116 -2.63 -6.94 -11.63
CA PHE B 116 -3.87 -6.97 -10.88
C PHE B 116 -4.42 -5.57 -10.62
N TYR B 117 -3.54 -4.60 -10.39
CA TYR B 117 -3.98 -3.22 -10.17
C TYR B 117 -4.57 -2.63 -11.44
N GLN B 118 -3.93 -2.90 -12.58
CA GLN B 118 -4.44 -2.38 -13.85
C GLN B 118 -5.80 -2.97 -14.22
N TYR B 119 -6.00 -4.24 -13.92
CA TYR B 119 -7.28 -4.88 -14.22
C TYR B 119 -8.37 -4.64 -13.17
N LEU B 120 -7.99 -4.62 -11.90
CA LEU B 120 -8.97 -4.44 -10.81
C LEU B 120 -9.22 -2.98 -10.40
N ARG B 121 -8.27 -2.11 -10.71
CA ARG B 121 -8.36 -0.69 -10.41
C ARG B 121 -8.08 -0.31 -8.96
N ASP B 122 -7.81 -1.31 -8.12
CA ASP B 122 -7.43 -1.05 -6.73
C ASP B 122 -6.71 -2.29 -6.19
N ASN B 123 -6.32 -2.25 -4.91
CA ASN B 123 -5.56 -3.36 -4.31
C ASN B 123 -6.36 -4.47 -3.63
N ALA B 124 -7.65 -4.57 -3.92
CA ALA B 124 -8.49 -5.60 -3.31
C ALA B 124 -7.97 -7.01 -3.62
N CYS B 125 -8.04 -7.90 -2.63
CA CYS B 125 -7.61 -9.27 -2.84
C CYS B 125 -8.81 -10.08 -3.32
N VAL B 126 -9.05 -10.02 -4.63
CA VAL B 126 -10.13 -10.75 -5.26
C VAL B 126 -9.80 -12.24 -5.24
N ALA B 127 -10.78 -13.07 -4.92
CA ALA B 127 -10.56 -14.51 -4.85
C ALA B 127 -10.08 -15.04 -6.21
N SER B 128 -8.88 -15.61 -6.23
CA SER B 128 -8.31 -16.16 -7.46
C SER B 128 -8.49 -17.67 -7.43
N THR B 129 -9.65 -18.12 -7.90
CA THR B 129 -10.00 -19.52 -7.88
C THR B 129 -10.44 -20.01 -9.25
N PRO B 130 -10.28 -21.32 -9.51
CA PRO B 130 -10.67 -21.90 -10.79
C PRO B 130 -12.18 -22.20 -10.76
N ASP B 131 -12.71 -22.63 -11.89
CA ASP B 131 -14.12 -22.98 -11.96
C ASP B 131 -14.29 -24.26 -11.15
N PHE B 132 -15.21 -24.24 -10.20
CA PHE B 132 -15.44 -25.38 -9.32
C PHE B 132 -15.83 -26.64 -10.08
N GLU B 133 -16.84 -26.54 -10.95
CA GLU B 133 -17.30 -27.69 -11.71
C GLU B 133 -16.18 -28.30 -12.56
N LEU B 134 -15.51 -27.46 -13.34
CA LEU B 134 -14.42 -27.91 -14.20
C LEU B 134 -13.31 -28.59 -13.41
N THR B 135 -13.00 -28.04 -12.24
CA THR B 135 -11.95 -28.61 -11.40
C THR B 135 -12.32 -30.01 -10.90
N ASN B 136 -13.61 -30.21 -10.61
CA ASN B 136 -14.05 -31.53 -10.16
C ASN B 136 -13.98 -32.52 -11.30
N LYS B 137 -14.22 -32.05 -12.52
CA LYS B 137 -14.15 -32.95 -13.68
C LYS B 137 -12.71 -33.42 -13.88
N LEU B 138 -11.74 -32.55 -13.59
CA LEU B 138 -10.33 -32.90 -13.70
C LEU B 138 -9.99 -34.00 -12.71
N VAL B 139 -10.46 -33.82 -11.47
CA VAL B 139 -10.24 -34.80 -10.42
C VAL B 139 -10.75 -36.15 -10.90
N THR B 140 -11.94 -36.15 -11.49
CA THR B 140 -12.54 -37.38 -11.98
C THR B 140 -11.72 -38.03 -13.09
N SER B 141 -11.21 -37.21 -14.01
CA SER B 141 -10.41 -37.72 -15.11
C SER B 141 -9.07 -38.32 -14.65
N PHE B 142 -8.42 -37.67 -13.70
CA PHE B 142 -7.15 -38.18 -13.20
C PHE B 142 -7.35 -39.44 -12.34
N SER B 143 -8.47 -39.48 -11.63
CA SER B 143 -8.79 -40.62 -10.79
C SER B 143 -9.07 -41.82 -11.71
N LYS B 144 -9.76 -41.56 -12.81
CA LYS B 144 -10.09 -42.62 -13.77
C LYS B 144 -8.83 -43.28 -14.35
N ARG B 145 -7.81 -42.48 -14.64
CA ARG B 145 -6.57 -43.00 -15.20
C ARG B 145 -5.58 -43.46 -14.13
N ASN B 146 -6.07 -43.55 -12.89
CA ASN B 146 -5.25 -43.98 -11.76
C ASN B 146 -3.95 -43.21 -11.59
N LEU B 147 -4.02 -41.90 -11.76
CA LEU B 147 -2.85 -41.04 -11.62
C LEU B 147 -2.81 -40.47 -10.20
N LYS B 148 -1.62 -40.35 -9.63
CA LYS B 148 -1.48 -39.83 -8.26
C LYS B 148 -1.42 -38.31 -8.26
N TYR B 149 -2.38 -37.70 -7.58
CA TYR B 149 -2.46 -36.24 -7.51
C TYR B 149 -2.82 -35.73 -6.12
N TYR B 150 -2.61 -34.43 -5.92
CA TYR B 150 -2.93 -33.78 -4.66
C TYR B 150 -3.70 -32.51 -5.03
N VAL B 151 -4.67 -32.12 -4.20
CA VAL B 151 -5.44 -30.91 -4.47
C VAL B 151 -5.02 -29.82 -3.49
N GLY B 152 -4.79 -28.61 -3.98
CA GLY B 152 -4.41 -27.54 -3.08
C GLY B 152 -4.08 -26.23 -3.76
N ASN B 153 -3.78 -25.21 -2.96
CA ASN B 153 -3.45 -23.89 -3.47
C ASN B 153 -1.96 -23.79 -3.85
N VAL B 154 -1.67 -22.86 -4.75
CA VAL B 154 -0.29 -22.63 -5.17
C VAL B 154 0.01 -21.14 -5.13
N PHE B 155 1.30 -20.79 -5.04
CA PHE B 155 1.69 -19.39 -5.06
C PHE B 155 2.17 -19.09 -6.47
N SER B 156 1.62 -18.03 -7.06
CA SER B 156 2.03 -17.61 -8.40
C SER B 156 3.07 -16.51 -8.26
N SER B 157 4.34 -16.89 -8.39
CA SER B 157 5.45 -15.96 -8.28
C SER B 157 5.67 -15.19 -9.58
N ASP B 158 6.27 -14.01 -9.45
CA ASP B 158 6.58 -13.17 -10.61
C ASP B 158 8.10 -13.13 -10.80
N ALA B 159 8.84 -13.60 -9.80
CA ALA B 159 10.30 -13.57 -9.84
C ALA B 159 10.96 -14.91 -9.50
N PHE B 160 11.14 -15.73 -10.53
CA PHE B 160 11.76 -17.06 -10.42
C PHE B 160 13.07 -17.04 -9.63
N TYR B 161 13.92 -16.04 -9.90
CA TYR B 161 15.21 -15.98 -9.23
C TYR B 161 15.30 -15.21 -7.92
N ALA B 162 14.21 -15.23 -7.15
CA ALA B 162 14.17 -14.58 -5.86
C ALA B 162 13.47 -15.53 -4.88
N GLU B 163 13.40 -16.81 -5.24
CA GLU B 163 12.75 -17.83 -4.41
C GLU B 163 13.74 -18.60 -3.54
N ASP B 164 14.15 -18.01 -2.43
CA ASP B 164 15.11 -18.62 -1.49
C ASP B 164 14.44 -19.57 -0.48
N GLU B 165 15.24 -20.12 0.44
CA GLU B 165 14.69 -21.04 1.44
C GLU B 165 13.65 -20.35 2.33
N GLU B 166 13.92 -19.10 2.70
CA GLU B 166 12.99 -18.33 3.53
C GLU B 166 11.64 -18.35 2.80
N PHE B 167 11.73 -18.33 1.47
CA PHE B 167 10.57 -18.34 0.57
C PHE B 167 9.71 -19.59 0.78
N VAL B 168 10.35 -20.75 0.84
CA VAL B 168 9.63 -22.01 1.02
C VAL B 168 8.82 -22.09 2.31
N LYS B 169 9.44 -21.74 3.43
CA LYS B 169 8.74 -21.79 4.70
C LYS B 169 7.55 -20.84 4.70
N LYS B 170 7.77 -19.62 4.18
CA LYS B 170 6.72 -18.61 4.13
C LYS B 170 5.46 -19.07 3.41
N TRP B 171 5.61 -19.52 2.17
CA TRP B 171 4.44 -19.97 1.41
C TRP B 171 3.83 -21.29 1.82
N SER B 172 4.63 -22.23 2.32
CA SER B 172 4.08 -23.49 2.77
C SER B 172 3.26 -23.27 4.05
N SER B 173 3.67 -22.29 4.86
CA SER B 173 2.95 -22.00 6.10
C SER B 173 1.66 -21.23 5.82
N ARG B 174 1.48 -20.82 4.56
CA ARG B 174 0.30 -20.07 4.15
C ARG B 174 -0.70 -20.96 3.39
N GLY B 175 -0.52 -22.27 3.49
CA GLY B 175 -1.43 -23.19 2.83
C GLY B 175 -1.17 -23.50 1.37
N ASN B 176 -0.01 -23.13 0.86
CA ASN B 176 0.31 -23.41 -0.55
C ASN B 176 1.20 -24.64 -0.61
N ILE B 177 0.95 -25.53 -1.57
CA ILE B 177 1.75 -26.75 -1.70
C ILE B 177 2.70 -26.75 -2.89
N ALA B 178 2.70 -25.68 -3.67
CA ALA B 178 3.56 -25.59 -4.84
C ALA B 178 3.67 -24.15 -5.33
N VAL B 179 4.65 -23.91 -6.21
CA VAL B 179 4.88 -22.58 -6.79
C VAL B 179 5.02 -22.66 -8.31
N GLU B 180 4.37 -21.71 -8.99
CA GLU B 180 4.45 -21.61 -10.43
C GLU B 180 4.28 -20.13 -10.74
N MET B 181 3.96 -19.75 -11.98
CA MET B 181 3.88 -18.31 -12.27
C MET B 181 2.67 -17.75 -13.01
N GLU B 182 1.71 -18.58 -13.38
CA GLU B 182 0.58 -18.08 -14.15
C GLU B 182 -0.86 -18.27 -13.63
N CYS B 183 -1.06 -19.13 -12.65
CA CYS B 183 -2.41 -19.41 -12.16
C CYS B 183 -3.23 -18.24 -11.63
N ALA B 184 -2.61 -17.37 -10.83
CA ALA B 184 -3.34 -16.23 -10.28
C ALA B 184 -3.91 -15.38 -11.42
N THR B 185 -3.09 -15.10 -12.42
CA THR B 185 -3.53 -14.31 -13.57
C THR B 185 -4.68 -15.03 -14.30
N LEU B 186 -4.49 -16.31 -14.58
CA LEU B 186 -5.52 -17.10 -15.25
C LEU B 186 -6.86 -17.07 -14.52
N PHE B 187 -6.83 -17.41 -13.23
CA PHE B 187 -8.05 -17.47 -12.43
C PHE B 187 -8.79 -16.13 -12.27
N THR B 188 -8.05 -15.08 -11.91
CA THR B 188 -8.66 -13.77 -11.71
C THR B 188 -9.24 -13.18 -12.99
N LEU B 189 -8.49 -13.28 -14.08
CA LEU B 189 -8.96 -12.75 -15.35
C LEU B 189 -10.20 -13.53 -15.80
N SER B 190 -10.17 -14.85 -15.62
CA SER B 190 -11.31 -15.68 -16.00
C SER B 190 -12.59 -15.33 -15.21
N LYS B 191 -12.44 -14.99 -13.93
CA LYS B 191 -13.60 -14.64 -13.11
C LYS B 191 -14.21 -13.32 -13.56
N VAL B 192 -13.35 -12.37 -13.93
CA VAL B 192 -13.78 -11.06 -14.40
C VAL B 192 -14.38 -11.12 -15.80
N LYS B 193 -13.81 -11.97 -16.65
CA LYS B 193 -14.26 -12.10 -18.03
C LYS B 193 -15.37 -13.12 -18.28
N GLY B 194 -15.62 -13.99 -17.30
CA GLY B 194 -16.64 -15.00 -17.47
C GLY B 194 -16.16 -16.28 -18.14
N TRP B 195 -14.86 -16.53 -18.14
CA TRP B 195 -14.34 -17.75 -18.76
C TRP B 195 -14.31 -18.87 -17.70
N LYS B 196 -14.35 -20.12 -18.16
CA LYS B 196 -14.30 -21.26 -17.25
C LYS B 196 -12.89 -21.81 -17.33
N SER B 197 -12.15 -21.76 -16.22
CA SER B 197 -10.76 -22.23 -16.21
C SER B 197 -10.37 -23.12 -15.04
N ALA B 198 -9.27 -23.86 -15.24
CA ALA B 198 -8.73 -24.76 -14.23
C ALA B 198 -7.25 -24.99 -14.52
N THR B 199 -6.58 -25.73 -13.64
CA THR B 199 -5.15 -26.00 -13.83
C THR B 199 -4.68 -27.28 -13.14
N VAL B 200 -3.82 -28.02 -13.84
CA VAL B 200 -3.20 -29.22 -13.30
C VAL B 200 -1.71 -28.99 -13.55
N LEU B 201 -0.86 -29.34 -12.59
CA LEU B 201 0.57 -29.13 -12.74
C LEU B 201 1.37 -30.41 -12.56
N VAL B 202 2.49 -30.52 -13.28
CA VAL B 202 3.36 -31.69 -13.14
C VAL B 202 4.53 -31.25 -12.27
N VAL B 203 4.76 -31.96 -11.16
CA VAL B 203 5.84 -31.62 -10.25
C VAL B 203 7.19 -31.99 -10.86
N SER B 204 7.97 -30.98 -11.21
CA SER B 204 9.29 -31.22 -11.81
C SER B 204 10.43 -30.92 -10.85
N ASP B 205 10.11 -30.56 -9.61
CA ASP B 205 11.12 -30.24 -8.62
C ASP B 205 10.48 -30.04 -7.25
N ASN B 206 11.20 -30.39 -6.20
CA ASN B 206 10.72 -30.23 -4.84
C ASN B 206 11.69 -29.32 -4.10
N LEU B 207 11.24 -28.12 -3.77
CA LEU B 207 12.08 -27.15 -3.10
C LEU B 207 12.25 -27.39 -1.61
N ALA B 208 11.58 -28.42 -1.08
CA ALA B 208 11.67 -28.72 0.34
C ALA B 208 12.34 -30.07 0.64
N LYS B 209 12.77 -30.76 -0.41
CA LYS B 209 13.40 -32.07 -0.23
C LYS B 209 14.47 -32.33 -1.30
N ILE B 214 14.23 -38.27 -10.82
CA ILE B 214 13.37 -38.82 -11.92
C ILE B 214 14.05 -38.63 -13.28
N THR B 215 14.06 -39.69 -14.08
CA THR B 215 14.68 -39.63 -15.41
C THR B 215 13.80 -38.87 -16.39
N LYS B 216 14.44 -38.25 -17.38
CA LYS B 216 13.73 -37.48 -18.39
C LYS B 216 12.67 -38.35 -19.06
N GLU B 217 12.85 -39.67 -19.01
CA GLU B 217 11.90 -40.60 -19.61
C GLU B 217 10.68 -40.80 -18.71
N GLU B 218 10.91 -40.75 -17.40
CA GLU B 218 9.83 -40.92 -16.43
C GLU B 218 9.01 -39.64 -16.38
N LEU B 219 9.66 -38.50 -16.61
CA LEU B 219 8.99 -37.22 -16.59
C LEU B 219 8.12 -37.10 -17.83
N GLU B 220 8.74 -37.32 -18.99
CA GLU B 220 8.03 -37.25 -20.27
C GLU B 220 6.77 -38.11 -20.23
N LYS B 221 6.86 -39.29 -19.63
CA LYS B 221 5.70 -40.17 -19.54
C LYS B 221 4.64 -39.50 -18.68
N SER B 222 5.08 -38.91 -17.57
CA SER B 222 4.17 -38.22 -16.66
C SER B 222 3.44 -37.10 -17.37
N VAL B 223 4.18 -36.29 -18.12
CA VAL B 223 3.59 -35.19 -18.87
C VAL B 223 2.54 -35.71 -19.85
N MET B 224 2.89 -36.72 -20.63
CA MET B 224 1.96 -37.30 -21.60
C MET B 224 0.71 -37.86 -20.92
N ASP B 225 0.91 -38.66 -19.88
CA ASP B 225 -0.23 -39.25 -19.17
C ASP B 225 -1.18 -38.18 -18.64
N GLY B 226 -0.61 -37.08 -18.13
CA GLY B 226 -1.44 -36.02 -17.60
C GLY B 226 -2.19 -35.27 -18.69
N ALA B 227 -1.55 -35.14 -19.85
CA ALA B 227 -2.18 -34.43 -20.97
C ALA B 227 -3.44 -35.16 -21.44
N LYS B 228 -3.40 -36.49 -21.41
CA LYS B 228 -4.55 -37.27 -21.82
C LYS B 228 -5.72 -37.04 -20.86
N ALA B 229 -5.42 -36.98 -19.56
CA ALA B 229 -6.45 -36.75 -18.56
C ALA B 229 -7.09 -35.36 -18.77
N VAL B 230 -6.26 -34.38 -19.11
CA VAL B 230 -6.77 -33.04 -19.33
C VAL B 230 -7.65 -32.98 -20.58
N LEU B 231 -7.22 -33.62 -21.65
CA LEU B 231 -8.01 -33.63 -22.88
C LEU B 231 -9.34 -34.34 -22.64
N ASP B 232 -9.33 -35.40 -21.84
CA ASP B 232 -10.57 -36.13 -21.52
C ASP B 232 -11.51 -35.16 -20.83
N THR B 233 -10.97 -34.38 -19.89
CA THR B 233 -11.77 -33.41 -19.15
C THR B 233 -12.35 -32.34 -20.06
N LEU B 234 -11.52 -31.76 -20.92
CA LEU B 234 -11.97 -30.73 -21.83
C LEU B 234 -13.11 -31.16 -22.75
N THR B 235 -13.18 -32.46 -23.02
CA THR B 235 -14.21 -32.99 -23.90
C THR B 235 -15.25 -33.84 -23.18
N SER B 236 -15.35 -33.66 -21.87
CA SER B 236 -16.31 -34.41 -21.07
C SER B 236 -17.61 -33.61 -20.91
N ASN C 2 22.46 -24.30 -12.37
CA ASN C 2 22.73 -23.74 -13.72
C ASN C 2 21.42 -23.34 -14.40
N PRO C 3 21.50 -22.54 -15.48
CA PRO C 3 20.32 -22.09 -16.22
C PRO C 3 19.40 -23.26 -16.59
N VAL C 4 18.09 -23.06 -16.46
CA VAL C 4 17.13 -24.10 -16.79
C VAL C 4 16.23 -23.73 -17.99
N HIS C 5 16.41 -22.51 -18.51
CA HIS C 5 15.62 -22.06 -19.66
C HIS C 5 16.53 -21.88 -20.88
N ILE C 6 17.63 -21.17 -20.68
CA ILE C 6 18.60 -20.93 -21.75
C ILE C 6 19.69 -22.00 -21.63
N LEU C 7 19.55 -23.07 -22.41
CA LEU C 7 20.51 -24.17 -22.37
C LEU C 7 21.72 -23.99 -23.30
N ALA C 8 22.59 -23.05 -22.94
CA ALA C 8 23.80 -22.80 -23.72
C ALA C 8 25.01 -23.20 -22.87
N LYS C 9 26.10 -23.57 -23.54
CA LYS C 9 27.31 -23.98 -22.83
C LYS C 9 28.25 -22.81 -22.59
N LYS C 10 29.27 -23.05 -21.79
CA LYS C 10 30.27 -22.03 -21.46
C LYS C 10 30.90 -21.39 -22.69
N GLY C 11 31.01 -20.07 -22.66
CA GLY C 11 31.60 -19.34 -23.76
C GLY C 11 30.73 -19.14 -24.99
N GLU C 12 29.52 -19.70 -24.99
CA GLU C 12 28.64 -19.57 -26.14
C GLU C 12 27.88 -18.23 -26.17
N VAL C 13 27.63 -17.65 -25.00
CA VAL C 13 26.93 -16.37 -24.93
C VAL C 13 27.93 -15.23 -24.79
N ALA C 14 27.79 -14.22 -25.64
CA ALA C 14 28.70 -13.07 -25.63
C ALA C 14 28.42 -12.15 -24.45
N GLU C 15 29.39 -11.30 -24.14
CA GLU C 15 29.27 -10.33 -23.06
C GLU C 15 28.25 -9.24 -23.40
N ARG C 16 28.23 -8.84 -24.67
CA ARG C 16 27.30 -7.81 -25.13
C ARG C 16 26.14 -8.49 -25.86
N VAL C 17 24.93 -8.16 -25.45
CA VAL C 17 23.75 -8.78 -26.04
C VAL C 17 22.63 -7.83 -26.45
N LEU C 18 22.09 -8.06 -27.63
CA LEU C 18 20.97 -7.27 -28.12
C LEU C 18 19.77 -8.17 -27.78
N VAL C 19 18.87 -7.70 -26.93
CA VAL C 19 17.72 -8.52 -26.55
C VAL C 19 16.42 -8.00 -27.16
N VAL C 20 15.63 -8.91 -27.71
CA VAL C 20 14.34 -8.58 -28.34
C VAL C 20 13.25 -9.49 -27.81
N GLY C 21 12.00 -9.03 -27.85
CA GLY C 21 10.92 -9.86 -27.33
C GLY C 21 10.44 -10.96 -28.24
N ASP C 22 10.42 -10.68 -29.54
CA ASP C 22 9.92 -11.62 -30.53
C ASP C 22 11.01 -12.50 -31.14
N PRO C 23 10.86 -13.83 -31.01
CA PRO C 23 11.84 -14.78 -31.57
C PRO C 23 11.96 -14.62 -33.08
N GLY C 24 10.87 -14.22 -33.72
CA GLY C 24 10.89 -14.00 -35.16
C GLY C 24 11.87 -12.89 -35.50
N ARG C 25 11.93 -11.87 -34.65
CA ARG C 25 12.84 -10.75 -34.88
C ARG C 25 14.28 -11.16 -34.58
N ALA C 26 14.45 -12.03 -33.59
CA ALA C 26 15.78 -12.50 -33.23
C ALA C 26 16.41 -13.21 -34.43
N ARG C 27 15.63 -14.07 -35.07
CA ARG C 27 16.09 -14.83 -36.22
C ARG C 27 16.39 -13.89 -37.39
N LEU C 28 15.46 -12.99 -37.69
CA LEU C 28 15.63 -12.05 -38.79
C LEU C 28 16.88 -11.19 -38.61
N LEU C 29 17.10 -10.68 -37.40
CA LEU C 29 18.26 -9.83 -37.15
C LEU C 29 19.57 -10.62 -37.15
N SER C 30 19.50 -11.93 -36.91
CA SER C 30 20.69 -12.74 -36.89
C SER C 30 21.38 -12.69 -38.26
N THR C 31 20.60 -12.39 -39.30
CA THR C 31 21.16 -12.33 -40.66
C THR C 31 22.10 -11.14 -40.84
N LEU C 32 22.15 -10.27 -39.83
CA LEU C 32 23.03 -9.10 -39.89
C LEU C 32 24.41 -9.44 -39.32
N LEU C 33 24.54 -10.64 -38.75
CA LEU C 33 25.81 -11.08 -38.16
C LEU C 33 26.62 -11.99 -39.07
N GLN C 34 27.92 -12.10 -38.76
CA GLN C 34 28.84 -12.95 -39.51
C GLN C 34 28.81 -14.36 -38.92
N ASN C 35 28.49 -15.34 -39.75
CA ASN C 35 28.43 -16.73 -39.30
C ASN C 35 27.62 -16.93 -38.03
N PRO C 36 26.32 -16.61 -38.08
CA PRO C 36 25.43 -16.76 -36.92
C PRO C 36 25.28 -18.22 -36.49
N LYS C 37 25.29 -18.44 -35.19
CA LYS C 37 25.13 -19.79 -34.65
C LYS C 37 24.00 -19.77 -33.63
N LEU C 38 23.06 -20.70 -33.76
CA LEU C 38 21.94 -20.79 -32.83
C LEU C 38 22.41 -21.56 -31.60
N THR C 39 22.62 -20.84 -30.50
CA THR C 39 23.09 -21.46 -29.27
C THR C 39 21.99 -21.98 -28.33
N ASN C 40 20.75 -21.57 -28.56
CA ASN C 40 19.63 -22.03 -27.73
C ASN C 40 18.29 -21.84 -28.40
N GLU C 41 17.37 -22.75 -28.13
CA GLU C 41 16.02 -22.67 -28.67
C GLU C 41 15.02 -23.23 -27.67
N ASN C 42 15.51 -23.62 -26.50
CA ASN C 42 14.66 -24.16 -25.45
C ASN C 42 13.58 -23.15 -25.03
N ARG C 43 12.36 -23.66 -24.89
CA ARG C 43 11.21 -22.84 -24.50
C ARG C 43 10.91 -21.69 -25.45
N GLY C 44 11.47 -21.76 -26.65
CA GLY C 44 11.23 -20.73 -27.64
C GLY C 44 12.12 -19.51 -27.58
N PHE C 45 12.98 -19.44 -26.56
CA PHE C 45 13.88 -18.31 -26.43
C PHE C 45 15.10 -18.42 -27.33
N LEU C 46 14.94 -18.05 -28.60
CA LEU C 46 16.05 -18.14 -29.54
C LEU C 46 17.19 -17.20 -29.19
N VAL C 47 18.41 -17.73 -29.27
CA VAL C 47 19.60 -16.94 -29.01
C VAL C 47 20.62 -17.24 -30.10
N TYR C 48 21.17 -16.19 -30.70
CA TYR C 48 22.16 -16.36 -31.76
C TYR C 48 23.46 -15.67 -31.34
N THR C 49 24.58 -16.24 -31.75
CA THR C 49 25.88 -15.65 -31.44
C THR C 49 26.70 -15.60 -32.72
N GLY C 50 27.28 -14.43 -32.99
CA GLY C 50 28.09 -14.28 -34.19
C GLY C 50 28.93 -13.02 -34.08
N LYS C 51 29.38 -12.49 -35.21
CA LYS C 51 30.21 -11.29 -35.20
C LYS C 51 29.61 -10.14 -35.99
N TYR C 52 29.88 -8.93 -35.50
CA TYR C 52 29.43 -7.70 -36.16
C TYR C 52 30.62 -6.76 -36.06
N ASN C 53 31.02 -6.17 -37.19
CA ASN C 53 32.19 -5.30 -37.20
C ASN C 53 33.38 -6.02 -36.59
N GLY C 54 33.42 -7.35 -36.76
CA GLY C 54 34.51 -8.13 -36.23
C GLY C 54 34.41 -8.48 -34.76
N GLU C 55 33.41 -7.91 -34.08
CA GLU C 55 33.21 -8.16 -32.65
C GLU C 55 32.14 -9.23 -32.40
N THR C 56 32.39 -10.09 -31.42
CA THR C 56 31.44 -11.15 -31.08
C THR C 56 30.28 -10.54 -30.29
N VAL C 57 29.07 -10.95 -30.63
CA VAL C 57 27.88 -10.44 -29.95
C VAL C 57 26.77 -11.48 -30.05
N SER C 58 25.73 -11.30 -29.23
CA SER C 58 24.61 -12.22 -29.24
C SER C 58 23.29 -11.48 -29.39
N ILE C 59 22.30 -12.17 -29.92
CA ILE C 59 20.94 -11.62 -30.08
C ILE C 59 20.06 -12.65 -29.38
N ALA C 60 19.36 -12.23 -28.33
CA ALA C 60 18.53 -13.15 -27.57
C ALA C 60 17.07 -12.74 -27.47
N THR C 61 16.19 -13.74 -27.38
CA THR C 61 14.75 -13.53 -27.26
C THR C 61 14.36 -13.47 -25.79
N HIS C 62 13.54 -12.48 -25.40
CA HIS C 62 13.13 -12.39 -24.00
C HIS C 62 11.65 -12.58 -23.73
N GLY C 63 10.85 -12.79 -24.77
CA GLY C 63 9.43 -13.00 -24.57
C GLY C 63 8.74 -11.74 -24.06
N ILE C 64 7.47 -11.86 -23.69
CA ILE C 64 6.67 -10.72 -23.23
C ILE C 64 6.50 -10.60 -21.71
N GLY C 65 6.74 -9.40 -21.19
CA GLY C 65 6.54 -9.15 -19.77
C GLY C 65 7.75 -9.20 -18.83
N GLY C 66 7.64 -8.48 -17.72
CA GLY C 66 8.71 -8.43 -16.75
C GLY C 66 9.16 -9.77 -16.21
N PRO C 67 8.23 -10.67 -15.84
CA PRO C 67 8.64 -11.97 -15.32
C PRO C 67 9.46 -12.76 -16.34
N SER C 68 9.09 -12.67 -17.62
CA SER C 68 9.80 -13.39 -18.67
C SER C 68 11.20 -12.83 -18.89
N ILE C 69 11.30 -11.52 -19.10
CA ILE C 69 12.62 -10.92 -19.33
C ILE C 69 13.55 -11.05 -18.12
N ALA C 70 13.00 -11.05 -16.91
CA ALA C 70 13.86 -11.20 -15.72
C ALA C 70 14.59 -12.55 -15.76
N ILE C 71 13.86 -13.61 -16.08
CA ILE C 71 14.45 -14.94 -16.17
C ILE C 71 15.52 -15.00 -17.25
N VAL C 72 15.23 -14.43 -18.42
CA VAL C 72 16.19 -14.46 -19.51
C VAL C 72 17.46 -13.66 -19.20
N LEU C 73 17.31 -12.48 -18.61
CA LEU C 73 18.48 -11.68 -18.24
C LEU C 73 19.31 -12.40 -17.18
N GLU C 74 18.64 -12.93 -16.16
CA GLU C 74 19.33 -13.65 -15.08
C GLU C 74 20.17 -14.80 -15.62
N GLU C 75 19.60 -15.58 -16.53
CA GLU C 75 20.30 -16.72 -17.09
C GLU C 75 21.39 -16.35 -18.09
N LEU C 76 21.17 -15.30 -18.88
CA LEU C 76 22.19 -14.85 -19.83
C LEU C 76 23.39 -14.31 -19.05
N ALA C 77 23.11 -13.67 -17.91
CA ALA C 77 24.16 -13.11 -17.06
C ALA C 77 24.98 -14.25 -16.46
N MET C 78 24.33 -15.35 -16.11
CA MET C 78 25.00 -16.51 -15.55
C MET C 78 25.90 -17.14 -16.62
N LEU C 79 25.49 -16.99 -17.87
CA LEU C 79 26.25 -17.53 -19.00
C LEU C 79 27.36 -16.59 -19.45
N GLY C 80 27.47 -15.44 -18.78
CA GLY C 80 28.53 -14.50 -19.13
C GLY C 80 28.18 -13.12 -19.66
N ALA C 81 26.90 -12.82 -19.87
CA ALA C 81 26.50 -11.51 -20.38
C ALA C 81 26.48 -10.45 -19.28
N ASN C 82 26.85 -9.22 -19.63
CA ASN C 82 26.85 -8.12 -18.68
C ASN C 82 26.45 -6.77 -19.29
N VAL C 83 26.25 -6.75 -20.60
CA VAL C 83 25.82 -5.53 -21.29
C VAL C 83 24.58 -5.89 -22.11
N PHE C 84 23.46 -5.23 -21.85
CA PHE C 84 22.23 -5.51 -22.57
C PHE C 84 21.56 -4.30 -23.21
N ILE C 85 21.25 -4.39 -24.49
CA ILE C 85 20.52 -3.31 -25.14
C ILE C 85 19.23 -3.91 -25.69
N ARG C 86 18.11 -3.53 -25.08
CA ARG C 86 16.81 -4.02 -25.53
C ARG C 86 16.40 -3.26 -26.78
N TYR C 87 15.95 -4.00 -27.79
CA TYR C 87 15.50 -3.38 -29.04
C TYR C 87 14.11 -3.97 -29.27
N GLY C 88 13.08 -3.19 -28.99
CA GLY C 88 11.74 -3.68 -29.17
C GLY C 88 10.82 -2.74 -29.91
N THR C 89 9.51 -2.94 -29.70
CA THR C 89 8.50 -2.11 -30.34
C THR C 89 7.72 -1.40 -29.23
N THR C 90 6.98 -0.37 -29.60
CA THR C 90 6.24 0.40 -28.60
C THR C 90 5.08 1.17 -29.21
N GLY C 91 4.15 1.58 -28.36
CA GLY C 91 3.01 2.37 -28.80
C GLY C 91 3.22 3.77 -28.25
N ALA C 92 3.27 4.78 -29.12
CA ALA C 92 3.47 6.15 -28.68
C ALA C 92 2.25 6.66 -27.89
N LEU C 93 2.50 7.56 -26.94
CA LEU C 93 1.44 8.13 -26.11
C LEU C 93 1.20 9.60 -26.42
N VAL C 94 1.91 10.11 -27.43
CA VAL C 94 1.77 11.49 -27.87
C VAL C 94 1.52 11.50 -29.39
N PRO C 95 0.68 12.43 -29.87
CA PRO C 95 0.31 12.57 -31.28
C PRO C 95 1.38 12.89 -32.32
N TYR C 96 2.42 13.61 -31.94
CA TYR C 96 3.46 14.00 -32.90
C TYR C 96 4.48 12.94 -33.33
N ILE C 97 4.46 11.77 -32.72
CA ILE C 97 5.41 10.72 -33.09
C ILE C 97 4.81 9.78 -34.13
N ASN C 98 5.50 9.62 -35.25
CA ASN C 98 5.03 8.77 -36.35
C ASN C 98 5.52 7.33 -36.27
N LEU C 99 4.81 6.43 -36.95
CA LEU C 99 5.18 5.02 -36.94
C LEU C 99 6.48 4.83 -37.70
N GLY C 100 7.31 3.91 -37.20
CA GLY C 100 8.58 3.67 -37.86
C GLY C 100 9.72 4.49 -37.29
N GLU C 101 9.40 5.51 -36.50
CA GLU C 101 10.44 6.34 -35.88
C GLU C 101 10.90 5.66 -34.60
N TYR C 102 11.93 6.20 -33.95
CA TYR C 102 12.46 5.56 -32.75
C TYR C 102 12.42 6.37 -31.47
N ILE C 103 12.44 5.66 -30.34
CA ILE C 103 12.46 6.28 -29.03
C ILE C 103 13.63 5.70 -28.23
N ILE C 104 14.53 6.57 -27.80
CA ILE C 104 15.68 6.16 -27.00
C ILE C 104 15.24 6.45 -25.57
N VAL C 105 15.07 5.38 -24.81
CA VAL C 105 14.56 5.44 -23.43
C VAL C 105 15.52 6.00 -22.38
N THR C 106 15.01 6.97 -21.61
CA THR C 106 15.77 7.61 -20.53
C THR C 106 15.32 7.17 -19.15
N GLY C 107 14.23 6.43 -19.09
CA GLY C 107 13.72 5.96 -17.82
C GLY C 107 12.39 5.25 -18.00
N ALA C 108 11.96 4.52 -16.98
CA ALA C 108 10.70 3.80 -17.06
C ALA C 108 9.83 3.97 -15.82
N SER C 109 8.55 4.30 -16.04
CA SER C 109 7.58 4.44 -14.97
C SER C 109 6.94 3.06 -14.82
N TYR C 110 6.44 2.74 -13.64
CA TYR C 110 5.79 1.45 -13.40
C TYR C 110 4.88 1.46 -12.18
N ASN C 111 3.96 0.49 -12.11
CA ASN C 111 3.08 0.38 -10.95
C ASN C 111 3.79 -0.58 -10.00
N GLN C 112 3.75 -0.29 -8.71
CA GLN C 112 4.44 -1.12 -7.73
C GLN C 112 3.86 -2.52 -7.59
N GLY C 113 4.60 -3.39 -6.91
CA GLY C 113 4.12 -4.74 -6.69
C GLY C 113 4.88 -5.85 -7.37
N GLY C 114 4.29 -7.04 -7.33
CA GLY C 114 4.86 -8.23 -7.92
C GLY C 114 6.37 -8.42 -7.91
N LEU C 115 6.91 -8.45 -9.12
CA LEU C 115 8.32 -8.65 -9.37
C LEU C 115 9.22 -7.71 -8.58
N PHE C 116 8.87 -6.42 -8.56
CA PHE C 116 9.68 -5.45 -7.85
C PHE C 116 9.68 -5.71 -6.34
N TYR C 117 8.52 -6.06 -5.78
CA TYR C 117 8.45 -6.34 -4.35
C TYR C 117 9.30 -7.56 -4.00
N GLN C 118 9.28 -8.57 -4.86
CA GLN C 118 10.06 -9.77 -4.62
C GLN C 118 11.57 -9.51 -4.66
N TYR C 119 12.02 -8.68 -5.60
CA TYR C 119 13.44 -8.35 -5.73
C TYR C 119 13.93 -7.27 -4.77
N LEU C 120 13.10 -6.24 -4.54
CA LEU C 120 13.50 -5.12 -3.69
C LEU C 120 13.17 -5.30 -2.21
N ARG C 121 12.29 -6.25 -1.91
CA ARG C 121 11.88 -6.57 -0.55
C ARG C 121 10.95 -5.54 0.12
N ASP C 122 10.58 -4.49 -0.61
CA ASP C 122 9.65 -3.49 -0.12
C ASP C 122 9.10 -2.71 -1.30
N ASN C 123 8.28 -1.71 -1.06
CA ASN C 123 7.69 -0.97 -2.18
C ASN C 123 8.27 0.40 -2.51
N ALA C 124 9.55 0.59 -2.21
CA ALA C 124 10.19 1.87 -2.53
C ALA C 124 10.27 2.06 -4.05
N CYS C 125 10.16 3.30 -4.51
CA CYS C 125 10.26 3.56 -5.93
C CYS C 125 11.72 3.79 -6.31
N VAL C 126 12.41 2.71 -6.64
CA VAL C 126 13.82 2.80 -7.03
C VAL C 126 13.89 3.39 -8.44
N ALA C 127 14.83 4.31 -8.66
CA ALA C 127 14.99 4.94 -9.96
C ALA C 127 15.26 3.87 -11.01
N SER C 128 14.39 3.78 -12.01
CA SER C 128 14.52 2.76 -13.06
C SER C 128 15.08 3.45 -14.30
N THR C 129 16.41 3.51 -14.38
CA THR C 129 17.06 4.18 -15.49
C THR C 129 18.15 3.34 -16.16
N PRO C 130 18.46 3.64 -17.43
CA PRO C 130 19.48 2.90 -18.17
C PRO C 130 20.86 3.47 -17.85
N ASP C 131 21.89 2.83 -18.38
CA ASP C 131 23.26 3.30 -18.17
C ASP C 131 23.39 4.64 -18.92
N PHE C 132 23.90 5.65 -18.24
CA PHE C 132 24.06 6.98 -18.81
C PHE C 132 24.93 7.00 -20.07
N GLU C 133 26.15 6.49 -19.96
CA GLU C 133 27.08 6.46 -21.09
C GLU C 133 26.56 5.70 -22.31
N LEU C 134 26.07 4.49 -22.06
CA LEU C 134 25.55 3.65 -23.13
C LEU C 134 24.39 4.33 -23.85
N THR C 135 23.51 5.00 -23.10
CA THR C 135 22.39 5.67 -23.72
C THR C 135 22.86 6.81 -24.63
N ASN C 136 23.89 7.54 -24.21
CA ASN C 136 24.41 8.62 -25.04
C ASN C 136 25.06 8.09 -26.31
N LYS C 137 25.64 6.89 -26.22
CA LYS C 137 26.28 6.26 -27.37
C LYS C 137 25.23 5.93 -28.42
N LEU C 138 24.05 5.51 -27.96
CA LEU C 138 22.95 5.19 -28.87
C LEU C 138 22.49 6.45 -29.59
N VAL C 139 22.39 7.54 -28.84
CA VAL C 139 21.96 8.81 -29.40
C VAL C 139 22.91 9.23 -30.52
N THR C 140 24.20 9.07 -30.27
CA THR C 140 25.23 9.42 -31.24
C THR C 140 25.12 8.52 -32.48
N SER C 141 24.93 7.23 -32.23
CA SER C 141 24.82 6.26 -33.31
C SER C 141 23.62 6.52 -34.21
N PHE C 142 22.47 6.80 -33.61
CA PHE C 142 21.26 7.05 -34.39
C PHE C 142 21.35 8.36 -35.18
N SER C 143 21.89 9.40 -34.57
CA SER C 143 22.01 10.67 -35.27
C SER C 143 23.03 10.57 -36.41
N LYS C 144 23.98 9.64 -36.27
CA LYS C 144 24.99 9.42 -37.29
C LYS C 144 24.36 8.79 -38.53
N ARG C 145 23.46 7.82 -38.30
CA ARG C 145 22.78 7.16 -39.39
C ARG C 145 21.58 7.97 -39.86
N ASN C 146 21.51 9.21 -39.40
CA ASN C 146 20.44 10.13 -39.75
C ASN C 146 19.03 9.56 -39.59
N LEU C 147 18.79 8.91 -38.47
CA LEU C 147 17.49 8.32 -38.18
C LEU C 147 16.68 9.23 -37.25
N LYS C 148 15.37 9.30 -37.48
CA LYS C 148 14.49 10.15 -36.66
C LYS C 148 14.17 9.51 -35.32
N TYR C 149 14.59 10.15 -34.24
CA TYR C 149 14.36 9.60 -32.90
C TYR C 149 13.96 10.66 -31.89
N TYR C 150 13.36 10.21 -30.79
CA TYR C 150 12.95 11.08 -29.69
C TYR C 150 13.55 10.46 -28.45
N VAL C 151 13.86 11.29 -27.47
CA VAL C 151 14.44 10.83 -26.22
C VAL C 151 13.45 11.10 -25.09
N GLY C 152 13.11 10.07 -24.31
CA GLY C 152 12.18 10.29 -23.21
C GLY C 152 11.85 9.05 -22.41
N ASN C 153 11.00 9.22 -21.41
CA ASN C 153 10.60 8.12 -20.53
C ASN C 153 9.41 7.34 -21.09
N VAL C 154 9.30 6.09 -20.67
CA VAL C 154 8.19 5.24 -21.10
C VAL C 154 7.53 4.58 -19.90
N PHE C 155 6.28 4.17 -20.07
CA PHE C 155 5.60 3.46 -19.00
C PHE C 155 5.66 1.98 -19.35
N SER C 156 6.13 1.17 -18.41
CA SER C 156 6.21 -0.27 -18.63
C SER C 156 4.96 -0.90 -18.01
N SER C 157 4.01 -1.22 -18.88
CA SER C 157 2.74 -1.80 -18.48
C SER C 157 2.81 -3.31 -18.31
N ASP C 158 1.94 -3.85 -17.45
CA ASP C 158 1.88 -5.30 -17.22
C ASP C 158 0.59 -5.86 -17.82
N ALA C 159 -0.30 -4.97 -18.24
CA ALA C 159 -1.59 -5.40 -18.80
C ALA C 159 -1.91 -4.73 -20.13
N PHE C 160 -1.49 -5.37 -21.21
CA PHE C 160 -1.70 -4.89 -22.56
C PHE C 160 -3.16 -4.51 -22.84
N TYR C 161 -4.09 -5.37 -22.40
CA TYR C 161 -5.50 -5.13 -22.65
C TYR C 161 -6.27 -4.35 -21.59
N ALA C 162 -5.57 -3.50 -20.86
CA ALA C 162 -6.17 -2.63 -19.85
C ALA C 162 -5.70 -1.20 -20.13
N GLU C 163 -5.23 -0.98 -21.36
CA GLU C 163 -4.72 0.31 -21.80
C GLU C 163 -5.73 1.12 -22.63
N ASP C 164 -6.66 1.76 -21.93
CA ASP C 164 -7.72 2.56 -22.57
C ASP C 164 -7.34 4.04 -22.74
N GLU C 165 -8.33 4.87 -23.02
CA GLU C 165 -8.12 6.30 -23.24
C GLU C 165 -7.61 7.02 -21.99
N GLU C 166 -8.29 6.82 -20.86
CA GLU C 166 -7.89 7.44 -19.59
C GLU C 166 -6.41 7.16 -19.39
N PHE C 167 -6.02 5.93 -19.72
CA PHE C 167 -4.66 5.45 -19.61
C PHE C 167 -3.67 6.40 -20.31
N VAL C 168 -3.95 6.70 -21.58
CA VAL C 168 -3.08 7.57 -22.38
C VAL C 168 -2.85 8.96 -21.79
N LYS C 169 -3.93 9.63 -21.37
CA LYS C 169 -3.81 10.97 -20.79
C LYS C 169 -3.08 10.92 -19.44
N LYS C 170 -3.29 9.85 -18.70
CA LYS C 170 -2.65 9.70 -17.39
C LYS C 170 -1.13 9.63 -17.53
N TRP C 171 -0.64 8.70 -18.36
CA TRP C 171 0.79 8.55 -18.51
C TRP C 171 1.49 9.64 -19.31
N SER C 172 0.81 10.19 -20.32
CA SER C 172 1.42 11.26 -21.10
C SER C 172 1.54 12.51 -20.24
N SER C 173 0.61 12.70 -19.30
CA SER C 173 0.66 13.87 -18.43
C SER C 173 1.76 13.72 -17.39
N ARG C 174 2.27 12.49 -17.24
CA ARG C 174 3.32 12.19 -16.27
C ARG C 174 4.73 12.13 -16.90
N GLY C 175 4.87 12.67 -18.10
CA GLY C 175 6.18 12.69 -18.75
C GLY C 175 6.62 11.48 -19.53
N ASN C 176 5.68 10.57 -19.83
CA ASN C 176 6.01 9.38 -20.60
C ASN C 176 5.53 9.61 -22.03
N ILE C 177 6.33 9.22 -23.01
CA ILE C 177 5.96 9.42 -24.41
C ILE C 177 5.62 8.12 -25.15
N ALA C 178 5.69 7.00 -24.43
CA ALA C 178 5.37 5.71 -25.04
C ALA C 178 5.14 4.63 -23.99
N VAL C 179 4.52 3.53 -24.41
CA VAL C 179 4.26 2.43 -23.50
C VAL C 179 4.76 1.10 -24.07
N GLU C 180 5.36 0.28 -23.22
CA GLU C 180 5.83 -1.03 -23.60
C GLU C 180 5.76 -1.89 -22.32
N MET C 181 6.44 -3.02 -22.26
CA MET C 181 6.29 -3.86 -21.07
C MET C 181 7.51 -4.40 -20.34
N GLU C 182 8.71 -4.12 -20.84
CA GLU C 182 9.90 -4.68 -20.20
C GLU C 182 11.00 -3.75 -19.67
N CYS C 183 11.01 -2.49 -20.05
CA CYS C 183 12.07 -1.58 -19.62
C CYS C 183 12.25 -1.39 -18.12
N ALA C 184 11.16 -1.23 -17.37
CA ALA C 184 11.29 -1.05 -15.92
C ALA C 184 12.02 -2.25 -15.31
N THR C 185 11.66 -3.46 -15.70
CA THR C 185 12.32 -4.65 -15.16
C THR C 185 13.79 -4.66 -15.57
N LEU C 186 14.06 -4.39 -16.86
CA LEU C 186 15.42 -4.36 -17.37
C LEU C 186 16.33 -3.40 -16.60
N PHE C 187 15.89 -2.15 -16.48
CA PHE C 187 16.68 -1.11 -15.80
C PHE C 187 16.91 -1.36 -14.32
N THR C 188 15.85 -1.67 -13.60
CA THR C 188 15.95 -1.90 -12.16
C THR C 188 16.83 -3.11 -11.84
N LEU C 189 16.58 -4.23 -12.49
CA LEU C 189 17.36 -5.44 -12.24
C LEU C 189 18.83 -5.18 -12.59
N SER C 190 19.07 -4.42 -13.64
CA SER C 190 20.42 -4.08 -14.06
C SER C 190 21.13 -3.24 -12.99
N LYS C 191 20.43 -2.27 -12.41
CA LYS C 191 21.03 -1.42 -11.37
C LYS C 191 21.40 -2.26 -10.15
N VAL C 192 20.55 -3.22 -9.82
CA VAL C 192 20.77 -4.10 -8.68
C VAL C 192 21.82 -5.18 -8.91
N LYS C 193 21.88 -5.68 -10.14
CA LYS C 193 22.81 -6.74 -10.50
C LYS C 193 24.17 -6.26 -10.98
N GLY C 194 24.24 -4.98 -11.36
CA GLY C 194 25.50 -4.43 -11.83
C GLY C 194 25.72 -4.62 -13.32
N TRP C 195 24.63 -4.66 -14.08
CA TRP C 195 24.70 -4.82 -15.54
C TRP C 195 24.55 -3.45 -16.21
N LYS C 196 25.10 -3.31 -17.41
CA LYS C 196 25.00 -2.06 -18.18
C LYS C 196 23.86 -2.25 -19.18
N SER C 197 22.83 -1.43 -19.09
CA SER C 197 21.68 -1.57 -19.99
C SER C 197 21.14 -0.29 -20.61
N ALA C 198 20.45 -0.45 -21.74
CA ALA C 198 19.85 0.66 -22.46
C ALA C 198 18.71 0.11 -23.32
N THR C 199 17.92 1.00 -23.92
CA THR C 199 16.80 0.55 -24.76
C THR C 199 16.43 1.55 -25.86
N VAL C 200 16.14 1.00 -27.04
CA VAL C 200 15.68 1.78 -28.19
C VAL C 200 14.44 1.02 -28.62
N LEU C 201 13.37 1.75 -28.94
CA LEU C 201 12.11 1.13 -29.34
C LEU C 201 11.65 1.63 -30.71
N VAL C 202 11.04 0.75 -31.49
CA VAL C 202 10.51 1.12 -32.79
C VAL C 202 9.02 1.36 -32.59
N VAL C 203 8.56 2.55 -32.95
CA VAL C 203 7.14 2.90 -32.80
C VAL C 203 6.29 2.13 -33.81
N SER C 204 5.51 1.16 -33.34
CA SER C 204 4.67 0.34 -34.21
C SER C 204 3.19 0.69 -34.14
N ASP C 205 2.83 1.66 -33.31
CA ASP C 205 1.45 2.07 -33.15
C ASP C 205 1.46 3.37 -32.36
N ASN C 206 0.38 4.15 -32.47
CA ASN C 206 0.29 5.40 -31.72
C ASN C 206 -1.08 5.44 -31.05
N LEU C 207 -1.10 5.27 -29.73
CA LEU C 207 -2.33 5.27 -28.95
C LEU C 207 -3.02 6.62 -28.88
N ALA C 208 -2.32 7.68 -29.27
CA ALA C 208 -2.89 9.02 -29.23
C ALA C 208 -3.39 9.43 -30.61
N LYS C 209 -3.08 8.60 -31.61
CA LYS C 209 -3.50 8.88 -32.99
C LYS C 209 -3.84 7.55 -33.67
N GLY C 210 -5.10 7.14 -33.55
CA GLY C 210 -5.52 5.88 -34.14
C GLY C 210 -5.63 5.87 -35.66
N GLY C 211 -5.57 7.05 -36.26
CA GLY C 211 -5.70 7.15 -37.70
C GLY C 211 -4.48 6.78 -38.55
N ILE C 212 -3.31 6.79 -37.96
CA ILE C 212 -2.11 6.46 -38.72
C ILE C 212 -1.76 4.98 -38.70
N TRP C 213 -1.24 4.48 -39.81
CA TRP C 213 -0.87 3.08 -39.91
C TRP C 213 0.39 2.88 -40.75
N ILE C 214 0.99 1.70 -40.61
CA ILE C 214 2.20 1.35 -41.33
C ILE C 214 2.16 -0.12 -41.71
N THR C 215 2.78 -0.47 -42.82
CA THR C 215 2.81 -1.86 -43.28
C THR C 215 4.02 -2.60 -42.72
N LYS C 216 3.98 -3.93 -42.74
CA LYS C 216 5.09 -4.72 -42.23
C LYS C 216 6.34 -4.50 -43.07
N GLU C 217 6.13 -4.06 -44.31
CA GLU C 217 7.23 -3.80 -45.23
C GLU C 217 7.98 -2.56 -44.77
N GLU C 218 7.25 -1.50 -44.48
CA GLU C 218 7.82 -0.25 -44.03
C GLU C 218 8.36 -0.42 -42.60
N LEU C 219 7.64 -1.18 -41.79
CA LEU C 219 8.03 -1.43 -40.41
C LEU C 219 9.29 -2.27 -40.33
N GLU C 220 9.34 -3.33 -41.14
CA GLU C 220 10.49 -4.22 -41.16
C GLU C 220 11.72 -3.42 -41.59
N LYS C 221 11.49 -2.45 -42.47
CA LYS C 221 12.56 -1.60 -42.98
C LYS C 221 13.10 -0.78 -41.81
N SER C 222 12.18 -0.24 -41.02
CA SER C 222 12.54 0.57 -39.85
C SER C 222 13.30 -0.28 -38.83
N VAL C 223 12.81 -1.48 -38.59
CA VAL C 223 13.45 -2.38 -37.64
C VAL C 223 14.89 -2.69 -38.07
N MET C 224 15.09 -2.93 -39.36
CA MET C 224 16.42 -3.25 -39.87
C MET C 224 17.40 -2.08 -39.75
N ASP C 225 16.99 -0.89 -40.18
CA ASP C 225 17.86 0.28 -40.09
C ASP C 225 18.26 0.54 -38.66
N GLY C 226 17.30 0.42 -37.75
CA GLY C 226 17.59 0.66 -36.34
C GLY C 226 18.50 -0.39 -35.73
N ALA C 227 18.32 -1.64 -36.15
CA ALA C 227 19.15 -2.73 -35.63
C ALA C 227 20.63 -2.49 -35.92
N LYS C 228 20.92 -1.90 -37.07
CA LYS C 228 22.31 -1.61 -37.45
C LYS C 228 22.91 -0.57 -36.52
N ALA C 229 22.12 0.45 -36.19
CA ALA C 229 22.54 1.51 -35.30
C ALA C 229 22.82 0.94 -33.90
N VAL C 230 21.96 0.05 -33.45
CA VAL C 230 22.13 -0.57 -32.13
C VAL C 230 23.36 -1.46 -32.12
N LEU C 231 23.53 -2.27 -33.16
CA LEU C 231 24.68 -3.15 -33.26
C LEU C 231 26.00 -2.37 -33.35
N ASP C 232 25.96 -1.21 -33.99
CA ASP C 232 27.16 -0.38 -34.07
C ASP C 232 27.55 0.01 -32.64
N THR C 233 26.54 0.37 -31.85
CA THR C 233 26.78 0.78 -30.46
C THR C 233 27.27 -0.36 -29.58
N LEU C 234 26.66 -1.53 -29.70
CA LEU C 234 27.06 -2.69 -28.91
C LEU C 234 28.48 -3.13 -29.19
N THR C 235 28.95 -2.87 -30.40
CA THR C 235 30.29 -3.28 -30.80
C THR C 235 31.30 -2.13 -30.83
N SER C 236 30.93 -1.00 -30.26
CA SER C 236 31.81 0.16 -30.22
C SER C 236 32.80 0.07 -29.06
N PRO D 3 24.96 18.20 15.68
CA PRO D 3 23.98 18.87 14.78
C PRO D 3 24.71 19.64 13.67
N VAL D 4 24.21 19.52 12.45
CA VAL D 4 24.82 20.22 11.32
C VAL D 4 23.98 21.35 10.73
N HIS D 5 22.78 21.55 11.28
CA HIS D 5 21.90 22.62 10.78
C HIS D 5 21.83 23.76 11.81
N ILE D 6 21.50 23.39 13.04
CA ILE D 6 21.42 24.37 14.12
C ILE D 6 22.77 24.35 14.83
N LEU D 7 23.57 25.38 14.58
CA LEU D 7 24.91 25.47 15.15
C LEU D 7 24.99 26.23 16.47
N ALA D 8 24.14 25.86 17.42
CA ALA D 8 24.14 26.49 18.73
C ALA D 8 24.85 25.53 19.69
N LYS D 9 25.47 26.08 20.73
CA LYS D 9 26.16 25.25 21.71
C LYS D 9 25.15 24.76 22.75
N LYS D 10 25.38 23.58 23.31
CA LYS D 10 24.49 23.06 24.33
C LYS D 10 24.56 24.11 25.44
N GLY D 11 23.40 24.49 25.97
CA GLY D 11 23.38 25.49 27.01
C GLY D 11 22.82 26.78 26.44
N GLU D 12 22.78 26.87 25.11
CA GLU D 12 22.24 28.06 24.44
C GLU D 12 20.82 27.79 23.97
N VAL D 13 20.39 26.53 24.07
CA VAL D 13 19.04 26.14 23.70
C VAL D 13 18.32 25.72 24.97
N ALA D 14 17.15 26.30 25.20
CA ALA D 14 16.37 26.00 26.40
C ALA D 14 15.62 24.68 26.31
N GLU D 15 15.17 24.18 27.45
CA GLU D 15 14.41 22.94 27.49
C GLU D 15 13.02 23.20 26.91
N ARG D 16 12.53 24.42 27.12
CA ARG D 16 11.22 24.86 26.63
C ARG D 16 11.40 25.64 25.34
N VAL D 17 10.73 25.22 24.26
CA VAL D 17 10.86 25.91 22.98
C VAL D 17 9.55 26.21 22.28
N LEU D 18 9.44 27.43 21.74
CA LEU D 18 8.27 27.86 20.98
C LEU D 18 8.77 27.78 19.53
N VAL D 19 8.20 26.89 18.73
CA VAL D 19 8.64 26.75 17.34
C VAL D 19 7.69 27.35 16.31
N VAL D 20 8.25 28.12 15.38
CA VAL D 20 7.47 28.77 14.33
C VAL D 20 8.07 28.46 12.95
N GLY D 21 7.26 28.50 11.91
CA GLY D 21 7.77 28.20 10.59
C GLY D 21 8.52 29.33 9.92
N ASP D 22 8.04 30.55 10.13
CA ASP D 22 8.59 31.76 9.53
C ASP D 22 9.73 32.43 10.33
N PRO D 23 10.93 32.55 9.73
CA PRO D 23 12.08 33.17 10.39
C PRO D 23 11.73 34.58 10.88
N GLY D 24 10.94 35.29 10.09
CA GLY D 24 10.51 36.64 10.42
C GLY D 24 9.66 36.68 11.68
N ARG D 25 8.85 35.64 11.88
CA ARG D 25 8.00 35.58 13.06
C ARG D 25 8.88 35.35 14.30
N ALA D 26 9.91 34.52 14.15
CA ALA D 26 10.81 34.25 15.26
C ALA D 26 11.47 35.55 15.73
N ARG D 27 11.94 36.34 14.76
CA ARG D 27 12.59 37.61 15.10
C ARG D 27 11.59 38.56 15.75
N LEU D 28 10.38 38.62 15.19
CA LEU D 28 9.35 39.49 15.73
C LEU D 28 8.96 39.07 17.14
N LEU D 29 8.76 37.77 17.34
CA LEU D 29 8.37 37.28 18.66
C LEU D 29 9.48 37.32 19.71
N SER D 30 10.74 37.39 19.26
CA SER D 30 11.84 37.44 20.21
C SER D 30 11.79 38.70 21.07
N THR D 31 11.10 39.74 20.58
CA THR D 31 10.99 41.00 21.31
C THR D 31 10.10 40.87 22.56
N LEU D 32 9.49 39.69 22.73
CA LEU D 32 8.64 39.45 23.89
C LEU D 32 9.46 38.83 25.02
N LEU D 33 10.69 38.42 24.70
CA LEU D 33 11.58 37.82 25.69
C LEU D 33 12.43 38.89 26.36
N GLN D 34 12.96 38.58 27.54
CA GLN D 34 13.85 39.50 28.24
C GLN D 34 15.27 39.13 27.82
N ASN D 35 16.05 40.12 27.41
CA ASN D 35 17.45 39.93 27.00
C ASN D 35 17.64 38.83 25.97
N PRO D 36 16.90 38.88 24.85
CA PRO D 36 16.99 37.90 23.76
C PRO D 36 18.37 37.85 23.11
N LYS D 37 18.85 36.64 22.82
CA LYS D 37 20.15 36.45 22.17
C LYS D 37 19.95 35.52 20.98
N LEU D 38 20.56 35.86 19.84
CA LEU D 38 20.48 35.02 18.65
C LEU D 38 21.53 33.91 18.80
N THR D 39 21.07 32.67 18.99
CA THR D 39 21.98 31.55 19.15
C THR D 39 22.23 30.74 17.88
N ASN D 40 21.52 31.07 16.80
CA ASN D 40 21.73 30.39 15.52
C ASN D 40 21.06 31.10 14.36
N GLU D 41 21.71 31.06 13.20
CA GLU D 41 21.18 31.67 11.99
C GLU D 41 21.51 30.79 10.78
N ASN D 42 22.31 29.74 11.01
CA ASN D 42 22.71 28.83 9.93
C ASN D 42 21.52 28.26 9.16
N ARG D 43 21.66 28.23 7.84
CA ARG D 43 20.63 27.73 6.93
C ARG D 43 19.30 28.47 7.07
N GLY D 44 19.35 29.64 7.70
CA GLY D 44 18.15 30.44 7.87
C GLY D 44 17.28 30.11 9.06
N PHE D 45 17.65 29.09 9.83
CA PHE D 45 16.85 28.69 10.99
C PHE D 45 17.20 29.53 12.21
N LEU D 46 16.63 30.72 12.29
CA LEU D 46 16.90 31.62 13.40
C LEU D 46 16.41 31.04 14.73
N VAL D 47 17.27 31.04 15.73
CA VAL D 47 16.91 30.56 17.06
C VAL D 47 17.30 31.64 18.06
N TYR D 48 16.35 32.03 18.92
CA TYR D 48 16.61 33.05 19.94
C TYR D 48 16.41 32.44 21.31
N THR D 49 17.19 32.88 22.29
CA THR D 49 17.05 32.37 23.64
C THR D 49 17.07 33.53 24.62
N GLY D 50 16.06 33.57 25.49
CA GLY D 50 15.95 34.60 26.51
C GLY D 50 15.09 34.14 27.68
N LYS D 51 14.60 35.07 28.48
CA LYS D 51 13.75 34.72 29.62
C LYS D 51 12.34 35.27 29.52
N TYR D 52 11.41 34.59 30.20
CA TYR D 52 10.00 34.97 30.22
C TYR D 52 9.38 34.39 31.48
N ASN D 53 8.76 35.24 32.30
CA ASN D 53 8.14 34.80 33.55
C ASN D 53 9.03 33.89 34.40
N GLY D 54 10.26 34.32 34.61
CA GLY D 54 11.21 33.56 35.43
C GLY D 54 11.73 32.27 34.83
N GLU D 55 11.47 32.04 33.55
CA GLU D 55 11.93 30.81 32.92
C GLU D 55 12.75 31.08 31.66
N THR D 56 13.68 30.19 31.35
CA THR D 56 14.50 30.33 30.15
C THR D 56 13.71 29.65 29.04
N VAL D 57 13.59 30.31 27.89
CA VAL D 57 12.86 29.75 26.78
C VAL D 57 13.51 30.16 25.47
N SER D 58 13.36 29.31 24.45
CA SER D 58 13.91 29.60 23.14
C SER D 58 12.79 29.66 22.11
N ILE D 59 13.00 30.46 21.08
CA ILE D 59 12.05 30.59 19.98
C ILE D 59 12.85 30.15 18.75
N ALA D 60 12.41 29.06 18.12
CA ALA D 60 13.11 28.51 16.96
C ALA D 60 12.29 28.42 15.66
N THR D 61 12.99 28.59 14.54
CA THR D 61 12.41 28.53 13.20
C THR D 61 12.49 27.09 12.67
N HIS D 62 11.41 26.57 12.09
CA HIS D 62 11.43 25.20 11.56
C HIS D 62 11.20 25.05 10.07
N GLY D 63 11.04 26.16 9.36
CA GLY D 63 10.82 26.09 7.92
C GLY D 63 9.47 25.50 7.56
N ILE D 64 9.32 25.06 6.31
CA ILE D 64 8.07 24.50 5.84
C ILE D 64 8.15 23.00 5.54
N GLY D 65 7.19 22.24 6.06
CA GLY D 65 7.14 20.81 5.79
C GLY D 65 7.67 19.84 6.83
N GLY D 66 7.16 18.61 6.76
CA GLY D 66 7.57 17.58 7.70
C GLY D 66 9.06 17.34 7.74
N PRO D 67 9.69 17.12 6.58
CA PRO D 67 11.14 16.87 6.57
C PRO D 67 11.97 17.95 7.26
N SER D 68 11.58 19.22 7.06
CA SER D 68 12.28 20.35 7.64
C SER D 68 12.10 20.42 9.16
N ILE D 69 10.86 20.36 9.64
CA ILE D 69 10.65 20.43 11.08
C ILE D 69 11.25 19.20 11.79
N ALA D 70 11.26 18.04 11.14
CA ALA D 70 11.83 16.84 11.75
C ALA D 70 13.32 17.05 12.06
N ILE D 71 14.04 17.68 11.13
CA ILE D 71 15.46 17.96 11.32
C ILE D 71 15.67 18.94 12.47
N VAL D 72 14.90 20.02 12.47
CA VAL D 72 15.02 21.04 13.52
C VAL D 72 14.71 20.49 14.90
N LEU D 73 13.63 19.73 15.03
CA LEU D 73 13.27 19.15 16.31
C LEU D 73 14.37 18.20 16.82
N GLU D 74 14.85 17.31 15.95
CA GLU D 74 15.90 16.37 16.33
C GLU D 74 17.14 17.08 16.86
N GLU D 75 17.55 18.15 16.19
CA GLU D 75 18.74 18.87 16.62
C GLU D 75 18.51 19.70 17.88
N LEU D 76 17.34 20.32 18.00
CA LEU D 76 17.06 21.08 19.21
C LEU D 76 17.07 20.12 20.40
N ALA D 77 16.50 18.93 20.21
CA ALA D 77 16.46 17.91 21.26
C ALA D 77 17.87 17.46 21.65
N MET D 78 18.75 17.32 20.65
CA MET D 78 20.12 16.92 20.93
C MET D 78 20.84 17.99 21.74
N LEU D 79 20.34 19.22 21.66
CA LEU D 79 20.94 20.32 22.39
C LEU D 79 20.24 20.57 23.72
N GLY D 80 19.31 19.69 24.09
CA GLY D 80 18.62 19.84 25.37
C GLY D 80 17.12 20.05 25.42
N ALA D 81 16.50 20.41 24.29
CA ALA D 81 15.06 20.65 24.29
C ALA D 81 14.20 19.40 24.43
N ASN D 82 13.10 19.50 25.19
CA ASN D 82 12.19 18.37 25.35
C ASN D 82 10.71 18.75 25.42
N VAL D 83 10.44 20.05 25.35
CA VAL D 83 9.06 20.55 25.37
C VAL D 83 8.93 21.50 24.18
N PHE D 84 7.98 21.22 23.30
CA PHE D 84 7.80 22.06 22.11
C PHE D 84 6.36 22.49 21.86
N ILE D 85 6.15 23.77 21.61
CA ILE D 85 4.81 24.23 21.26
C ILE D 85 4.92 24.97 19.93
N ARG D 86 4.33 24.40 18.89
CA ARG D 86 4.34 25.02 17.58
C ARG D 86 3.27 26.09 17.52
N TYR D 87 3.64 27.24 16.97
CA TYR D 87 2.73 28.37 16.83
C TYR D 87 2.83 28.78 15.36
N GLY D 88 1.85 28.37 14.57
CA GLY D 88 1.89 28.70 13.16
C GLY D 88 0.65 29.35 12.62
N THR D 89 0.47 29.23 11.30
CA THR D 89 -0.69 29.79 10.62
C THR D 89 -1.39 28.63 9.96
N THR D 90 -2.66 28.81 9.61
CA THR D 90 -3.41 27.73 9.01
C THR D 90 -4.59 28.23 8.18
N GLY D 91 -5.08 27.36 7.30
CA GLY D 91 -6.23 27.70 6.48
C GLY D 91 -7.42 26.94 7.04
N ALA D 92 -8.49 27.65 7.37
CA ALA D 92 -9.68 27.00 7.92
C ALA D 92 -10.45 26.17 6.87
N LEU D 93 -10.96 25.02 7.29
CA LEU D 93 -11.71 24.14 6.40
C LEU D 93 -13.22 24.24 6.64
N VAL D 94 -13.62 25.05 7.61
CA VAL D 94 -15.03 25.24 7.93
C VAL D 94 -15.32 26.74 7.85
N PRO D 95 -16.52 27.13 7.39
CA PRO D 95 -16.93 28.52 7.25
C PRO D 95 -17.15 29.39 8.49
N TYR D 96 -17.43 28.77 9.63
CA TYR D 96 -17.69 29.55 10.84
C TYR D 96 -16.48 30.11 11.59
N ILE D 97 -15.27 29.73 11.19
CA ILE D 97 -14.08 30.25 11.85
C ILE D 97 -13.59 31.46 11.08
N ASN D 98 -13.38 32.56 11.79
CA ASN D 98 -12.94 33.81 11.17
C ASN D 98 -11.42 34.03 11.20
N LEU D 99 -10.95 34.93 10.35
CA LEU D 99 -9.53 35.24 10.26
C LEU D 99 -9.04 35.90 11.55
N GLY D 100 -7.85 35.53 12.01
CA GLY D 100 -7.32 36.12 13.22
C GLY D 100 -7.69 35.33 14.47
N GLU D 101 -8.62 34.40 14.34
CA GLU D 101 -9.02 33.58 15.47
C GLU D 101 -8.02 32.43 15.56
N TYR D 102 -8.06 31.68 16.66
CA TYR D 102 -7.09 30.60 16.86
C TYR D 102 -7.67 29.19 16.91
N ILE D 103 -6.83 28.22 16.59
CA ILE D 103 -7.21 26.82 16.66
C ILE D 103 -6.20 26.08 17.51
N ILE D 104 -6.67 25.43 18.57
CA ILE D 104 -5.80 24.65 19.45
C ILE D 104 -5.98 23.23 18.94
N VAL D 105 -4.90 22.65 18.45
CA VAL D 105 -4.91 21.33 17.84
C VAL D 105 -4.97 20.11 18.75
N THR D 106 -5.89 19.20 18.46
CA THR D 106 -6.08 17.98 19.25
C THR D 106 -5.60 16.71 18.55
N GLY D 107 -5.21 16.85 17.28
CA GLY D 107 -4.77 15.70 16.54
C GLY D 107 -4.50 16.11 15.10
N ALA D 108 -3.76 15.28 14.38
CA ALA D 108 -3.43 15.61 13.00
C ALA D 108 -3.66 14.43 12.08
N SER D 109 -4.35 14.67 10.98
CA SER D 109 -4.59 13.63 9.99
C SER D 109 -3.42 13.74 9.00
N TYR D 110 -3.11 12.68 8.27
CA TYR D 110 -2.01 12.71 7.32
C TYR D 110 -2.07 11.54 6.35
N ASN D 111 -1.36 11.69 5.23
CA ASN D 111 -1.26 10.61 4.24
C ASN D 111 0.03 9.85 4.58
N GLN D 112 -0.05 8.53 4.64
CA GLN D 112 1.13 7.71 4.95
C GLN D 112 2.21 7.86 3.89
N GLY D 113 3.38 7.28 4.15
CA GLY D 113 4.46 7.36 3.19
C GLY D 113 5.69 8.09 3.71
N GLY D 114 6.61 8.35 2.79
CA GLY D 114 7.85 9.04 3.10
C GLY D 114 8.39 9.06 4.52
N LEU D 115 8.37 10.25 5.11
CA LEU D 115 8.89 10.48 6.45
C LEU D 115 8.37 9.49 7.51
N PHE D 116 7.07 9.25 7.52
CA PHE D 116 6.47 8.34 8.48
C PHE D 116 6.93 6.89 8.30
N TYR D 117 7.09 6.47 7.05
CA TYR D 117 7.56 5.11 6.77
C TYR D 117 9.01 4.93 7.22
N GLN D 118 9.84 5.95 7.00
CA GLN D 118 11.25 5.88 7.39
C GLN D 118 11.43 5.82 8.90
N TYR D 119 10.61 6.54 9.63
CA TYR D 119 10.70 6.56 11.09
C TYR D 119 9.98 5.37 11.75
N LEU D 120 8.76 5.07 11.31
CA LEU D 120 7.98 3.99 11.89
C LEU D 120 8.28 2.59 11.37
N ARG D 121 8.92 2.51 10.19
CA ARG D 121 9.29 1.23 9.58
C ARG D 121 8.15 0.48 8.89
N ASP D 122 6.94 1.06 8.90
CA ASP D 122 5.80 0.46 8.22
C ASP D 122 4.73 1.52 8.01
N ASN D 123 3.58 1.13 7.45
CA ASN D 123 2.51 2.08 7.15
C ASN D 123 1.38 2.19 8.17
N ALA D 124 1.62 1.72 9.39
CA ALA D 124 0.60 1.78 10.43
C ALA D 124 0.19 3.23 10.70
N CYS D 125 -1.10 3.43 10.99
CA CYS D 125 -1.61 4.75 11.30
C CYS D 125 -1.48 4.98 12.81
N VAL D 126 -0.32 5.48 13.23
CA VAL D 126 -0.05 5.75 14.64
C VAL D 126 -0.83 7.02 15.02
N ALA D 127 -1.40 7.05 16.22
CA ALA D 127 -2.15 8.22 16.65
C ALA D 127 -1.24 9.44 16.79
N SER D 128 -1.46 10.43 15.94
CA SER D 128 -0.66 11.66 15.95
C SER D 128 -1.38 12.71 16.79
N THR D 129 -1.11 12.68 18.09
CA THR D 129 -1.75 13.59 19.03
C THR D 129 -0.75 14.32 19.91
N PRO D 130 -1.11 15.52 20.39
CA PRO D 130 -0.23 16.31 21.25
C PRO D 130 -0.29 15.79 22.67
N ASP D 131 0.50 16.39 23.55
CA ASP D 131 0.50 16.01 24.96
C ASP D 131 -0.82 16.48 25.55
N PHE D 132 -1.53 15.58 26.22
CA PHE D 132 -2.84 15.91 26.80
C PHE D 132 -2.79 17.07 27.79
N GLU D 133 -1.91 16.99 28.78
CA GLU D 133 -1.81 18.05 29.79
C GLU D 133 -1.42 19.41 29.20
N LEU D 134 -0.37 19.44 28.39
CA LEU D 134 0.12 20.68 27.78
C LEU D 134 -0.96 21.36 26.94
N THR D 135 -1.76 20.55 26.24
CA THR D 135 -2.82 21.09 25.41
C THR D 135 -3.92 21.73 26.28
N ASN D 136 -4.22 21.12 27.43
CA ASN D 136 -5.23 21.69 28.31
C ASN D 136 -4.74 22.99 28.94
N LYS D 137 -3.43 23.11 29.11
CA LYS D 137 -2.84 24.34 29.67
C LYS D 137 -2.99 25.47 28.66
N LEU D 138 -2.90 25.13 27.37
CA LEU D 138 -3.06 26.11 26.31
C LEU D 138 -4.48 26.67 26.30
N VAL D 139 -5.46 25.78 26.43
CA VAL D 139 -6.86 26.19 26.45
C VAL D 139 -7.10 27.16 27.60
N THR D 140 -6.51 26.85 28.75
CA THR D 140 -6.63 27.69 29.93
C THR D 140 -6.01 29.07 29.72
N SER D 141 -4.83 29.11 29.10
CA SER D 141 -4.14 30.37 28.84
C SER D 141 -4.88 31.27 27.85
N PHE D 142 -5.44 30.68 26.81
CA PHE D 142 -6.17 31.46 25.82
C PHE D 142 -7.49 31.98 26.39
N SER D 143 -8.09 31.21 27.29
CA SER D 143 -9.34 31.62 27.92
C SER D 143 -9.06 32.82 28.82
N LYS D 144 -7.98 32.73 29.58
CA LYS D 144 -7.57 33.79 30.50
C LYS D 144 -7.36 35.12 29.80
N ARG D 145 -6.83 35.08 28.58
CA ARG D 145 -6.57 36.30 27.81
C ARG D 145 -7.76 36.67 26.92
N ASN D 146 -8.89 36.02 27.15
CA ASN D 146 -10.12 36.27 26.40
C ASN D 146 -9.94 36.24 24.89
N LEU D 147 -9.29 35.19 24.41
CA LEU D 147 -9.04 35.02 22.98
C LEU D 147 -10.05 34.01 22.40
N LYS D 148 -10.50 34.26 21.18
CA LYS D 148 -11.46 33.36 20.53
C LYS D 148 -10.74 32.19 19.87
N TYR D 149 -11.01 30.99 20.37
CA TYR D 149 -10.36 29.79 19.85
C TYR D 149 -11.32 28.63 19.63
N TYR D 150 -10.86 27.66 18.86
CA TYR D 150 -11.62 26.45 18.57
C TYR D 150 -10.66 25.29 18.80
N VAL D 151 -11.19 24.16 19.26
CA VAL D 151 -10.37 22.98 19.50
C VAL D 151 -10.77 21.90 18.50
N GLY D 152 -9.80 21.32 17.80
CA GLY D 152 -10.14 20.29 16.83
C GLY D 152 -8.95 19.72 16.09
N ASN D 153 -9.20 18.75 15.21
CA ASN D 153 -8.11 18.13 14.44
C ASN D 153 -7.78 18.92 13.18
N VAL D 154 -6.57 18.74 12.67
CA VAL D 154 -6.16 19.41 11.44
C VAL D 154 -5.52 18.38 10.51
N PHE D 155 -5.50 18.68 9.21
CA PHE D 155 -4.86 17.79 8.25
C PHE D 155 -3.49 18.38 7.93
N SER D 156 -2.45 17.57 8.06
CA SER D 156 -1.09 18.05 7.76
C SER D 156 -0.78 17.65 6.32
N SER D 157 -0.91 18.61 5.42
CA SER D 157 -0.69 18.40 3.98
C SER D 157 0.79 18.51 3.62
N ASP D 158 1.20 17.81 2.56
CA ASP D 158 2.59 17.88 2.11
C ASP D 158 2.67 18.64 0.78
N ALA D 159 1.50 18.95 0.21
CA ALA D 159 1.45 19.63 -1.07
C ALA D 159 0.49 20.83 -1.07
N PHE D 160 1.02 21.99 -0.72
CA PHE D 160 0.24 23.22 -0.65
C PHE D 160 -0.59 23.48 -1.93
N TYR D 161 0.00 23.21 -3.08
CA TYR D 161 -0.69 23.48 -4.33
C TYR D 161 -1.54 22.37 -4.98
N ALA D 162 -2.06 21.48 -4.13
CA ALA D 162 -2.93 20.40 -4.58
C ALA D 162 -4.21 20.47 -3.75
N GLU D 163 -4.34 21.54 -2.97
CA GLU D 163 -5.49 21.73 -2.10
C GLU D 163 -6.66 22.45 -2.78
N ASP D 164 -7.38 21.71 -3.63
CA ASP D 164 -8.54 22.25 -4.35
C ASP D 164 -9.86 22.11 -3.59
N GLU D 165 -10.96 22.39 -4.29
CA GLU D 165 -12.30 22.34 -3.70
C GLU D 165 -12.67 20.94 -3.22
N GLU D 166 -12.40 19.94 -4.05
CA GLU D 166 -12.69 18.55 -3.70
C GLU D 166 -12.02 18.27 -2.36
N PHE D 167 -10.79 18.76 -2.23
CA PHE D 167 -9.95 18.63 -1.05
C PHE D 167 -10.62 19.14 0.23
N VAL D 168 -11.07 20.39 0.22
CA VAL D 168 -11.72 21.01 1.37
C VAL D 168 -12.93 20.24 1.92
N LYS D 169 -13.81 19.80 1.03
CA LYS D 169 -14.98 19.06 1.46
C LYS D 169 -14.58 17.69 2.02
N LYS D 170 -13.57 17.09 1.43
CA LYS D 170 -13.09 15.78 1.86
C LYS D 170 -12.57 15.79 3.30
N TRP D 171 -11.64 16.69 3.59
CA TRP D 171 -11.05 16.76 4.92
C TRP D 171 -11.99 17.33 5.97
N SER D 172 -12.88 18.23 5.54
CA SER D 172 -13.85 18.81 6.46
C SER D 172 -14.84 17.72 6.90
N SER D 173 -15.16 16.81 5.99
CA SER D 173 -16.09 15.73 6.28
C SER D 173 -15.45 14.62 7.11
N ARG D 174 -14.15 14.75 7.38
CA ARG D 174 -13.41 13.77 8.17
C ARG D 174 -13.07 14.32 9.56
N GLY D 175 -13.78 15.35 9.99
CA GLY D 175 -13.56 15.93 11.30
C GLY D 175 -12.36 16.83 11.48
N ASN D 176 -11.83 17.37 10.38
CA ASN D 176 -10.68 18.28 10.44
C ASN D 176 -11.19 19.68 10.19
N ILE D 177 -10.79 20.63 11.03
CA ILE D 177 -11.27 21.99 10.87
C ILE D 177 -10.28 22.96 10.24
N ALA D 178 -9.07 22.50 9.94
CA ALA D 178 -8.07 23.36 9.31
C ALA D 178 -6.98 22.54 8.63
N VAL D 179 -6.16 23.21 7.83
CA VAL D 179 -5.06 22.54 7.14
C VAL D 179 -3.76 23.30 7.33
N GLU D 180 -2.68 22.56 7.62
CA GLU D 180 -1.36 23.15 7.76
C GLU D 180 -0.38 22.08 7.29
N MET D 181 0.91 22.17 7.64
CA MET D 181 1.83 21.16 7.11
C MET D 181 2.81 20.47 8.05
N GLU D 182 2.87 20.87 9.32
CA GLU D 182 3.85 20.27 10.23
C GLU D 182 3.36 19.51 11.47
N CYS D 183 2.10 19.65 11.83
CA CYS D 183 1.61 18.99 13.03
C CYS D 183 1.74 17.46 13.14
N ALA D 184 1.40 16.74 12.08
CA ALA D 184 1.50 15.28 12.14
C ALA D 184 2.94 14.85 12.44
N THR D 185 3.91 15.54 11.83
CA THR D 185 5.31 15.20 12.05
C THR D 185 5.70 15.53 13.49
N LEU D 186 5.30 16.71 13.95
CA LEU D 186 5.63 17.11 15.31
C LEU D 186 5.10 16.12 16.34
N PHE D 187 3.80 15.83 16.27
CA PHE D 187 3.15 14.94 17.22
C PHE D 187 3.70 13.52 17.20
N THR D 188 3.78 12.92 16.02
CA THR D 188 4.26 11.55 15.92
C THR D 188 5.71 11.39 16.38
N LEU D 189 6.59 12.29 15.94
CA LEU D 189 7.99 12.21 16.35
C LEU D 189 8.12 12.43 17.86
N SER D 190 7.27 13.30 18.40
CA SER D 190 7.30 13.58 19.84
C SER D 190 6.92 12.32 20.64
N LYS D 191 5.94 11.57 20.14
CA LYS D 191 5.50 10.36 20.83
C LYS D 191 6.63 9.34 20.84
N VAL D 192 7.29 9.20 19.70
CA VAL D 192 8.39 8.28 19.54
C VAL D 192 9.63 8.66 20.37
N LYS D 193 9.97 9.95 20.36
CA LYS D 193 11.16 10.42 21.07
C LYS D 193 10.91 10.80 22.54
N GLY D 194 9.66 10.81 22.96
CA GLY D 194 9.35 11.15 24.33
C GLY D 194 9.35 12.64 24.66
N TRP D 195 9.04 13.48 23.68
CA TRP D 195 9.00 14.92 23.91
C TRP D 195 7.55 15.33 24.19
N LYS D 196 7.36 16.44 24.90
CA LYS D 196 6.03 16.95 25.21
C LYS D 196 5.72 18.06 24.21
N SER D 197 4.71 17.86 23.37
CA SER D 197 4.39 18.86 22.36
C SER D 197 2.92 19.25 22.25
N ALA D 198 2.67 20.41 21.67
CA ALA D 198 1.32 20.94 21.46
C ALA D 198 1.37 21.95 20.30
N THR D 199 0.21 22.45 19.88
CA THR D 199 0.18 23.42 18.80
C THR D 199 -1.04 24.32 18.81
N VAL D 200 -0.81 25.59 18.47
CA VAL D 200 -1.87 26.57 18.34
C VAL D 200 -1.62 27.25 17.00
N LEU D 201 -2.68 27.44 16.22
CA LEU D 201 -2.57 28.05 14.90
C LEU D 201 -3.40 29.33 14.75
N VAL D 202 -2.86 30.28 14.00
CA VAL D 202 -3.56 31.53 13.73
C VAL D 202 -4.20 31.36 12.35
N VAL D 203 -5.51 31.57 12.26
CA VAL D 203 -6.20 31.43 10.99
C VAL D 203 -5.90 32.62 10.09
N SER D 204 -5.22 32.35 8.98
CA SER D 204 -4.84 33.39 8.03
C SER D 204 -5.63 33.31 6.74
N ASP D 205 -6.42 32.26 6.59
CA ASP D 205 -7.24 32.09 5.40
C ASP D 205 -8.39 31.13 5.72
N ASN D 206 -9.45 31.19 4.92
CA ASN D 206 -10.57 30.29 5.12
C ASN D 206 -10.90 29.70 3.76
N LEU D 207 -10.60 28.41 3.61
CA LEU D 207 -10.82 27.72 2.34
C LEU D 207 -12.27 27.38 2.09
N ALA D 208 -13.11 27.49 3.11
CA ALA D 208 -14.53 27.18 2.98
C ALA D 208 -15.37 28.41 2.65
N LYS D 209 -14.91 29.58 3.09
CA LYS D 209 -15.63 30.82 2.83
C LYS D 209 -14.74 31.81 2.09
N TRP D 213 -11.82 38.82 4.66
CA TRP D 213 -10.37 39.16 4.52
C TRP D 213 -9.85 39.92 5.74
N ILE D 214 -8.54 39.86 5.94
CA ILE D 214 -7.90 40.56 7.06
C ILE D 214 -6.67 41.29 6.54
N THR D 215 -6.52 42.54 6.94
CA THR D 215 -5.40 43.36 6.50
C THR D 215 -4.05 42.71 6.79
N LYS D 216 -3.34 43.26 7.79
CA LYS D 216 -2.05 42.74 8.19
C LYS D 216 -1.80 43.23 9.60
N GLU D 217 -2.31 44.42 9.89
CA GLU D 217 -2.16 45.01 11.21
C GLU D 217 -3.07 44.26 12.19
N GLU D 218 -4.22 43.83 11.68
CA GLU D 218 -5.18 43.09 12.49
C GLU D 218 -4.59 41.70 12.71
N LEU D 219 -3.81 41.24 11.72
CA LEU D 219 -3.18 39.94 11.76
C LEU D 219 -1.97 39.92 12.70
N GLU D 220 -1.15 40.96 12.60
CA GLU D 220 0.05 41.05 13.45
C GLU D 220 -0.40 41.13 14.89
N LYS D 221 -1.55 41.77 15.10
CA LYS D 221 -2.09 41.92 16.45
C LYS D 221 -2.46 40.52 16.95
N SER D 222 -3.13 39.76 16.08
CA SER D 222 -3.55 38.40 16.40
C SER D 222 -2.36 37.52 16.75
N VAL D 223 -1.33 37.55 15.91
CA VAL D 223 -0.14 36.75 16.16
C VAL D 223 0.49 37.11 17.49
N MET D 224 0.63 38.41 17.73
CA MET D 224 1.22 38.88 18.98
C MET D 224 0.45 38.46 20.22
N ASP D 225 -0.87 38.63 20.19
CA ASP D 225 -1.68 38.24 21.36
C ASP D 225 -1.61 36.75 21.64
N GLY D 226 -1.63 35.93 20.59
CA GLY D 226 -1.56 34.50 20.79
C GLY D 226 -0.19 34.05 21.28
N ALA D 227 0.85 34.78 20.87
CA ALA D 227 2.22 34.43 21.27
C ALA D 227 2.39 34.57 22.77
N LYS D 228 1.79 35.60 23.34
CA LYS D 228 1.89 35.83 24.78
C LYS D 228 1.20 34.68 25.54
N ALA D 229 0.07 34.21 25.03
CA ALA D 229 -0.63 33.12 25.68
C ALA D 229 0.21 31.84 25.60
N VAL D 230 0.87 31.63 24.47
CA VAL D 230 1.72 30.45 24.32
C VAL D 230 2.90 30.53 25.27
N LEU D 231 3.55 31.68 25.35
CA LEU D 231 4.69 31.85 26.24
C LEU D 231 4.27 31.67 27.70
N ASP D 232 3.05 32.09 28.02
CA ASP D 232 2.54 31.93 29.39
C ASP D 232 2.44 30.44 29.69
N THR D 233 1.95 29.68 28.70
CA THR D 233 1.80 28.25 28.82
C THR D 233 3.15 27.54 28.95
N LEU D 234 4.09 27.93 28.09
CA LEU D 234 5.42 27.34 28.10
C LEU D 234 6.19 27.54 29.40
N THR D 235 5.92 28.63 30.10
CA THR D 235 6.64 28.94 31.33
C THR D 235 5.86 28.64 32.61
N SER D 236 4.73 27.96 32.48
CA SER D 236 3.93 27.60 33.64
C SER D 236 4.46 26.30 34.22
N ASN E 2 -5.06 -20.07 29.15
CA ASN E 2 -6.41 -20.65 28.86
C ASN E 2 -7.28 -19.64 28.10
N PRO E 3 -8.23 -20.14 27.29
CA PRO E 3 -9.11 -19.24 26.53
C PRO E 3 -9.82 -18.27 27.47
N VAL E 4 -9.99 -17.03 27.02
CA VAL E 4 -10.63 -16.02 27.85
C VAL E 4 -12.03 -15.62 27.39
N HIS E 5 -12.46 -16.16 26.25
CA HIS E 5 -13.79 -15.85 25.74
C HIS E 5 -14.70 -17.07 25.83
N ILE E 6 -14.24 -18.20 25.31
CA ILE E 6 -15.00 -19.45 25.37
C ILE E 6 -14.48 -20.19 26.61
N LEU E 7 -15.27 -20.18 27.68
CA LEU E 7 -14.88 -20.79 28.94
C LEU E 7 -15.23 -22.28 29.08
N ALA E 8 -15.58 -22.93 27.99
CA ALA E 8 -15.93 -24.35 28.02
C ALA E 8 -14.73 -25.16 28.51
N LYS E 9 -15.00 -26.30 29.14
CA LYS E 9 -13.94 -27.17 29.64
C LYS E 9 -13.43 -28.07 28.51
N LYS E 10 -12.16 -28.45 28.57
CA LYS E 10 -11.59 -29.33 27.55
C LYS E 10 -12.37 -30.63 27.57
N GLY E 11 -12.86 -31.03 26.39
CA GLY E 11 -13.64 -32.25 26.30
C GLY E 11 -15.09 -31.87 26.06
N GLU E 12 -15.42 -30.62 26.38
CA GLU E 12 -16.78 -30.12 26.18
C GLU E 12 -16.97 -29.54 24.77
N VAL E 13 -15.89 -29.48 24.01
CA VAL E 13 -15.94 -28.98 22.64
C VAL E 13 -15.54 -30.11 21.70
N ALA E 14 -16.37 -30.36 20.69
CA ALA E 14 -16.11 -31.43 19.73
C ALA E 14 -15.08 -31.03 18.66
N GLU E 15 -14.52 -32.03 17.99
CA GLU E 15 -13.56 -31.77 16.93
C GLU E 15 -14.29 -31.16 15.75
N ARG E 16 -15.55 -31.57 15.59
CA ARG E 16 -16.43 -31.09 14.50
C ARG E 16 -17.32 -29.97 15.04
N VAL E 17 -17.29 -28.80 14.40
CA VAL E 17 -18.09 -27.67 14.87
C VAL E 17 -18.86 -26.92 13.77
N LEU E 18 -20.14 -26.67 14.03
CA LEU E 18 -20.98 -25.89 13.12
C LEU E 18 -20.99 -24.51 13.77
N VAL E 19 -20.47 -23.50 13.06
CA VAL E 19 -20.43 -22.16 13.62
C VAL E 19 -21.41 -21.20 12.94
N VAL E 20 -22.12 -20.41 13.75
CA VAL E 20 -23.08 -19.43 13.24
C VAL E 20 -22.84 -18.10 13.93
N GLY E 21 -23.22 -17.01 13.26
CA GLY E 21 -23.01 -15.70 13.85
C GLY E 21 -24.01 -15.32 14.94
N ASP E 22 -25.27 -15.70 14.74
CA ASP E 22 -26.35 -15.37 15.67
C ASP E 22 -26.55 -16.38 16.80
N PRO E 23 -26.44 -15.91 18.06
CA PRO E 23 -26.61 -16.76 19.25
C PRO E 23 -28.00 -17.40 19.24
N GLY E 24 -28.98 -16.65 18.73
CA GLY E 24 -30.34 -17.15 18.67
C GLY E 24 -30.45 -18.35 17.75
N ARG E 25 -29.64 -18.36 16.69
CA ARG E 25 -29.67 -19.46 15.74
C ARG E 25 -28.98 -20.68 16.36
N ALA E 26 -27.91 -20.44 17.11
CA ALA E 26 -27.19 -21.53 17.76
C ALA E 26 -28.16 -22.28 18.67
N ARG E 27 -28.92 -21.52 19.47
CA ARG E 27 -29.88 -22.09 20.39
C ARG E 27 -30.95 -22.89 19.64
N LEU E 28 -31.49 -22.29 18.58
CA LEU E 28 -32.53 -22.93 17.78
C LEU E 28 -32.05 -24.22 17.13
N LEU E 29 -30.86 -24.19 16.54
CA LEU E 29 -30.31 -25.36 15.87
C LEU E 29 -29.86 -26.47 16.82
N SER E 30 -29.68 -26.14 18.10
CA SER E 30 -29.24 -27.14 19.06
C SER E 30 -30.28 -28.24 19.21
N THR E 31 -31.53 -27.94 18.86
CA THR E 31 -32.60 -28.93 18.98
C THR E 31 -32.47 -30.03 17.95
N LEU E 32 -31.54 -29.87 17.02
CA LEU E 32 -31.30 -30.88 15.99
C LEU E 32 -30.29 -31.90 16.52
N LEU E 33 -29.68 -31.60 17.65
CA LEU E 33 -28.71 -32.50 18.26
C LEU E 33 -29.39 -33.44 19.25
N GLN E 34 -28.74 -34.56 19.53
CA GLN E 34 -29.25 -35.52 20.51
C GLN E 34 -28.59 -35.14 21.83
N ASN E 35 -29.41 -34.97 22.87
CA ASN E 35 -28.93 -34.64 24.20
C ASN E 35 -28.00 -33.42 24.26
N PRO E 36 -28.44 -32.28 23.70
CA PRO E 36 -27.65 -31.04 23.67
C PRO E 36 -27.36 -30.46 25.05
N LYS E 37 -26.13 -30.02 25.26
CA LYS E 37 -25.73 -29.40 26.52
C LYS E 37 -25.04 -28.06 26.23
N LEU E 38 -25.44 -27.01 26.95
CA LEU E 38 -24.86 -25.68 26.78
C LEU E 38 -23.52 -25.68 27.51
N THR E 39 -22.43 -25.65 26.76
CA THR E 39 -21.09 -25.67 27.35
C THR E 39 -20.44 -24.30 27.55
N ASN E 40 -21.08 -23.23 27.06
CA ASN E 40 -20.57 -21.87 27.25
C ASN E 40 -21.58 -20.81 26.88
N GLU E 41 -21.57 -19.72 27.65
CA GLU E 41 -22.47 -18.59 27.38
C GLU E 41 -21.72 -17.28 27.64
N ASN E 42 -20.46 -17.38 28.03
CA ASN E 42 -19.65 -16.18 28.31
C ASN E 42 -19.58 -15.24 27.11
N ARG E 43 -19.70 -13.95 27.40
CA ARG E 43 -19.67 -12.89 26.38
C ARG E 43 -20.73 -13.07 25.32
N GLY E 44 -21.74 -13.90 25.62
CA GLY E 44 -22.81 -14.13 24.68
C GLY E 44 -22.52 -15.16 23.61
N PHE E 45 -21.31 -15.73 23.63
CA PHE E 45 -20.93 -16.75 22.64
C PHE E 45 -21.47 -18.13 23.03
N LEU E 46 -22.76 -18.37 22.78
CA LEU E 46 -23.37 -19.64 23.13
C LEU E 46 -22.76 -20.82 22.37
N VAL E 47 -22.44 -21.88 23.10
CA VAL E 47 -21.88 -23.08 22.50
C VAL E 47 -22.62 -24.29 23.07
N TYR E 48 -23.11 -25.15 22.17
CA TYR E 48 -23.81 -26.37 22.59
C TYR E 48 -23.05 -27.58 22.06
N THR E 49 -23.07 -28.68 22.80
CA THR E 49 -22.39 -29.88 22.36
C THR E 49 -23.33 -31.06 22.57
N GLY E 50 -23.42 -31.91 21.55
CA GLY E 50 -24.29 -33.08 21.64
C GLY E 50 -23.87 -34.12 20.62
N LYS E 51 -24.81 -34.97 20.20
CA LYS E 51 -24.50 -36.00 19.22
C LYS E 51 -25.38 -35.91 17.98
N TYR E 52 -24.91 -36.50 16.90
CA TYR E 52 -25.63 -36.51 15.63
C TYR E 52 -25.02 -37.59 14.74
N ASN E 53 -25.85 -38.49 14.24
CA ASN E 53 -25.39 -39.57 13.37
C ASN E 53 -24.14 -40.31 13.84
N GLY E 54 -24.06 -40.60 15.14
CA GLY E 54 -22.92 -41.33 15.66
C GLY E 54 -21.67 -40.57 16.03
N GLU E 55 -21.65 -39.25 15.83
CA GLU E 55 -20.48 -38.45 16.16
C GLU E 55 -20.83 -37.33 17.14
N THR E 56 -19.82 -36.88 17.89
CA THR E 56 -20.01 -35.77 18.81
C THR E 56 -19.86 -34.51 17.95
N VAL E 57 -20.72 -33.53 18.17
CA VAL E 57 -20.69 -32.29 17.38
C VAL E 57 -21.03 -31.10 18.26
N SER E 58 -20.43 -29.95 17.97
CA SER E 58 -20.72 -28.73 18.72
C SER E 58 -21.27 -27.65 17.78
N ILE E 59 -22.10 -26.77 18.34
CA ILE E 59 -22.66 -25.65 17.58
C ILE E 59 -22.21 -24.42 18.35
N ALA E 60 -21.45 -23.55 17.70
CA ALA E 60 -20.89 -22.36 18.34
C ALA E 60 -21.24 -21.04 17.68
N THR E 61 -21.40 -20.00 18.51
CA THR E 61 -21.72 -18.64 18.05
C THR E 61 -20.41 -17.88 17.80
N HIS E 62 -20.29 -17.17 16.69
CA HIS E 62 -19.05 -16.44 16.44
C HIS E 62 -19.17 -14.93 16.39
N GLY E 63 -20.38 -14.40 16.56
CA GLY E 63 -20.55 -12.95 16.52
C GLY E 63 -20.45 -12.40 15.12
N ILE E 64 -20.31 -11.09 14.99
CA ILE E 64 -20.21 -10.46 13.68
C ILE E 64 -18.83 -9.89 13.36
N GLY E 65 -18.30 -10.22 12.19
CA GLY E 65 -17.01 -9.69 11.78
C GLY E 65 -15.78 -10.56 11.93
N GLY E 66 -14.77 -10.27 11.13
CA GLY E 66 -13.53 -11.04 11.15
C GLY E 66 -12.85 -11.10 12.51
N PRO E 67 -12.69 -9.96 13.20
CA PRO E 67 -12.03 -9.98 14.51
C PRO E 67 -12.72 -10.90 15.52
N SER E 68 -14.05 -10.92 15.50
CA SER E 68 -14.82 -11.76 16.41
C SER E 68 -14.70 -13.26 16.09
N ILE E 69 -14.87 -13.64 14.83
CA ILE E 69 -14.77 -15.05 14.49
C ILE E 69 -13.33 -15.55 14.65
N ALA E 70 -12.34 -14.69 14.45
CA ALA E 70 -10.96 -15.12 14.61
C ALA E 70 -10.72 -15.59 16.06
N ILE E 71 -11.21 -14.79 17.01
CA ILE E 71 -11.07 -15.11 18.43
C ILE E 71 -11.79 -16.42 18.76
N VAL E 72 -13.02 -16.57 18.29
CA VAL E 72 -13.78 -17.78 18.58
C VAL E 72 -13.13 -19.02 17.98
N LEU E 73 -12.72 -18.96 16.72
CA LEU E 73 -12.06 -20.10 16.07
C LEU E 73 -10.79 -20.48 16.84
N GLU E 74 -9.96 -19.48 17.12
CA GLU E 74 -8.71 -19.73 17.85
C GLU E 74 -8.94 -20.45 19.18
N GLU E 75 -9.94 -20.01 19.96
CA GLU E 75 -10.21 -20.64 21.25
C GLU E 75 -10.87 -22.01 21.15
N LEU E 76 -11.73 -22.20 20.15
CA LEU E 76 -12.38 -23.49 19.95
C LEU E 76 -11.29 -24.51 19.58
N ALA E 77 -10.32 -24.06 18.79
CA ALA E 77 -9.21 -24.93 18.36
C ALA E 77 -8.35 -25.33 19.56
N MET E 78 -8.12 -24.39 20.47
CA MET E 78 -7.32 -24.66 21.66
C MET E 78 -8.05 -25.66 22.54
N LEU E 79 -9.36 -25.77 22.34
CA LEU E 79 -10.19 -26.70 23.11
C LEU E 79 -10.45 -28.02 22.38
N GLY E 80 -9.81 -28.20 21.23
CA GLY E 80 -9.97 -29.45 20.50
C GLY E 80 -10.63 -29.44 19.13
N ALA E 81 -11.19 -28.31 18.71
CA ALA E 81 -11.86 -28.24 17.42
C ALA E 81 -10.86 -28.13 16.27
N ASN E 82 -11.12 -28.83 15.15
CA ASN E 82 -10.25 -28.76 13.99
C ASN E 82 -10.99 -28.81 12.65
N VAL E 83 -12.31 -29.00 12.69
CA VAL E 83 -13.13 -29.02 11.48
C VAL E 83 -14.26 -28.03 11.72
N PHE E 84 -14.34 -26.99 10.90
CA PHE E 84 -15.37 -25.97 11.06
C PHE E 84 -16.20 -25.72 9.80
N ILE E 85 -17.51 -25.66 9.96
CA ILE E 85 -18.38 -25.33 8.83
C ILE E 85 -19.28 -24.18 9.27
N ARG E 86 -19.07 -23.01 8.66
CA ARG E 86 -19.85 -21.83 8.97
C ARG E 86 -21.18 -21.92 8.21
N TYR E 87 -22.26 -21.59 8.91
CA TYR E 87 -23.59 -21.60 8.33
C TYR E 87 -24.15 -20.22 8.65
N GLY E 88 -24.22 -19.36 7.63
CA GLY E 88 -24.70 -18.02 7.88
C GLY E 88 -25.77 -17.55 6.91
N THR E 89 -25.97 -16.24 6.87
CA THR E 89 -26.95 -15.63 5.98
C THR E 89 -26.17 -14.72 5.04
N THR E 90 -26.76 -14.40 3.90
CA THR E 90 -26.04 -13.57 2.97
C THR E 90 -26.94 -12.80 2.01
N GLY E 91 -26.37 -11.77 1.38
CA GLY E 91 -27.10 -10.97 0.42
C GLY E 91 -26.54 -11.27 -0.97
N ALA E 92 -27.37 -11.81 -1.84
CA ALA E 92 -26.95 -12.14 -3.19
C ALA E 92 -26.55 -10.89 -3.99
N LEU E 93 -25.60 -11.04 -4.90
CA LEU E 93 -25.12 -9.94 -5.72
C LEU E 93 -25.54 -10.09 -7.18
N VAL E 94 -26.23 -11.19 -7.47
CA VAL E 94 -26.74 -11.47 -8.81
C VAL E 94 -28.25 -11.67 -8.68
N PRO E 95 -29.04 -11.15 -9.64
CA PRO E 95 -30.50 -11.27 -9.61
C PRO E 95 -31.14 -12.66 -9.78
N TYR E 96 -30.42 -13.60 -10.38
CA TYR E 96 -31.01 -14.93 -10.60
C TYR E 96 -31.08 -15.85 -9.38
N ILE E 97 -30.54 -15.42 -8.25
CA ILE E 97 -30.58 -16.21 -7.02
C ILE E 97 -31.74 -15.72 -6.16
N ASN E 98 -32.61 -16.64 -5.75
CA ASN E 98 -33.78 -16.29 -4.95
C ASN E 98 -33.59 -16.43 -3.44
N LEU E 99 -34.41 -15.71 -2.69
CA LEU E 99 -34.36 -15.74 -1.24
C LEU E 99 -34.63 -17.16 -0.76
N GLY E 100 -33.98 -17.54 0.34
CA GLY E 100 -34.18 -18.86 0.89
C GLY E 100 -33.35 -19.95 0.24
N GLU E 101 -32.71 -19.64 -0.90
CA GLU E 101 -31.88 -20.64 -1.56
C GLU E 101 -30.51 -20.65 -0.89
N TYR E 102 -29.61 -21.55 -1.31
CA TYR E 102 -28.30 -21.65 -0.67
C TYR E 102 -27.09 -21.40 -1.56
N ILE E 103 -26.01 -20.95 -0.93
CA ILE E 103 -24.77 -20.70 -1.63
C ILE E 103 -23.65 -21.43 -0.92
N ILE E 104 -23.02 -22.35 -1.64
CA ILE E 104 -21.89 -23.10 -1.09
C ILE E 104 -20.65 -22.34 -1.58
N VAL E 105 -19.92 -21.78 -0.62
CA VAL E 105 -18.75 -20.94 -0.90
C VAL E 105 -17.46 -21.65 -1.32
N THR E 106 -16.90 -21.18 -2.44
CA THR E 106 -15.67 -21.73 -3.00
C THR E 106 -14.45 -20.83 -2.80
N GLY E 107 -14.66 -19.64 -2.25
CA GLY E 107 -13.56 -18.71 -2.04
C GLY E 107 -14.08 -17.38 -1.53
N ALA E 108 -13.20 -16.58 -0.94
CA ALA E 108 -13.61 -15.28 -0.41
C ALA E 108 -12.71 -14.12 -0.82
N SER E 109 -13.33 -13.09 -1.38
CA SER E 109 -12.62 -11.87 -1.79
C SER E 109 -12.60 -10.99 -0.54
N TYR E 110 -11.61 -10.11 -0.42
CA TYR E 110 -11.54 -9.23 0.74
C TYR E 110 -10.60 -8.06 0.51
N ASN E 111 -10.80 -6.98 1.27
CA ASN E 111 -9.93 -5.83 1.16
C ASN E 111 -8.76 -6.04 2.11
N GLN E 112 -7.57 -5.63 1.70
CA GLN E 112 -6.41 -5.78 2.57
C GLN E 112 -6.69 -4.98 3.84
N GLY E 113 -6.38 -5.54 5.00
CA GLY E 113 -6.66 -4.81 6.22
C GLY E 113 -5.95 -5.35 7.44
N GLY E 114 -6.12 -4.64 8.55
CA GLY E 114 -5.51 -5.02 9.81
C GLY E 114 -5.39 -6.48 10.16
N LEU E 115 -6.50 -7.20 10.28
CA LEU E 115 -6.46 -8.60 10.66
C LEU E 115 -5.51 -9.43 9.79
N PHE E 116 -5.67 -9.32 8.48
CA PHE E 116 -4.82 -10.08 7.58
C PHE E 116 -3.35 -9.67 7.68
N TYR E 117 -3.09 -8.38 7.89
CA TYR E 117 -1.72 -7.90 8.02
C TYR E 117 -1.08 -8.40 9.32
N GLN E 118 -1.84 -8.40 10.41
CA GLN E 118 -1.32 -8.86 11.69
C GLN E 118 -0.99 -10.35 11.66
N TYR E 119 -1.81 -11.13 10.96
CA TYR E 119 -1.58 -12.57 10.87
C TYR E 119 -0.57 -13.00 9.79
N LEU E 120 -0.59 -12.31 8.65
CA LEU E 120 0.29 -12.65 7.54
C LEU E 120 1.64 -11.92 7.53
N ARG E 121 1.71 -10.80 8.23
CA ARG E 121 2.92 -9.99 8.34
C ARG E 121 3.25 -9.13 7.12
N ASP E 122 2.41 -9.19 6.10
CA ASP E 122 2.58 -8.33 4.92
C ASP E 122 1.29 -8.28 4.11
N ASN E 123 1.30 -7.57 2.99
CA ASN E 123 0.12 -7.37 2.16
C ASN E 123 -0.20 -8.42 1.09
N ALA E 124 0.46 -9.56 1.14
CA ALA E 124 0.23 -10.62 0.14
C ALA E 124 -1.22 -11.09 0.11
N CYS E 125 -1.74 -11.37 -1.08
CA CYS E 125 -3.09 -11.87 -1.21
C CYS E 125 -3.07 -13.39 -1.17
N VAL E 126 -3.05 -13.93 0.03
CA VAL E 126 -3.04 -15.37 0.24
C VAL E 126 -4.41 -15.91 -0.19
N ALA E 127 -4.41 -17.03 -0.92
CA ALA E 127 -5.65 -17.61 -1.39
C ALA E 127 -6.56 -17.95 -0.21
N SER E 128 -7.74 -17.32 -0.18
CA SER E 128 -8.69 -17.55 0.90
C SER E 128 -9.74 -18.54 0.40
N THR E 129 -9.45 -19.81 0.54
CA THR E 129 -10.32 -20.86 0.05
C THR E 129 -10.64 -21.92 1.09
N PRO E 130 -11.79 -22.58 0.95
CA PRO E 130 -12.20 -23.63 1.89
C PRO E 130 -11.52 -24.95 1.55
N ASP E 131 -11.68 -25.94 2.43
CA ASP E 131 -11.12 -27.26 2.18
C ASP E 131 -11.91 -27.82 1.00
N PHE E 132 -11.20 -28.26 -0.04
CA PHE E 132 -11.84 -28.79 -1.24
C PHE E 132 -12.68 -30.02 -0.95
N GLU E 133 -12.10 -30.98 -0.25
CA GLU E 133 -12.82 -32.21 0.08
C GLU E 133 -14.09 -31.94 0.90
N LEU E 134 -13.95 -31.17 1.96
CA LEU E 134 -15.10 -30.85 2.81
C LEU E 134 -16.20 -30.14 2.02
N THR E 135 -15.80 -29.23 1.13
CA THR E 135 -16.77 -28.50 0.32
C THR E 135 -17.54 -29.43 -0.61
N ASN E 136 -16.85 -30.41 -1.19
CA ASN E 136 -17.53 -31.35 -2.07
C ASN E 136 -18.52 -32.21 -1.27
N LYS E 137 -18.20 -32.46 0.00
CA LYS E 137 -19.11 -33.25 0.84
C LYS E 137 -20.39 -32.45 1.08
N LEU E 138 -20.26 -31.13 1.22
CA LEU E 138 -21.41 -30.25 1.43
C LEU E 138 -22.31 -30.33 0.20
N VAL E 139 -21.70 -30.23 -0.98
CA VAL E 139 -22.44 -30.29 -2.23
C VAL E 139 -23.23 -31.60 -2.26
N THR E 140 -22.59 -32.69 -1.86
CA THR E 140 -23.26 -34.00 -1.85
C THR E 140 -24.44 -34.03 -0.88
N SER E 141 -24.26 -33.49 0.31
CA SER E 141 -25.34 -33.48 1.30
C SER E 141 -26.52 -32.63 0.85
N PHE E 142 -26.26 -31.44 0.31
CA PHE E 142 -27.34 -30.59 -0.14
C PHE E 142 -28.05 -31.17 -1.34
N SER E 143 -27.30 -31.90 -2.17
CA SER E 143 -27.87 -32.52 -3.35
C SER E 143 -28.78 -33.67 -2.93
N LYS E 144 -28.32 -34.47 -1.97
CA LYS E 144 -29.12 -35.60 -1.48
C LYS E 144 -30.43 -35.15 -0.85
N ARG E 145 -30.46 -33.98 -0.22
CA ARG E 145 -31.68 -33.48 0.39
C ARG E 145 -32.51 -32.63 -0.58
N ASN E 146 -32.15 -32.70 -1.87
CA ASN E 146 -32.84 -31.98 -2.92
C ASN E 146 -33.04 -30.48 -2.67
N LEU E 147 -31.97 -29.82 -2.21
CA LEU E 147 -32.03 -28.39 -1.93
C LEU E 147 -31.39 -27.60 -3.09
N LYS E 148 -31.93 -26.41 -3.36
CA LYS E 148 -31.40 -25.58 -4.45
C LYS E 148 -30.25 -24.71 -3.97
N TYR E 149 -29.08 -24.94 -4.56
CA TYR E 149 -27.88 -24.20 -4.18
C TYR E 149 -27.07 -23.75 -5.40
N TYR E 150 -26.16 -22.83 -5.16
CA TYR E 150 -25.26 -22.32 -6.19
C TYR E 150 -23.87 -22.31 -5.59
N VAL E 151 -22.85 -22.63 -6.38
CA VAL E 151 -21.48 -22.61 -5.90
C VAL E 151 -20.78 -21.38 -6.45
N GLY E 152 -20.01 -20.70 -5.60
CA GLY E 152 -19.31 -19.52 -6.06
C GLY E 152 -18.58 -18.75 -4.97
N ASN E 153 -17.87 -17.71 -5.37
CA ASN E 153 -17.12 -16.88 -4.44
C ASN E 153 -18.00 -15.79 -3.82
N VAL E 154 -17.57 -15.31 -2.66
CA VAL E 154 -18.30 -14.25 -1.96
C VAL E 154 -17.30 -13.18 -1.52
N PHE E 155 -17.80 -11.97 -1.27
CA PHE E 155 -16.94 -10.90 -0.80
C PHE E 155 -17.20 -10.77 0.69
N SER E 156 -16.14 -10.82 1.49
CA SER E 156 -16.27 -10.67 2.93
C SER E 156 -16.03 -9.21 3.28
N SER E 157 -17.13 -8.49 3.47
CA SER E 157 -17.10 -7.07 3.80
C SER E 157 -16.85 -6.82 5.29
N ASP E 158 -16.25 -5.68 5.61
CA ASP E 158 -15.98 -5.31 7.00
C ASP E 158 -16.91 -4.18 7.44
N ALA E 159 -17.58 -3.56 6.47
CA ALA E 159 -18.47 -2.44 6.76
C ALA E 159 -19.86 -2.57 6.15
N PHE E 160 -20.76 -3.17 6.92
CA PHE E 160 -22.15 -3.40 6.52
C PHE E 160 -22.81 -2.14 5.95
N TYR E 161 -22.59 -1.00 6.60
CA TYR E 161 -23.21 0.26 6.18
C TYR E 161 -22.46 1.13 5.19
N ALA E 162 -21.68 0.51 4.31
CA ALA E 162 -20.94 1.21 3.28
C ALA E 162 -21.11 0.47 1.94
N GLU E 163 -22.04 -0.47 1.90
CA GLU E 163 -22.31 -1.26 0.70
C GLU E 163 -23.40 -0.67 -0.20
N ASP E 164 -23.05 0.41 -0.90
CA ASP E 164 -23.99 1.09 -1.80
C ASP E 164 -24.21 0.35 -3.12
N GLU E 165 -24.88 0.99 -4.06
CA GLU E 165 -25.13 0.37 -5.37
C GLU E 165 -23.84 0.16 -6.15
N GLU E 166 -22.96 1.16 -6.14
CA GLU E 166 -21.69 1.04 -6.85
C GLU E 166 -21.03 -0.25 -6.36
N PHE E 167 -21.27 -0.55 -5.09
CA PHE E 167 -20.75 -1.73 -4.42
C PHE E 167 -21.18 -3.04 -5.11
N VAL E 168 -22.47 -3.16 -5.39
CA VAL E 168 -23.00 -4.36 -6.05
C VAL E 168 -22.34 -4.63 -7.40
N LYS E 169 -22.25 -3.59 -8.22
CA LYS E 169 -21.65 -3.70 -9.55
C LYS E 169 -20.17 -4.11 -9.49
N LYS E 170 -19.42 -3.49 -8.58
CA LYS E 170 -18.00 -3.80 -8.47
C LYS E 170 -17.73 -5.26 -8.13
N TRP E 171 -18.34 -5.75 -7.06
CA TRP E 171 -18.10 -7.13 -6.64
C TRP E 171 -18.71 -8.22 -7.53
N SER E 172 -19.86 -7.95 -8.13
CA SER E 172 -20.47 -8.94 -9.01
C SER E 172 -19.60 -9.09 -10.27
N SER E 173 -18.98 -8.00 -10.71
CA SER E 173 -18.12 -8.05 -11.90
C SER E 173 -16.78 -8.69 -11.58
N ARG E 174 -16.51 -8.93 -10.30
CA ARG E 174 -15.26 -9.55 -9.86
C ARG E 174 -15.43 -11.04 -9.59
N GLY E 175 -16.58 -11.60 -9.98
CA GLY E 175 -16.81 -13.02 -9.79
C GLY E 175 -17.45 -13.44 -8.48
N ASN E 176 -17.94 -12.49 -7.70
CA ASN E 176 -18.57 -12.82 -6.43
C ASN E 176 -20.09 -12.82 -6.60
N ILE E 177 -20.77 -13.82 -6.03
CA ILE E 177 -22.22 -13.91 -6.16
C ILE E 177 -22.99 -13.53 -4.90
N ALA E 178 -22.27 -13.16 -3.85
CA ALA E 178 -22.91 -12.77 -2.59
C ALA E 178 -21.93 -12.06 -1.66
N VAL E 179 -22.47 -11.42 -0.63
CA VAL E 179 -21.66 -10.70 0.34
C VAL E 179 -22.03 -11.08 1.77
N GLU E 180 -21.01 -11.27 2.59
CA GLU E 180 -21.18 -11.59 4.01
C GLU E 180 -19.98 -10.97 4.73
N MET E 181 -19.62 -11.43 5.93
CA MET E 181 -18.52 -10.77 6.62
C MET E 181 -17.41 -11.62 7.29
N GLU E 182 -17.58 -12.94 7.32
CA GLU E 182 -16.61 -13.78 8.02
C GLU E 182 -15.82 -14.84 7.24
N CYS E 183 -16.23 -15.17 6.03
CA CYS E 183 -15.55 -16.21 5.27
C CYS E 183 -14.06 -16.03 5.00
N ALA E 184 -13.63 -14.83 4.59
CA ALA E 184 -12.22 -14.62 4.31
C ALA E 184 -11.37 -14.93 5.53
N THR E 185 -11.82 -14.48 6.69
CA THR E 185 -11.10 -14.71 7.93
C THR E 185 -11.08 -16.22 8.26
N LEU E 186 -12.23 -16.87 8.14
CA LEU E 186 -12.31 -18.29 8.41
C LEU E 186 -11.35 -19.10 7.53
N PHE E 187 -11.44 -18.87 6.22
CA PHE E 187 -10.60 -19.62 5.26
C PHE E 187 -9.10 -19.40 5.41
N THR E 188 -8.69 -18.13 5.48
CA THR E 188 -7.26 -17.81 5.59
C THR E 188 -6.65 -18.33 6.88
N LEU E 189 -7.35 -18.11 7.99
CA LEU E 189 -6.85 -18.57 9.28
C LEU E 189 -6.77 -20.10 9.29
N SER E 190 -7.77 -20.77 8.71
CA SER E 190 -7.78 -22.23 8.67
C SER E 190 -6.59 -22.78 7.85
N LYS E 191 -6.27 -22.13 6.74
CA LYS E 191 -5.15 -22.57 5.90
C LYS E 191 -3.81 -22.43 6.64
N VAL E 192 -3.68 -21.35 7.40
CA VAL E 192 -2.46 -21.09 8.18
C VAL E 192 -2.35 -21.99 9.40
N LYS E 193 -3.47 -22.27 10.04
CA LYS E 193 -3.51 -23.09 11.25
C LYS E 193 -3.64 -24.59 11.03
N GLY E 194 -4.01 -24.99 9.80
CA GLY E 194 -4.18 -26.40 9.50
C GLY E 194 -5.56 -26.96 9.82
N TRP E 195 -6.58 -26.10 9.90
CA TRP E 195 -7.94 -26.57 10.17
C TRP E 195 -8.68 -26.84 8.86
N LYS E 196 -9.70 -27.69 8.90
CA LYS E 196 -10.50 -28.01 7.73
C LYS E 196 -11.81 -27.24 7.83
N SER E 197 -12.03 -26.27 6.95
CA SER E 197 -13.23 -25.45 7.01
C SER E 197 -14.00 -25.29 5.69
N ALA E 198 -15.27 -24.92 5.81
CA ALA E 198 -16.14 -24.72 4.65
C ALA E 198 -17.27 -23.79 5.08
N THR E 199 -18.11 -23.38 4.13
CA THR E 199 -19.22 -22.49 4.46
C THR E 199 -20.43 -22.64 3.54
N VAL E 200 -21.61 -22.60 4.13
CA VAL E 200 -22.86 -22.64 3.36
C VAL E 200 -23.61 -21.42 3.85
N LEU E 201 -24.26 -20.71 2.93
CA LEU E 201 -25.00 -19.50 3.31
C LEU E 201 -26.47 -19.55 2.87
N VAL E 202 -27.34 -18.92 3.66
CA VAL E 202 -28.76 -18.85 3.32
C VAL E 202 -29.00 -17.42 2.82
N VAL E 203 -29.54 -17.29 1.60
CA VAL E 203 -29.80 -15.98 1.04
C VAL E 203 -31.01 -15.31 1.70
N SER E 204 -30.76 -14.26 2.46
CA SER E 204 -31.82 -13.55 3.15
C SER E 204 -32.19 -12.23 2.46
N ASP E 205 -31.46 -11.91 1.39
CA ASP E 205 -31.73 -10.68 0.65
C ASP E 205 -30.99 -10.66 -0.67
N ASN E 206 -31.52 -9.92 -1.64
CA ASN E 206 -30.90 -9.80 -2.95
C ASN E 206 -30.67 -8.32 -3.22
N LEU E 207 -29.40 -7.94 -3.29
CA LEU E 207 -29.02 -6.55 -3.52
C LEU E 207 -29.12 -6.14 -4.99
N ALA E 208 -29.36 -7.11 -5.86
CA ALA E 208 -29.47 -6.85 -7.29
C ALA E 208 -30.91 -6.83 -7.80
N LYS E 209 -31.83 -7.38 -7.02
CA LYS E 209 -33.25 -7.43 -7.40
C LYS E 209 -34.14 -6.93 -6.27
N THR E 215 -41.36 -15.29 3.01
CA THR E 215 -41.98 -15.19 4.36
C THR E 215 -41.09 -15.76 5.45
N LYS E 216 -41.09 -15.12 6.61
CA LYS E 216 -40.28 -15.57 7.74
C LYS E 216 -40.58 -17.02 8.09
N GLU E 217 -41.72 -17.51 7.61
CA GLU E 217 -42.12 -18.89 7.84
C GLU E 217 -41.32 -19.78 6.90
N GLU E 218 -41.11 -19.27 5.69
CA GLU E 218 -40.36 -19.98 4.66
C GLU E 218 -38.86 -19.90 4.96
N LEU E 219 -38.44 -18.80 5.58
CA LEU E 219 -37.02 -18.61 5.91
C LEU E 219 -36.60 -19.57 7.01
N GLU E 220 -37.45 -19.72 8.03
CA GLU E 220 -37.16 -20.63 9.13
C GLU E 220 -36.95 -22.02 8.56
N LYS E 221 -37.87 -22.42 7.68
CA LYS E 221 -37.81 -23.72 7.03
C LYS E 221 -36.49 -23.88 6.29
N SER E 222 -36.09 -22.84 5.56
CA SER E 222 -34.85 -22.86 4.80
C SER E 222 -33.64 -23.02 5.71
N VAL E 223 -33.62 -22.27 6.81
CA VAL E 223 -32.52 -22.35 7.76
C VAL E 223 -32.43 -23.74 8.38
N MET E 224 -33.57 -24.29 8.80
CA MET E 224 -33.58 -25.62 9.39
C MET E 224 -33.15 -26.69 8.40
N ASP E 225 -33.71 -26.66 7.20
CA ASP E 225 -33.36 -27.66 6.19
C ASP E 225 -31.87 -27.64 5.88
N GLY E 226 -31.29 -26.45 5.82
CA GLY E 226 -29.88 -26.33 5.53
C GLY E 226 -29.01 -26.83 6.66
N ALA E 227 -29.42 -26.56 7.89
CA ALA E 227 -28.67 -26.99 9.06
C ALA E 227 -28.54 -28.51 9.11
N LYS E 228 -29.58 -29.21 8.69
CA LYS E 228 -29.55 -30.66 8.69
C LYS E 228 -28.53 -31.17 7.68
N ALA E 229 -28.50 -30.52 6.50
CA ALA E 229 -27.53 -30.91 5.48
C ALA E 229 -26.11 -30.68 5.98
N VAL E 230 -25.91 -29.58 6.71
CA VAL E 230 -24.57 -29.30 7.23
C VAL E 230 -24.16 -30.31 8.29
N LEU E 231 -25.09 -30.68 9.16
CA LEU E 231 -24.80 -31.66 10.21
C LEU E 231 -24.49 -33.03 9.58
N ASP E 232 -25.18 -33.36 8.49
CA ASP E 232 -24.92 -34.64 7.81
C ASP E 232 -23.48 -34.63 7.30
N THR E 233 -23.07 -33.50 6.75
CA THR E 233 -21.71 -33.34 6.21
C THR E 233 -20.66 -33.49 7.30
N LEU E 234 -20.83 -32.79 8.40
CA LEU E 234 -19.88 -32.85 9.51
C LEU E 234 -19.69 -34.26 10.05
N THR E 235 -20.70 -35.10 9.91
CA THR E 235 -20.63 -36.47 10.41
C THR E 235 -20.55 -37.49 9.29
N SER E 236 -20.18 -37.05 8.08
CA SER E 236 -20.08 -37.94 6.94
C SER E 236 -18.68 -38.56 6.85
N PRO F 3 -33.00 -0.42 10.74
CA PRO F 3 -32.14 -1.28 11.58
C PRO F 3 -32.56 -2.75 11.50
N VAL F 4 -31.58 -3.63 11.29
CA VAL F 4 -31.87 -5.05 11.18
C VAL F 4 -31.20 -5.88 12.28
N HIS F 5 -30.42 -5.22 13.14
CA HIS F 5 -29.74 -5.92 14.23
C HIS F 5 -30.33 -5.49 15.57
N ILE F 6 -30.45 -4.17 15.77
CA ILE F 6 -31.01 -3.62 17.00
C ILE F 6 -32.48 -3.31 16.71
N LEU F 7 -33.36 -4.21 17.17
CA LEU F 7 -34.79 -4.06 16.93
C LEU F 7 -35.57 -3.30 17.99
N ALA F 8 -35.26 -2.02 18.16
CA ALA F 8 -35.94 -1.18 19.14
C ALA F 8 -36.89 -0.26 18.38
N LYS F 9 -37.94 0.22 19.05
CA LYS F 9 -38.90 1.12 18.41
C LYS F 9 -38.55 2.59 18.67
N LYS F 10 -39.27 3.48 17.99
CA LYS F 10 -39.05 4.91 18.13
C LYS F 10 -39.11 5.37 19.58
N GLY F 11 -38.11 6.15 19.98
CA GLY F 11 -38.07 6.66 21.35
C GLY F 11 -37.59 5.69 22.43
N GLU F 12 -37.22 4.47 22.07
CA GLU F 12 -36.76 3.51 23.07
C GLU F 12 -35.26 3.59 23.34
N VAL F 13 -34.52 4.25 22.45
CA VAL F 13 -33.08 4.40 22.62
C VAL F 13 -32.78 5.85 23.00
N ALA F 14 -32.02 6.04 24.07
CA ALA F 14 -31.68 7.37 24.55
C ALA F 14 -30.62 8.02 23.68
N GLU F 15 -30.50 9.34 23.79
CA GLU F 15 -29.50 10.08 23.01
C GLU F 15 -28.11 9.76 23.53
N ARG F 16 -28.00 9.60 24.85
CA ARG F 16 -26.73 9.28 25.48
C ARG F 16 -26.67 7.79 25.76
N VAL F 17 -25.60 7.15 25.30
CA VAL F 17 -25.45 5.72 25.46
C VAL F 17 -24.08 5.29 25.97
N LEU F 18 -24.08 4.38 26.93
CA LEU F 18 -22.85 3.83 27.47
C LEU F 18 -22.75 2.51 26.70
N VAL F 19 -21.68 2.34 25.94
CA VAL F 19 -21.54 1.11 25.15
C VAL F 19 -20.45 0.19 25.67
N VAL F 20 -20.77 -1.10 25.79
CA VAL F 20 -19.83 -2.10 26.28
C VAL F 20 -19.79 -3.30 25.34
N GLY F 21 -18.67 -4.02 25.33
CA GLY F 21 -18.57 -5.16 24.44
C GLY F 21 -19.28 -6.42 24.90
N ASP F 22 -19.22 -6.67 26.21
CA ASP F 22 -19.80 -7.87 26.80
C ASP F 22 -21.26 -7.70 27.24
N PRO F 23 -22.18 -8.53 26.68
CA PRO F 23 -23.58 -8.41 27.06
C PRO F 23 -23.76 -8.68 28.56
N GLY F 24 -22.88 -9.50 29.11
CA GLY F 24 -22.94 -9.81 30.52
C GLY F 24 -22.72 -8.54 31.33
N ARG F 25 -21.82 -7.69 30.86
CA ARG F 25 -21.54 -6.43 31.54
C ARG F 25 -22.71 -5.46 31.37
N ALA F 26 -23.35 -5.50 30.20
CA ALA F 26 -24.49 -4.63 29.95
C ALA F 26 -25.60 -4.89 30.97
N ARG F 27 -25.93 -6.17 31.15
CA ARG F 27 -26.98 -6.55 32.09
C ARG F 27 -26.59 -6.16 33.52
N LEU F 28 -25.36 -6.47 33.90
CA LEU F 28 -24.87 -6.15 35.23
C LEU F 28 -24.92 -4.65 35.53
N LEU F 29 -24.51 -3.82 34.56
CA LEU F 29 -24.53 -2.39 34.77
C LEU F 29 -25.93 -1.79 34.75
N SER F 30 -26.87 -2.49 34.12
CA SER F 30 -28.24 -1.99 34.06
C SER F 30 -28.85 -1.89 35.46
N THR F 31 -28.28 -2.60 36.43
CA THR F 31 -28.80 -2.56 37.79
C THR F 31 -28.49 -1.23 38.47
N LEU F 32 -27.64 -0.41 37.83
CA LEU F 32 -27.30 0.90 38.37
C LEU F 32 -28.31 1.94 37.87
N LEU F 33 -29.27 1.51 37.04
CA LEU F 33 -30.28 2.42 36.49
C LEU F 33 -31.64 2.30 37.19
N GLN F 34 -32.44 3.36 37.07
CA GLN F 34 -33.78 3.41 37.65
C GLN F 34 -34.76 2.78 36.66
N ASN F 35 -35.50 1.77 37.11
CA ASN F 35 -36.48 1.08 36.28
C ASN F 35 -35.96 0.70 34.90
N PRO F 36 -34.86 -0.06 34.85
CA PRO F 36 -34.27 -0.48 33.58
C PRO F 36 -35.20 -1.36 32.75
N LYS F 37 -35.23 -1.14 31.45
CA LYS F 37 -36.05 -1.94 30.56
C LYS F 37 -35.20 -2.44 29.40
N LEU F 38 -35.38 -3.72 29.06
CA LEU F 38 -34.63 -4.33 27.96
C LEU F 38 -35.36 -3.96 26.65
N THR F 39 -34.72 -3.14 25.83
CA THR F 39 -35.33 -2.72 24.57
C THR F 39 -34.88 -3.54 23.36
N ASN F 40 -33.88 -4.40 23.55
CA ASN F 40 -33.39 -5.25 22.46
C ASN F 40 -32.53 -6.40 22.97
N GLU F 41 -32.66 -7.55 22.32
CA GLU F 41 -31.88 -8.73 22.67
C GLU F 41 -31.53 -9.49 21.39
N ASN F 42 -31.96 -8.97 20.26
CA ASN F 42 -31.70 -9.61 18.98
C ASN F 42 -30.20 -9.76 18.70
N ARG F 43 -29.82 -10.95 18.24
CA ARG F 43 -28.43 -11.27 17.92
C ARG F 43 -27.47 -11.16 19.10
N GLY F 44 -28.03 -11.11 20.31
CA GLY F 44 -27.21 -11.02 21.49
C GLY F 44 -26.81 -9.62 21.92
N PHE F 45 -27.12 -8.61 21.11
CA PHE F 45 -26.77 -7.24 21.46
C PHE F 45 -27.77 -6.65 22.45
N LEU F 46 -27.56 -6.92 23.74
CA LEU F 46 -28.45 -6.43 24.77
C LEU F 46 -28.40 -4.92 24.94
N VAL F 47 -29.57 -4.29 24.97
CA VAL F 47 -29.67 -2.85 25.14
C VAL F 47 -30.70 -2.57 26.24
N TYR F 48 -30.29 -1.80 27.24
CA TYR F 48 -31.19 -1.44 28.33
C TYR F 48 -31.36 0.07 28.35
N THR F 49 -32.55 0.52 28.75
CA THR F 49 -32.82 1.95 28.84
C THR F 49 -33.48 2.23 30.19
N GLY F 50 -33.01 3.26 30.87
CA GLY F 50 -33.56 3.62 32.17
C GLY F 50 -33.11 5.01 32.56
N LYS F 51 -33.06 5.29 33.86
CA LYS F 51 -32.64 6.61 34.32
C LYS F 51 -31.51 6.58 35.33
N TYR F 52 -30.68 7.61 35.29
CA TYR F 52 -29.55 7.77 36.20
C TYR F 52 -29.57 9.24 36.61
N ASN F 53 -29.55 9.52 37.91
CA ASN F 53 -29.61 10.89 38.39
C ASN F 53 -30.85 11.55 37.76
N GLY F 54 -31.88 10.75 37.57
CA GLY F 54 -33.12 11.25 36.98
C GLY F 54 -33.02 11.56 35.50
N GLU F 55 -31.94 11.08 34.87
CA GLU F 55 -31.71 11.31 33.46
C GLU F 55 -31.83 10.03 32.64
N THR F 56 -32.52 10.10 31.50
CA THR F 56 -32.70 8.93 30.65
C THR F 56 -31.39 8.59 29.92
N VAL F 57 -31.02 7.31 29.96
CA VAL F 57 -29.81 6.83 29.30
C VAL F 57 -29.98 5.38 28.88
N SER F 58 -29.07 4.90 28.05
CA SER F 58 -29.12 3.53 27.60
C SER F 58 -27.73 2.91 27.76
N ILE F 59 -27.70 1.60 27.92
CA ILE F 59 -26.44 0.85 28.03
C ILE F 59 -26.58 -0.20 26.94
N ALA F 60 -25.68 -0.17 25.96
CA ALA F 60 -25.77 -1.10 24.84
C ALA F 60 -24.54 -1.98 24.61
N THR F 61 -24.79 -3.20 24.14
CA THR F 61 -23.73 -4.18 23.86
C THR F 61 -23.26 -4.00 22.42
N HIS F 62 -21.94 -4.02 22.19
CA HIS F 62 -21.44 -3.88 20.83
C HIS F 62 -20.64 -5.06 20.29
N GLY F 63 -20.41 -6.07 21.13
CA GLY F 63 -19.65 -7.24 20.68
C GLY F 63 -18.18 -6.93 20.50
N ILE F 64 -17.44 -7.85 19.88
CA ILE F 64 -16.01 -7.71 19.68
C ILE F 64 -15.59 -7.31 18.26
N GLY F 65 -14.75 -6.29 18.16
CA GLY F 65 -14.24 -5.87 16.85
C GLY F 65 -14.86 -4.68 16.16
N GLY F 66 -14.06 -4.04 15.31
CA GLY F 66 -14.52 -2.88 14.56
C GLY F 66 -15.76 -3.12 13.71
N PRO F 67 -15.82 -4.21 12.92
CA PRO F 67 -17.01 -4.44 12.10
C PRO F 67 -18.28 -4.60 12.95
N SER F 68 -18.15 -5.16 14.14
CA SER F 68 -19.32 -5.36 15.00
C SER F 68 -19.77 -4.03 15.61
N ILE F 69 -18.84 -3.27 16.18
CA ILE F 69 -19.22 -2.00 16.80
C ILE F 69 -19.73 -0.99 15.76
N ALA F 70 -19.21 -1.07 14.53
CA ALA F 70 -19.67 -0.14 13.49
C ALA F 70 -21.18 -0.33 13.27
N ILE F 71 -21.60 -1.58 13.10
CA ILE F 71 -23.01 -1.89 12.89
C ILE F 71 -23.86 -1.39 14.05
N VAL F 72 -23.44 -1.68 15.28
CA VAL F 72 -24.18 -1.28 16.47
C VAL F 72 -24.30 0.24 16.58
N LEU F 73 -23.20 0.96 16.40
CA LEU F 73 -23.24 2.43 16.47
C LEU F 73 -24.14 3.00 15.37
N GLU F 74 -24.01 2.49 14.15
CA GLU F 74 -24.84 2.98 13.04
C GLU F 74 -26.33 2.81 13.32
N GLU F 75 -26.71 1.66 13.88
CA GLU F 75 -28.11 1.40 14.16
C GLU F 75 -28.64 2.17 15.38
N LEU F 76 -27.82 2.32 16.42
CA LEU F 76 -28.23 3.08 17.60
C LEU F 76 -28.45 4.54 17.19
N ALA F 77 -27.60 5.04 16.29
CA ALA F 77 -27.69 6.40 15.80
C ALA F 77 -28.97 6.58 14.99
N MET F 78 -29.34 5.56 14.21
CA MET F 78 -30.56 5.60 13.42
C MET F 78 -31.76 5.66 14.36
N LEU F 79 -31.60 5.09 15.56
CA LEU F 79 -32.67 5.07 16.55
C LEU F 79 -32.67 6.33 17.42
N GLY F 80 -31.76 7.27 17.15
CA GLY F 80 -31.73 8.50 17.91
C GLY F 80 -30.53 8.81 18.79
N ALA F 81 -29.58 7.88 18.89
CA ALA F 81 -28.40 8.11 19.72
C ALA F 81 -27.37 9.00 19.02
N ASN F 82 -26.70 9.86 19.79
CA ASN F 82 -25.69 10.76 19.24
C ASN F 82 -24.49 11.01 20.15
N VAL F 83 -24.53 10.46 21.36
CA VAL F 83 -23.44 10.59 22.31
C VAL F 83 -23.07 9.19 22.80
N PHE F 84 -21.83 8.78 22.57
CA PHE F 84 -21.39 7.44 22.97
C PHE F 84 -20.14 7.43 23.82
N ILE F 85 -20.18 6.71 24.93
CA ILE F 85 -19.00 6.57 25.76
C ILE F 85 -18.75 5.06 25.90
N ARG F 86 -17.68 4.59 25.29
CA ARG F 86 -17.34 3.18 25.38
C ARG F 86 -16.69 2.92 26.73
N TYR F 87 -17.10 1.84 27.36
CA TYR F 87 -16.56 1.46 28.65
C TYR F 87 -16.25 -0.02 28.53
N GLY F 88 -14.97 -0.34 28.35
CA GLY F 88 -14.59 -1.72 28.19
C GLY F 88 -13.39 -2.13 29.00
N THR F 89 -12.72 -3.19 28.54
CA THR F 89 -11.54 -3.71 29.21
C THR F 89 -10.35 -3.57 28.27
N THR F 90 -9.15 -3.66 28.82
CA THR F 90 -7.96 -3.50 28.00
C THR F 90 -6.75 -4.14 28.64
N GLY F 91 -5.71 -4.36 27.83
CA GLY F 91 -4.48 -4.93 28.33
C GLY F 91 -3.44 -3.82 28.25
N ALA F 92 -2.81 -3.51 29.38
CA ALA F 92 -1.80 -2.45 29.40
C ALA F 92 -0.55 -2.87 28.62
N LEU F 93 0.15 -1.90 28.05
CA LEU F 93 1.36 -2.16 27.28
C LEU F 93 2.61 -1.64 27.98
N VAL F 94 2.42 -1.06 29.17
CA VAL F 94 3.51 -0.54 29.98
C VAL F 94 3.41 -1.23 31.36
N PRO F 95 4.56 -1.54 31.97
CA PRO F 95 4.61 -2.22 33.28
C PRO F 95 4.10 -1.50 34.53
N TYR F 96 4.15 -0.17 34.55
CA TYR F 96 3.72 0.55 35.74
C TYR F 96 2.21 0.65 36.01
N ILE F 97 1.39 0.17 35.08
CA ILE F 97 -0.06 0.21 35.25
C ILE F 97 -0.57 -1.08 35.87
N ASN F 98 -1.30 -0.96 36.98
CA ASN F 98 -1.84 -2.12 37.70
C ASN F 98 -3.23 -2.52 37.25
N LEU F 99 -3.58 -3.78 37.50
CA LEU F 99 -4.90 -4.28 37.13
C LEU F 99 -5.98 -3.62 37.97
N GLY F 100 -7.10 -3.29 37.34
CA GLY F 100 -8.17 -2.64 38.07
C GLY F 100 -8.16 -1.13 37.96
N GLU F 101 -7.05 -0.57 37.47
CA GLU F 101 -6.95 0.87 37.30
C GLU F 101 -7.61 1.25 35.97
N TYR F 102 -7.70 2.55 35.68
CA TYR F 102 -8.38 2.97 34.46
C TYR F 102 -7.54 3.79 33.48
N ILE F 103 -7.93 3.71 32.21
CA ILE F 103 -7.27 4.47 31.17
C ILE F 103 -8.31 5.30 30.43
N ILE F 104 -8.06 6.59 30.34
CA ILE F 104 -8.96 7.51 29.65
C ILE F 104 -8.27 7.75 28.32
N VAL F 105 -8.88 7.25 27.26
CA VAL F 105 -8.34 7.31 25.91
C VAL F 105 -8.33 8.66 25.23
N THR F 106 -7.16 9.05 24.72
CA THR F 106 -6.97 10.31 24.01
C THR F 106 -6.82 10.14 22.49
N GLY F 107 -6.72 8.89 22.05
CA GLY F 107 -6.57 8.63 20.63
C GLY F 107 -6.32 7.16 20.37
N ALA F 108 -6.50 6.73 19.14
CA ALA F 108 -6.31 5.32 18.82
C ALA F 108 -5.46 5.08 17.57
N SER F 109 -4.43 4.27 17.71
CA SER F 109 -3.56 3.91 16.58
C SER F 109 -4.23 2.69 15.95
N TYR F 110 -3.95 2.46 14.67
CA TYR F 110 -4.54 1.30 13.98
C TYR F 110 -3.81 0.97 12.69
N ASN F 111 -3.99 -0.25 12.20
CA ASN F 111 -3.38 -0.65 10.93
C ASN F 111 -4.45 -0.36 9.89
N GLN F 112 -4.07 0.27 8.79
CA GLN F 112 -5.04 0.62 7.77
C GLN F 112 -5.64 -0.58 7.05
N GLY F 113 -6.69 -0.33 6.27
CA GLY F 113 -7.34 -1.39 5.53
C GLY F 113 -8.77 -1.63 5.94
N GLY F 114 -9.31 -2.75 5.47
CA GLY F 114 -10.67 -3.15 5.77
C GLY F 114 -11.75 -2.10 5.93
N LEU F 115 -12.25 -2.01 7.14
CA LEU F 115 -13.32 -1.09 7.50
C LEU F 115 -13.02 0.37 7.16
N PHE F 116 -11.82 0.82 7.49
CA PHE F 116 -11.45 2.20 7.23
C PHE F 116 -11.41 2.51 5.73
N TYR F 117 -10.90 1.58 4.93
CA TYR F 117 -10.86 1.80 3.48
C TYR F 117 -12.28 1.90 2.92
N GLN F 118 -13.18 1.05 3.40
CA GLN F 118 -14.56 1.07 2.93
C GLN F 118 -15.30 2.36 3.28
N TYR F 119 -15.08 2.88 4.48
CA TYR F 119 -15.72 4.12 4.91
C TYR F 119 -15.04 5.39 4.38
N LEU F 120 -13.71 5.39 4.38
CA LEU F 120 -12.95 6.57 3.95
C LEU F 120 -12.65 6.64 2.46
N ARG F 121 -12.74 5.50 1.78
CA ARG F 121 -12.51 5.42 0.34
C ARG F 121 -11.05 5.54 -0.13
N ASP F 122 -10.13 5.52 0.82
CA ASP F 122 -8.69 5.57 0.53
C ASP F 122 -7.94 5.18 1.79
N ASN F 123 -6.61 5.27 1.76
CA ASN F 123 -5.83 4.87 2.93
C ASN F 123 -5.24 5.98 3.78
N ALA F 124 -5.83 7.18 3.73
CA ALA F 124 -5.32 8.28 4.54
C ALA F 124 -5.43 7.96 6.03
N CYS F 125 -4.46 8.41 6.81
CA CYS F 125 -4.52 8.18 8.25
C CYS F 125 -5.27 9.33 8.88
N VAL F 126 -6.59 9.17 8.97
CA VAL F 126 -7.45 10.20 9.56
C VAL F 126 -7.25 10.17 11.07
N ALA F 127 -7.15 11.33 11.70
CA ALA F 127 -6.97 11.42 13.14
C ALA F 127 -8.13 10.72 13.84
N SER F 128 -7.81 9.68 14.61
CA SER F 128 -8.82 8.91 15.32
C SER F 128 -8.81 9.35 16.77
N THR F 129 -9.59 10.38 17.07
CA THR F 129 -9.62 10.93 18.42
C THR F 129 -11.04 11.12 18.95
N PRO F 130 -11.19 11.12 20.29
CA PRO F 130 -12.49 11.30 20.94
C PRO F 130 -12.86 12.78 21.00
N ASP F 131 -14.09 13.07 21.45
CA ASP F 131 -14.52 14.45 21.59
C ASP F 131 -13.70 15.06 22.72
N PHE F 132 -13.13 16.23 22.46
CA PHE F 132 -12.28 16.93 23.43
C PHE F 132 -12.98 17.25 24.76
N GLU F 133 -14.13 17.92 24.68
CA GLU F 133 -14.88 18.29 25.87
C GLU F 133 -15.33 17.09 26.71
N LEU F 134 -15.91 16.10 26.05
CA LEU F 134 -16.40 14.90 26.73
C LEU F 134 -15.27 14.17 27.46
N THR F 135 -14.11 14.07 26.82
CA THR F 135 -12.98 13.40 27.43
C THR F 135 -12.54 14.13 28.71
N ASN F 136 -12.54 15.46 28.69
CA ASN F 136 -12.15 16.21 29.89
C ASN F 136 -13.19 16.06 30.99
N LYS F 137 -14.45 15.85 30.61
CA LYS F 137 -15.52 15.66 31.59
C LYS F 137 -15.24 14.35 32.34
N LEU F 138 -14.81 13.33 31.61
CA LEU F 138 -14.50 12.03 32.22
C LEU F 138 -13.34 12.14 33.19
N VAL F 139 -12.34 12.94 32.83
CA VAL F 139 -11.17 13.13 33.69
C VAL F 139 -11.60 13.76 35.01
N THR F 140 -12.48 14.74 34.93
CA THR F 140 -12.98 15.43 36.10
C THR F 140 -13.78 14.48 36.98
N SER F 141 -14.63 13.68 36.34
CA SER F 141 -15.47 12.73 37.06
C SER F 141 -14.64 11.66 37.79
N PHE F 142 -13.67 11.09 37.10
CA PHE F 142 -12.84 10.06 37.73
C PHE F 142 -11.98 10.61 38.85
N SER F 143 -11.42 11.80 38.67
CA SER F 143 -10.60 12.40 39.71
C SER F 143 -11.47 12.78 40.92
N LYS F 144 -12.74 13.09 40.64
CA LYS F 144 -13.69 13.45 41.69
C LYS F 144 -14.02 12.25 42.57
N ARG F 145 -14.13 11.08 41.95
CA ARG F 145 -14.43 9.85 42.68
C ARG F 145 -13.13 9.20 43.16
N ASN F 146 -12.06 9.98 43.16
CA ASN F 146 -10.74 9.53 43.59
C ASN F 146 -10.31 8.17 43.05
N LEU F 147 -10.51 7.99 41.74
CA LEU F 147 -10.14 6.73 41.07
C LEU F 147 -8.78 6.91 40.38
N LYS F 148 -7.96 5.86 40.40
CA LYS F 148 -6.64 5.92 39.78
C LYS F 148 -6.74 5.70 38.28
N TYR F 149 -6.32 6.69 37.51
CA TYR F 149 -6.40 6.60 36.05
C TYR F 149 -5.19 7.20 35.35
N TYR F 150 -5.00 6.81 34.09
CA TYR F 150 -3.92 7.31 33.27
C TYR F 150 -4.57 7.80 31.97
N VAL F 151 -3.98 8.81 31.35
CA VAL F 151 -4.52 9.36 30.12
C VAL F 151 -3.51 9.05 29.00
N GLY F 152 -4.00 8.51 27.88
CA GLY F 152 -3.10 8.19 26.79
C GLY F 152 -3.76 7.51 25.60
N ASN F 153 -2.95 7.25 24.57
CA ASN F 153 -3.44 6.60 23.35
C ASN F 153 -3.40 5.08 23.47
N VAL F 154 -4.21 4.40 22.67
CA VAL F 154 -4.24 2.95 22.67
C VAL F 154 -4.16 2.44 21.23
N PHE F 155 -3.73 1.19 21.08
CA PHE F 155 -3.69 0.59 19.76
C PHE F 155 -4.94 -0.28 19.64
N SER F 156 -5.73 -0.06 18.60
CA SER F 156 -6.94 -0.87 18.39
C SER F 156 -6.58 -2.02 17.46
N SER F 157 -6.36 -3.18 18.05
CA SER F 157 -5.98 -4.38 17.31
C SER F 157 -7.16 -5.12 16.70
N ASP F 158 -6.93 -5.81 15.58
CA ASP F 158 -7.97 -6.60 14.93
C ASP F 158 -7.73 -8.08 15.14
N ALA F 159 -6.55 -8.43 15.66
CA ALA F 159 -6.20 -9.84 15.88
C ALA F 159 -5.67 -10.12 17.28
N PHE F 160 -6.57 -10.50 18.17
CA PHE F 160 -6.27 -10.82 19.56
C PHE F 160 -5.15 -11.85 19.70
N TYR F 161 -5.17 -12.89 18.87
CA TYR F 161 -4.16 -13.93 18.97
C TYR F 161 -2.92 -13.77 18.10
N ALA F 162 -2.58 -12.52 17.81
CA ALA F 162 -1.40 -12.18 17.03
C ALA F 162 -0.70 -11.04 17.79
N GLU F 163 -0.84 -11.05 19.12
CA GLU F 163 -0.23 -10.00 19.95
C GLU F 163 0.92 -10.57 20.79
N ASP F 164 2.04 -10.81 20.13
CA ASP F 164 3.23 -11.35 20.79
C ASP F 164 4.03 -10.27 21.53
N GLU F 165 5.23 -10.62 21.99
CA GLU F 165 6.06 -9.68 22.72
C GLU F 165 6.62 -8.54 21.87
N GLU F 166 7.05 -8.85 20.64
CA GLU F 166 7.58 -7.82 19.75
C GLU F 166 6.48 -6.78 19.60
N PHE F 167 5.24 -7.27 19.57
CA PHE F 167 4.04 -6.46 19.46
C PHE F 167 4.04 -5.40 20.56
N VAL F 168 4.28 -5.84 21.79
CA VAL F 168 4.29 -4.95 22.94
C VAL F 168 5.29 -3.80 22.84
N LYS F 169 6.54 -4.11 22.49
CA LYS F 169 7.57 -3.08 22.36
C LYS F 169 7.29 -2.13 21.19
N LYS F 170 6.75 -2.68 20.10
CA LYS F 170 6.46 -1.85 18.93
C LYS F 170 5.45 -0.76 19.29
N TRP F 171 4.29 -1.15 19.80
CA TRP F 171 3.26 -0.17 20.13
C TRP F 171 3.57 0.72 21.33
N SER F 172 4.26 0.19 22.33
CA SER F 172 4.59 1.01 23.49
C SER F 172 5.61 2.07 23.09
N SER F 173 6.47 1.75 22.12
CA SER F 173 7.48 2.72 21.68
C SER F 173 6.84 3.79 20.81
N ARG F 174 5.60 3.55 20.40
CA ARG F 174 4.87 4.50 19.55
C ARG F 174 3.87 5.37 20.34
N GLY F 175 4.00 5.38 21.67
CA GLY F 175 3.12 6.20 22.48
C GLY F 175 1.78 5.63 22.88
N ASN F 176 1.61 4.31 22.77
CA ASN F 176 0.35 3.67 23.15
C ASN F 176 0.59 2.96 24.49
N ILE F 177 -0.32 3.15 25.44
CA ILE F 177 -0.14 2.53 26.76
C ILE F 177 -1.04 1.32 26.99
N ALA F 178 -1.87 1.00 26.01
CA ALA F 178 -2.78 -0.14 26.15
C ALA F 178 -3.30 -0.60 24.79
N VAL F 179 -3.86 -1.81 24.77
CA VAL F 179 -4.42 -2.36 23.54
C VAL F 179 -5.84 -2.87 23.75
N GLU F 180 -6.71 -2.60 22.80
CA GLU F 180 -8.08 -3.07 22.84
C GLU F 180 -8.48 -3.23 21.38
N MET F 181 -9.77 -3.29 21.04
CA MET F 181 -10.13 -3.54 19.65
C MET F 181 -11.19 -2.67 18.97
N GLU F 182 -11.80 -1.74 19.72
CA GLU F 182 -12.87 -0.95 19.13
C GLU F 182 -12.72 0.57 19.06
N CYS F 183 -11.82 1.15 19.85
CA CYS F 183 -11.66 2.60 19.87
C CYS F 183 -11.42 3.31 18.55
N ALA F 184 -10.52 2.80 17.71
CA ALA F 184 -10.26 3.47 16.43
C ALA F 184 -11.54 3.56 15.58
N THR F 185 -12.30 2.48 15.53
CA THR F 185 -13.55 2.47 14.77
C THR F 185 -14.54 3.47 15.36
N LEU F 186 -14.69 3.44 16.68
CA LEU F 186 -15.60 4.36 17.38
C LEU F 186 -15.29 5.82 17.11
N PHE F 187 -14.02 6.21 17.29
CA PHE F 187 -13.60 7.61 17.10
C PHE F 187 -13.68 8.08 15.67
N THR F 188 -13.15 7.29 14.74
CA THR F 188 -13.18 7.69 13.33
C THR F 188 -14.60 7.79 12.79
N LEU F 189 -15.41 6.78 13.03
CA LEU F 189 -16.79 6.79 12.55
C LEU F 189 -17.55 7.97 13.15
N SER F 190 -17.26 8.28 14.41
CA SER F 190 -17.92 9.41 15.08
C SER F 190 -17.53 10.74 14.44
N LYS F 191 -16.26 10.90 14.09
CA LYS F 191 -15.80 12.14 13.47
C LYS F 191 -16.45 12.34 12.11
N VAL F 192 -16.66 11.23 11.40
CA VAL F 192 -17.28 11.27 10.09
C VAL F 192 -18.80 11.44 10.13
N LYS F 193 -19.44 10.78 11.11
CA LYS F 193 -20.89 10.83 11.24
C LYS F 193 -21.41 12.00 12.08
N GLY F 194 -20.52 12.61 12.85
CA GLY F 194 -20.92 13.73 13.69
C GLY F 194 -21.42 13.35 15.08
N TRP F 195 -20.92 12.23 15.60
CA TRP F 195 -21.31 11.80 16.94
C TRP F 195 -20.25 12.25 17.93
N LYS F 196 -20.66 12.44 19.19
CA LYS F 196 -19.75 12.85 20.26
C LYS F 196 -19.38 11.59 21.02
N SER F 197 -18.10 11.22 20.98
CA SER F 197 -17.64 10.00 21.63
C SER F 197 -16.41 10.10 22.51
N ALA F 198 -16.25 9.13 23.41
CA ALA F 198 -15.13 9.06 24.33
C ALA F 198 -14.98 7.61 24.83
N THR F 199 -13.91 7.32 25.56
CA THR F 199 -13.70 5.96 26.06
C THR F 199 -12.88 5.87 27.34
N VAL F 200 -13.31 4.98 28.23
CA VAL F 200 -12.59 4.71 29.47
C VAL F 200 -12.48 3.19 29.47
N LEU F 201 -11.32 2.66 29.82
CA LEU F 201 -11.10 1.22 29.84
C LEU F 201 -10.60 0.76 31.21
N VAL F 202 -11.05 -0.42 31.62
CA VAL F 202 -10.62 -1.00 32.89
C VAL F 202 -9.49 -1.98 32.54
N VAL F 203 -8.33 -1.80 33.15
CA VAL F 203 -7.18 -2.65 32.89
C VAL F 203 -7.40 -4.05 33.47
N SER F 204 -7.61 -5.04 32.59
CA SER F 204 -7.86 -6.42 33.03
C SER F 204 -6.67 -7.35 32.87
N ASP F 205 -5.57 -6.82 32.35
CA ASP F 205 -4.37 -7.61 32.15
C ASP F 205 -3.23 -6.67 31.77
N ASN F 206 -2.01 -7.14 31.89
CA ASN F 206 -0.85 -6.32 31.54
C ASN F 206 0.12 -7.18 30.72
N LEU F 207 0.20 -6.91 29.42
CA LEU F 207 1.06 -7.64 28.52
C LEU F 207 2.55 -7.41 28.78
N ALA F 208 2.87 -6.32 29.47
CA ALA F 208 4.25 -6.00 29.77
C ALA F 208 4.68 -6.60 31.11
N LYS F 209 3.71 -7.05 31.89
CA LYS F 209 3.98 -7.64 33.20
C LYS F 209 3.04 -8.83 33.42
N GLY F 210 3.45 -10.01 32.96
CA GLY F 210 2.63 -11.20 33.11
C GLY F 210 2.57 -11.77 34.51
N GLY F 211 3.35 -11.19 35.42
CA GLY F 211 3.37 -11.68 36.79
C GLY F 211 2.35 -11.07 37.73
N ILE F 212 1.38 -10.34 37.18
CA ILE F 212 0.36 -9.73 38.04
C ILE F 212 -1.03 -10.23 37.64
N TRP F 213 -1.87 -10.45 38.64
CA TRP F 213 -3.21 -10.93 38.39
C TRP F 213 -4.25 -10.29 39.30
N ILE F 214 -5.51 -10.41 38.90
CA ILE F 214 -6.61 -9.85 39.65
C ILE F 214 -7.78 -10.83 39.61
N THR F 215 -8.53 -10.91 40.70
CA THR F 215 -9.68 -11.80 40.76
C THR F 215 -10.96 -11.13 40.30
N LYS F 216 -11.89 -11.94 39.79
CA LYS F 216 -13.16 -11.43 39.29
C LYS F 216 -13.90 -10.60 40.34
N GLU F 217 -13.53 -10.77 41.60
CA GLU F 217 -14.16 -10.03 42.68
C GLU F 217 -13.66 -8.59 42.65
N GLU F 218 -12.33 -8.45 42.70
CA GLU F 218 -11.70 -7.14 42.68
C GLU F 218 -11.94 -6.43 41.35
N LEU F 219 -12.02 -7.20 40.27
CA LEU F 219 -12.25 -6.64 38.95
C LEU F 219 -13.69 -6.17 38.77
N GLU F 220 -14.62 -6.93 39.34
CA GLU F 220 -16.04 -6.57 39.25
C GLU F 220 -16.26 -5.27 40.01
N LYS F 221 -15.55 -5.14 41.12
CA LYS F 221 -15.64 -3.94 41.97
C LYS F 221 -15.09 -2.76 41.18
N SER F 222 -14.02 -3.01 40.43
CA SER F 222 -13.40 -1.98 39.61
C SER F 222 -14.35 -1.53 38.51
N VAL F 223 -14.96 -2.49 37.84
CA VAL F 223 -15.89 -2.17 36.76
C VAL F 223 -17.06 -1.34 37.31
N MET F 224 -17.59 -1.75 38.46
CA MET F 224 -18.72 -1.05 39.07
C MET F 224 -18.38 0.40 39.45
N ASP F 225 -17.28 0.61 40.17
CA ASP F 225 -16.90 1.96 40.56
C ASP F 225 -16.72 2.86 39.35
N GLY F 226 -16.06 2.33 38.32
CA GLY F 226 -15.84 3.11 37.11
C GLY F 226 -17.12 3.43 36.36
N ALA F 227 -18.06 2.49 36.34
CA ALA F 227 -19.32 2.70 35.65
C ALA F 227 -20.08 3.90 36.22
N LYS F 228 -19.96 4.12 37.53
CA LYS F 228 -20.64 5.23 38.19
C LYS F 228 -20.09 6.57 37.69
N ALA F 229 -18.77 6.64 37.58
CA ALA F 229 -18.10 7.85 37.12
C ALA F 229 -18.48 8.14 35.65
N VAL F 230 -18.57 7.08 34.85
CA VAL F 230 -18.93 7.25 33.45
C VAL F 230 -20.38 7.71 33.32
N LEU F 231 -21.27 7.07 34.06
CA LEU F 231 -22.69 7.43 34.04
C LEU F 231 -22.90 8.85 34.54
N ASP F 232 -22.07 9.27 35.51
CA ASP F 232 -22.16 10.63 36.03
C ASP F 232 -21.88 11.61 34.89
N THR F 233 -20.87 11.28 34.08
CA THR F 233 -20.48 12.11 32.96
C THR F 233 -21.54 12.13 31.86
N LEU F 234 -22.11 10.97 31.57
CA LEU F 234 -23.13 10.84 30.54
C LEU F 234 -24.43 11.57 30.89
N THR F 235 -24.62 11.86 32.16
CA THR F 235 -25.84 12.53 32.60
C THR F 235 -25.59 13.93 33.14
N SER F 236 -24.38 14.44 32.93
CA SER F 236 -24.01 15.77 33.41
C SER F 236 -24.55 16.86 32.50
S SO4 G . 21.15 21.75 -0.06
O1 SO4 G . 22.47 21.91 0.58
O2 SO4 G . 21.00 20.38 -0.60
O3 SO4 G . 20.09 22.01 0.94
O4 SO4 G . 21.02 22.73 -1.15
O5' GMP H . 21.15 18.63 5.40
C5' GMP H . 19.94 18.38 4.71
C4' GMP H . 19.94 19.18 3.41
O4' GMP H . 21.20 19.03 2.71
C3' GMP H . 18.85 18.71 2.42
O3' GMP H . 18.42 19.87 1.69
C2' GMP H . 19.60 17.72 1.51
O2' GMP H . 19.29 17.87 0.12
C1' GMP H . 21.11 17.99 1.69
N9 GMP H . 21.92 16.89 2.23
C8 GMP H . 23.32 16.93 2.31
N7 GMP H . 23.89 15.85 2.82
C5 GMP H . 22.82 15.01 3.12
C6 GMP H . 22.72 13.69 3.71
O6 GMP H . 23.75 12.95 4.09
N1 GMP H . 21.42 13.13 3.86
C2 GMP H . 20.32 13.84 3.47
N2 GMP H . 19.06 13.17 3.68
N3 GMP H . 20.31 15.10 2.91
C4 GMP H . 21.60 15.63 2.77
S SO4 I . 4.95 -24.16 -17.72
O1 SO4 I . 5.95 -25.25 -17.67
O2 SO4 I . 4.41 -23.91 -16.36
O3 SO4 I . 5.59 -22.93 -18.23
O4 SO4 I . 3.85 -24.55 -18.63
O5' GMP J . 10.35 -22.17 -15.34
C5' GMP J . 9.40 -21.13 -15.28
C4' GMP J . 8.07 -21.64 -15.83
O4' GMP J . 7.77 -22.95 -15.30
C3' GMP J . 6.88 -20.73 -15.46
O3' GMP J . 6.00 -20.69 -16.58
C2' GMP J . 6.25 -21.45 -14.24
O2' GMP J . 4.83 -21.51 -14.30
C1' GMP J . 6.80 -22.89 -14.23
N9 GMP J . 7.54 -23.30 -13.02
C8 GMP J . 7.92 -24.63 -12.79
N7 GMP J . 8.59 -24.83 -11.65
C5 GMP J . 8.67 -23.58 -11.08
C6 GMP J . 9.25 -23.05 -9.84
O6 GMP J . 9.90 -23.80 -8.95
N1 GMP J . 9.13 -21.67 -9.58
C2 GMP J . 8.48 -20.86 -10.47
N2 GMP J . 8.41 -19.46 -10.10
N3 GMP J . 7.90 -21.24 -11.65
C4 GMP J . 8.03 -22.61 -11.90
S SO4 K . 9.09 -6.37 -28.33
O1 SO4 K . 8.56 -6.10 -29.69
O2 SO4 K . 8.91 -5.18 -27.47
O3 SO4 K . 8.35 -7.52 -27.75
O4 SO4 K . 10.53 -6.69 -28.42
O5' GMP L . 2.81 -6.51 -27.84
C5' GMP L . 3.37 -6.69 -26.55
C4' GMP L . 4.90 -6.68 -26.67
O4' GMP L . 5.31 -5.63 -27.56
C3' GMP L . 5.61 -6.43 -25.34
O3' GMP L . 6.84 -7.16 -25.36
C2' GMP L . 5.86 -4.91 -25.36
O2' GMP L . 7.15 -4.53 -24.90
C1' GMP L . 5.73 -4.45 -26.82
N9 GMP L . 4.70 -3.44 -27.12
C8 GMP L . 4.60 -2.78 -28.34
N7 GMP L . 3.60 -1.90 -28.43
C5 GMP L . 2.99 -1.96 -27.20
C6 GMP L . 1.84 -1.28 -26.60
O6 GMP L . 1.10 -0.37 -27.23
N1 GMP L . 1.49 -1.61 -25.28
C2 GMP L . 2.21 -2.53 -24.59
N2 GMP L . 1.74 -2.79 -23.25
N3 GMP L . 3.30 -3.24 -25.05
C4 GMP L . 3.63 -2.91 -26.36
S SO4 M . 3.90 28.47 9.87
O1 SO4 M . 3.31 29.74 9.37
O2 SO4 M . 2.87 27.41 9.92
O3 SO4 M . 4.99 28.05 8.96
O4 SO4 M . 4.46 28.69 11.22
O5' GMP N . 2.19 28.42 3.80
C5' GMP N . 2.72 27.17 4.18
C4' GMP N . 3.11 27.23 5.66
O4' GMP N . 2.08 27.90 6.43
C3' GMP N . 3.29 25.84 6.29
O3' GMP N . 4.29 25.95 7.30
C2' GMP N . 1.89 25.57 6.92
O2' GMP N . 1.96 24.95 8.20
C1' GMP N . 1.20 26.93 7.07
N9 GMP N . -0.08 27.09 6.35
C8 GMP N . -0.90 28.22 6.50
N7 GMP N . -2.02 28.21 5.77
C5 GMP N . -1.95 26.99 5.09
C6 GMP N . -2.83 26.33 4.12
O6 GMP N . -3.99 26.83 3.68
N1 GMP N . -2.43 25.07 3.63
C2 GMP N . -1.26 24.51 4.04
N2 GMP N . -0.96 23.23 3.46
N3 GMP N . -0.37 25.05 4.94
C4 GMP N . -0.77 26.30 5.42
S SO4 O . -24.52 -14.83 10.15
O1 SO4 O . -25.99 -14.64 9.97
O2 SO4 O . -23.83 -14.66 8.87
O3 SO4 O . -24.03 -13.83 11.13
O4 SO4 O . -24.26 -16.19 10.67
O5' GMP P . -25.94 -8.85 9.49
C5' GMP P . -24.54 -9.00 9.52
C4' GMP P . -24.21 -10.48 9.66
O4' GMP P . -24.99 -11.26 8.73
C3' GMP P . -22.73 -10.80 9.38
O3' GMP P . -22.34 -11.85 10.27
C2' GMP P . -22.75 -11.29 7.91
O2' GMP P . -21.95 -12.45 7.69
C1' GMP P . -24.20 -11.65 7.58
N9 GMP P . -24.80 -10.94 6.44
C8 GMP P . -26.04 -11.30 5.87
N7 GMP P . -26.43 -10.55 4.85
C5 GMP P . -25.40 -9.63 4.70
C6 GMP P . -25.17 -8.51 3.78
O6 GMP P . -26.01 -8.15 2.81
N1 GMP P . -23.97 -7.78 3.93
C2 GMP P . -23.07 -8.09 4.91
N2 GMP P . -21.90 -7.27 4.97
N3 GMP P . -23.20 -9.12 5.82
C4 GMP P . -24.38 -9.85 5.66
S SO4 Q . -14.87 -4.96 26.11
O1 SO4 Q . -14.56 -5.60 27.40
O2 SO4 Q . -13.70 -4.19 25.64
O3 SO4 Q . -15.21 -6.01 25.12
O4 SO4 Q . -16.01 -4.04 26.28
O5' GMP R . -11.03 -9.76 24.58
C5' GMP R . -11.39 -9.05 23.42
C4' GMP R . -12.33 -7.89 23.80
O4' GMP R . -11.89 -7.29 25.04
C3' GMP R . -12.35 -6.78 22.75
O3' GMP R . -13.68 -6.24 22.72
C2' GMP R . -11.34 -5.75 23.30
O2' GMP R . -11.77 -4.39 23.18
C1' GMP R . -11.15 -6.06 24.79
N9 GMP R . -9.78 -6.36 25.22
C8 GMP R . -9.38 -6.41 26.57
N7 GMP R . -8.10 -6.70 26.78
C5 GMP R . -7.59 -6.86 25.50
C6 GMP R . -6.26 -7.18 24.97
O6 GMP R . -5.19 -7.41 25.73
N1 GMP R . -6.11 -7.26 23.57
C2 GMP R . -7.17 -7.04 22.75
N2 GMP R . -6.89 -7.16 21.34
N3 GMP R . -8.46 -6.73 23.14
C4 GMP R . -8.59 -6.66 24.52
#